data_7KAM
#
_entry.id   7KAM
#
_cell.length_a   1.00
_cell.length_b   1.00
_cell.length_c   1.00
_cell.angle_alpha   90.00
_cell.angle_beta   90.00
_cell.angle_gamma   90.00
#
_symmetry.space_group_name_H-M   'P 1'
#
loop_
_entity.id
_entity.type
_entity.pdbx_description
1 polymer 'Protein transport channel Sec61 complex, alpha subunit (Sec61)'
2 polymer 'Protein transport channel Sec61 complex, gamma subunit (Sss1)'
3 polymer 'Protein transport channel Sec61 complex, beta subunit (Sbh1)'
4 polymer 'Protein transport protein Sec63'
5 polymer 'Protein transport protein Sec66/Sec71'
6 polymer 'Protein transport protein Sec72'
7 polymer 'Protein transport protein Sec62'
#
loop_
_entity_poly.entity_id
_entity_poly.type
_entity_poly.pdbx_seq_one_letter_code
_entity_poly.pdbx_strand_id
1 'polypeptide(L)'
;MSGLRFLDLIKPFTPLLPEVAAPETKVPFNQKLMWTGLTLLIFLVMSQMPLYGIVSSDTSDPLYWLRMMLASNRGTLMEL
GITPIISSGMVFQLLAGTHLIDVNLDLKTDRELYQTAQKLFAIILSFGQACVHVLTGLYGQPSDLGAGICVLLIVQLVVA
GLVVILLDELLQKGYGLGSGISLFIATNICESIVWKAFSPTTINTGRGPEFEGAIIALFHLLLTWPDKQRALREAFYRQS
LPNIMNLLATLLVFAAVIYLQGFRVEIPVKSARQRGVRGSYPVRLFYTSNMPIMLQSALCSNVFLISQMLYSRFSDNLLV
RLLGVWEPREGSAQLHAASGIAYYMSPPLNFKEALLDPVHTVVYITFMLVACALFSKTWIEVSGSSPRDVAKQLKDQGLV
MAGHREQSMYKELKRVIPTAAAFGGACIGALSVASDLLGALGSGTGILLAVTIIYGYFEMAAREGDFGQGLRGLVPGNGS
;
A
2 'polypeptide(L)' MSEQVQELLDIPRDFLKDGMQFIHKCQKPDRKEFKKVCQAVAIGFVAMGAIGYIVKLVHIPINNILVAGS C
3 'polypeptide(L)'
;MASSGAESGSESKSPNPGAGSGPGSASGSSAGVIRPSSPTPPGGPRAAIRRRAAADHKESLRNARPSSTRAAGAGGSSGT
MLKLYTDESPGLRVDPVVVLVLSLCFIFSVVGLHVIAKITRKFSS
;
B
4 'polypeptide(L)'
;GGSGGSGGSGGSGGSMSSREYNYDENGQFFPFFVLTLTGLVTLPLTYSLLKPPKKVESTAPRIKSDFKPQHDDIIQNQKR
KRLRKERRVKRAIAVVVGWAIIGYMVYLIIVTRRTAPKIWDPYEILGISRSADERAIARRYKRLSLLYHPDKVRPDPSKN
ETMEMLNQRFVELTKAYKALTDEEIRNNYLQYGHPDGKQSYSIGIALPKLIIEEGSGKYVLMLYASLLGILLPYIVGRWW
YGSQRYTREKVLAASAGNMFREYEGTMIGGPIVNALSTGEEYKEMLSGPKAEEGLAKVEKKVLALDEKILSAKDREVLRK
IDNPVRRKALALLWAYLNRIDLEDPVLNEEKYEAGSIALSLTESFTAIALAFGNLIPIIGAYRISQCIVQAISPGSSPLL
QLPYFTPKVVESVEGADVKTHLSVQKYLDMPEERRRSLTVGPGLLTEDQYNSAIAVAKQLPLFAISKAFFKVAGERVVTP
SSLVQLVIKGRIIPPGSTGVPDVTEKDLEDIDPDEADVNAIIGRKGATKPSGKSGDENDGDRVQPPLAHAPYLPRDHPPR
WHIFLADAKQGKIAVPPFTFTTFDKPIFDEQGKPTFNMQTLRMQFQAPPQVGNFSFVLHMISDSYMGFDVKQEITLQVED
PSKAAVLQEEDDISEPDEDSIAGQMQALKTGVPPKKKKVVESDDDESDTEGDEEDTSETDTETDTDEEGSGTGENLYFQ
;
D
5 'polypeptide(L)'
;MDWLTLVVPFAYLGVLIGCLATFSSLYRRRKAAKAASLEPWFPPHLQRDIYHSLLHLDQQQQNEKKTRVPETVLKAALLR
RAAEDIKRVMAIREQKQALALLLQRGSVGDELWQRFLRAEKEMEDEVRDVVAEANSYAPNWGQVIFQSAREMDANATYRA
RMEEYQATVAEERAWWDKKRASIQEGFMKELDAEKERPATAASTATNTTSTTSDDDAVLVEAEKEGTSSPAPGKKKKKGK
KGS
;
E
6 'polypeptide(L)'
;MSSDLDTYTHYPLHLDPSSKAVSLATTEGQTPAQTEAVEAELQQLNALHRSLISLDPPNVPPPPLPINPKRSAQITKLKE
TANTAYKRGNHGEAVRLYSYAIEMAAGRPGWEPVNLAREELSGLYANRAQAHMAQQMWPEGWVDAKCSVESKPVGNAKGW
WRGGKCLVEMGRYDEARAWIEQALGIEGPASDGGKELAALLEEIKAGSQRRQGS
;
F
7 'polypeptide(L)'
;MAAPPPGMTPQQFAALQQHMQQQIAAEAAKRGMTVEEFSKMQREQLNAEAAKAGMTPEQYINQLRMRALQQRAAMQQQMQ
QQQQQGGQGQTQGQGQGQGQQGQGQPQVQHVQHVQQQVSVNPNAPPNPKAIALAKWLRSQNLKARTCILDGQRREMFKVK
RALRALESPEYQKAAAKNKLLPPVTDRASAENAFKLLPLSFLALRVSKVSSNYNKGKRVKGLWTVKVEQHQDTDPMTHYV
WLYEGPQWKQKALAAAFVIGIFAIVLFPLWPIMLRQGVWYLSVGMLGLLGLFFALAIVRLILFCVTVFVVPPGIWLFPNL
FEDVGFIDSFKPLWAWNEKKKKPKKAKAAVSKSQEKGAAPTTAAPEAPTATTTSSEAQPSSSSGTASKRNLAASVEDAEE
GS
;
G
#
# COMPACT_ATOMS: atom_id res chain seq x y z
N LEU A 9 -23.75 29.16 -8.14
CA LEU A 9 -23.79 30.59 -7.88
C LEU A 9 -22.61 31.02 -7.02
N ILE A 10 -21.82 30.05 -6.60
CA ILE A 10 -20.67 30.31 -5.73
C ILE A 10 -19.39 29.99 -6.50
N LYS A 11 -19.43 30.19 -7.82
CA LYS A 11 -18.26 29.95 -8.65
C LYS A 11 -17.08 30.86 -8.31
N PRO A 12 -17.24 32.18 -8.17
CA PRO A 12 -16.06 33.03 -7.91
C PRO A 12 -15.40 32.77 -6.57
N PHE A 13 -16.12 32.25 -5.58
CA PHE A 13 -15.52 31.95 -4.29
C PHE A 13 -14.67 30.69 -4.31
N THR A 14 -14.63 29.96 -5.43
CA THR A 14 -13.94 28.67 -5.44
C THR A 14 -12.43 28.80 -5.32
N PRO A 15 -11.74 29.63 -6.13
CA PRO A 15 -10.27 29.69 -6.01
C PRO A 15 -9.78 30.28 -4.71
N LEU A 16 -10.64 30.96 -3.94
CA LEU A 16 -10.19 31.62 -2.72
C LEU A 16 -10.08 30.65 -1.55
N LEU A 17 -11.07 29.79 -1.37
CA LEU A 17 -11.09 28.90 -0.22
C LEU A 17 -10.01 27.83 -0.36
N PRO A 18 -9.19 27.61 0.66
CA PRO A 18 -8.13 26.61 0.55
C PRO A 18 -8.65 25.21 0.82
N GLU A 19 -8.15 24.25 0.05
CA GLU A 19 -8.49 22.85 0.19
C GLU A 19 -7.22 22.02 0.21
N VAL A 20 -7.26 20.92 0.97
CA VAL A 20 -6.10 20.05 1.07
C VAL A 20 -5.90 19.30 -0.24
N ALA A 21 -4.64 19.17 -0.65
CA ALA A 21 -4.33 18.51 -1.91
C ALA A 21 -4.69 17.03 -1.85
N ALA A 22 -5.03 16.47 -3.01
CA ALA A 22 -5.36 15.06 -3.09
C ALA A 22 -4.10 14.21 -2.98
N PRO A 23 -4.24 12.96 -2.55
CA PRO A 23 -3.06 12.08 -2.51
C PRO A 23 -2.51 11.84 -3.91
N GLU A 24 -1.18 11.75 -3.99
CA GLU A 24 -0.53 11.61 -5.28
C GLU A 24 -0.93 10.31 -5.97
N THR A 25 -0.58 9.17 -5.37
CA THR A 25 -0.92 7.87 -5.93
C THR A 25 -1.86 7.09 -5.02
N LYS A 26 -1.47 6.86 -3.77
CA LYS A 26 -2.25 6.10 -2.81
C LYS A 26 -1.51 6.15 -1.48
N VAL A 27 -2.16 5.65 -0.44
CA VAL A 27 -1.55 5.61 0.89
C VAL A 27 -1.73 4.22 1.48
N PRO A 28 -0.68 3.61 2.04
CA PRO A 28 -0.83 2.31 2.69
C PRO A 28 -1.64 2.41 3.97
N PHE A 29 -1.84 1.28 4.66
CA PHE A 29 -2.61 1.30 5.88
C PHE A 29 -1.83 1.89 7.05
N ASN A 30 -0.53 1.58 7.13
CA ASN A 30 0.28 2.11 8.22
C ASN A 30 0.37 3.63 8.16
N GLN A 31 0.59 4.19 6.96
CA GLN A 31 0.67 5.64 6.83
C GLN A 31 -0.67 6.29 7.13
N LYS A 32 -1.76 5.63 6.75
CA LYS A 32 -3.09 6.17 7.06
C LYS A 32 -3.32 6.20 8.57
N LEU A 33 -2.95 5.12 9.26
CA LEU A 33 -3.09 5.08 10.71
C LEU A 33 -2.21 6.13 11.37
N MET A 34 -1.02 6.36 10.82
CA MET A 34 -0.14 7.39 11.38
C MET A 34 -0.73 8.78 11.18
N TRP A 35 -1.29 9.05 10.00
CA TRP A 35 -1.96 10.32 9.77
C TRP A 35 -3.09 10.53 10.77
N THR A 36 -3.90 9.50 10.99
CA THR A 36 -5.02 9.65 11.93
C THR A 36 -4.52 9.87 13.36
N GLY A 37 -3.55 9.07 13.80
CA GLY A 37 -3.03 9.21 15.15
C GLY A 37 -2.28 10.50 15.38
N LEU A 38 -1.75 11.12 14.33
CA LEU A 38 -1.07 12.40 14.46
C LEU A 38 -2.04 13.58 14.37
N THR A 39 -3.15 13.42 13.67
CA THR A 39 -4.13 14.49 13.60
C THR A 39 -5.13 14.46 14.75
N LEU A 40 -5.25 13.34 15.46
CA LEU A 40 -6.12 13.32 16.63
C LEU A 40 -5.44 13.92 17.86
N LEU A 41 -4.13 13.71 18.00
CA LEU A 41 -3.41 14.30 19.12
C LEU A 41 -3.46 15.82 19.08
N ILE A 42 -3.45 16.40 17.86
CA ILE A 42 -3.54 17.84 17.73
C ILE A 42 -4.90 18.33 18.24
N PHE A 43 -5.98 17.64 17.84
CA PHE A 43 -7.29 18.00 18.34
C PHE A 43 -7.36 17.92 19.86
N LEU A 44 -6.78 16.87 20.44
CA LEU A 44 -6.81 16.72 21.89
C LEU A 44 -6.05 17.86 22.58
N VAL A 45 -4.80 18.08 22.18
CA VAL A 45 -3.98 19.09 22.84
C VAL A 45 -4.58 20.48 22.66
N MET A 46 -5.25 20.72 21.53
CA MET A 46 -5.93 22.00 21.36
C MET A 46 -7.16 22.09 22.24
N SER A 47 -7.84 20.97 22.47
CA SER A 47 -9.02 20.98 23.33
C SER A 47 -8.66 21.14 24.80
N GLN A 48 -7.43 20.83 25.19
CA GLN A 48 -7.03 20.96 26.59
C GLN A 48 -6.34 22.29 26.91
N MET A 49 -6.21 23.19 25.95
CA MET A 49 -5.45 24.42 26.17
C MET A 49 -6.39 25.59 26.44
N PRO A 50 -6.08 26.44 27.41
CA PRO A 50 -6.97 27.56 27.74
C PRO A 50 -6.75 28.76 26.84
N LEU A 51 -7.83 29.51 26.63
CA LEU A 51 -7.78 30.71 25.81
C LEU A 51 -7.06 31.83 26.56
N TYR A 52 -7.02 33.00 25.94
CA TYR A 52 -6.46 34.20 26.55
C TYR A 52 -7.55 35.24 26.75
N GLY A 53 -7.40 36.03 27.81
CA GLY A 53 -8.35 37.08 28.11
C GLY A 53 -9.57 36.64 28.89
N ILE A 54 -9.68 35.37 29.25
CA ILE A 54 -10.81 34.91 30.04
C ILE A 54 -10.78 35.58 31.40
N VAL A 55 -11.90 36.19 31.80
CA VAL A 55 -11.97 36.90 33.07
C VAL A 55 -13.09 36.31 33.94
N SER A 56 -14.32 36.37 33.44
CA SER A 56 -15.49 35.96 34.22
C SER A 56 -15.70 34.46 34.04
N SER A 57 -15.25 33.69 35.02
CA SER A 57 -15.50 32.26 35.07
C SER A 57 -16.65 31.98 36.06
N ASP A 58 -16.90 30.70 36.30
CA ASP A 58 -17.97 30.26 37.20
C ASP A 58 -19.33 30.82 36.76
N THR A 59 -19.58 30.75 35.47
CA THR A 59 -20.82 31.23 34.88
C THR A 59 -21.63 30.04 34.36
N SER A 60 -22.95 30.17 34.39
CA SER A 60 -23.83 29.10 33.91
C SER A 60 -23.47 28.71 32.49
N ASP A 61 -23.49 27.40 32.23
CA ASP A 61 -23.02 26.86 30.97
C ASP A 61 -24.22 26.61 30.07
N PRO A 62 -24.45 27.42 29.04
CA PRO A 62 -25.54 27.13 28.10
C PRO A 62 -25.17 25.97 27.19
N LEU A 63 -26.19 25.29 26.68
CA LEU A 63 -26.03 24.10 25.87
C LEU A 63 -25.20 23.05 26.61
N TYR A 64 -25.50 22.85 27.89
CA TYR A 64 -24.73 21.93 28.71
C TYR A 64 -24.91 20.50 28.25
N TRP A 65 -26.16 20.07 28.02
CA TRP A 65 -26.41 18.70 27.59
C TRP A 65 -25.89 18.42 26.19
N LEU A 66 -25.57 19.46 25.43
CA LEU A 66 -25.01 19.29 24.09
C LEU A 66 -23.51 19.08 24.10
N ARG A 67 -22.83 19.43 25.20
CA ARG A 67 -21.39 19.24 25.28
C ARG A 67 -21.00 17.78 25.35
N MET A 68 -21.90 16.89 25.78
CA MET A 68 -21.60 15.46 25.75
C MET A 68 -21.65 14.92 24.33
N MET A 69 -22.58 15.44 23.51
CA MET A 69 -22.68 15.03 22.12
C MET A 69 -21.75 15.81 21.21
N LEU A 70 -21.33 17.01 21.61
CA LEU A 70 -20.48 17.87 20.80
C LEU A 70 -19.19 18.14 21.57
N ALA A 71 -18.07 17.72 21.00
CA ALA A 71 -16.77 17.86 21.68
C ALA A 71 -16.44 19.33 21.89
N SER A 72 -16.31 19.72 23.16
CA SER A 72 -15.93 21.07 23.54
C SER A 72 -15.57 21.04 25.02
N ASN A 73 -15.35 22.22 25.60
CA ASN A 73 -15.03 22.34 27.02
C ASN A 73 -15.55 23.69 27.53
N ARG A 74 -15.09 24.09 28.70
CA ARG A 74 -15.60 25.29 29.34
C ARG A 74 -15.03 26.55 28.69
N GLY A 75 -13.71 26.69 28.69
CA GLY A 75 -13.07 27.90 28.19
C GLY A 75 -11.82 27.65 27.36
N THR A 76 -11.76 26.52 26.66
CA THR A 76 -10.59 26.15 25.91
C THR A 76 -10.62 26.77 24.51
N LEU A 77 -9.60 26.45 23.70
CA LEU A 77 -9.56 26.92 22.32
C LEU A 77 -10.63 26.27 21.46
N MET A 78 -11.22 25.16 21.91
CA MET A 78 -12.18 24.41 21.13
C MET A 78 -13.63 24.69 21.52
N GLU A 79 -13.94 25.94 21.89
CA GLU A 79 -15.32 26.28 22.24
C GLU A 79 -16.24 26.11 21.04
N LEU A 80 -15.78 26.55 19.86
CA LEU A 80 -16.54 26.28 18.65
C LEU A 80 -16.63 24.78 18.38
N GLY A 81 -15.63 24.02 18.81
CA GLY A 81 -15.69 22.58 18.70
C GLY A 81 -15.82 22.14 17.25
N ILE A 82 -16.75 21.23 17.00
CA ILE A 82 -17.04 20.77 15.65
C ILE A 82 -18.46 21.16 15.23
N THR A 83 -19.07 22.12 15.94
CA THR A 83 -20.43 22.50 15.62
C THR A 83 -20.60 23.10 14.23
N PRO A 84 -19.68 23.88 13.66
CA PRO A 84 -19.90 24.37 12.30
C PRO A 84 -19.93 23.26 11.27
N ILE A 85 -19.02 22.28 11.39
CA ILE A 85 -18.97 21.18 10.42
C ILE A 85 -20.30 20.43 10.41
N ILE A 86 -20.75 19.98 11.58
CA ILE A 86 -21.97 19.21 11.65
C ILE A 86 -23.18 20.06 11.29
N SER A 87 -23.16 21.34 11.63
CA SER A 87 -24.28 22.21 11.28
C SER A 87 -24.43 22.32 9.76
N SER A 88 -23.32 22.62 9.07
CA SER A 88 -23.36 22.68 7.62
C SER A 88 -23.76 21.34 7.03
N GLY A 89 -23.23 20.24 7.57
CA GLY A 89 -23.58 18.93 7.07
C GLY A 89 -25.07 18.66 7.17
N MET A 90 -25.66 18.92 8.34
CA MET A 90 -27.08 18.66 8.53
C MET A 90 -27.93 19.57 7.65
N VAL A 91 -27.61 20.86 7.57
CA VAL A 91 -28.46 21.76 6.80
C VAL A 91 -28.39 21.40 5.32
N PHE A 92 -27.21 21.03 4.81
CA PHE A 92 -27.13 20.72 3.40
C PHE A 92 -27.66 19.33 3.08
N GLN A 93 -27.58 18.39 4.03
CA GLN A 93 -28.23 17.09 3.82
C GLN A 93 -29.75 17.25 3.81
N LEU A 94 -30.28 18.14 4.66
CA LEU A 94 -31.71 18.42 4.64
C LEU A 94 -32.10 19.09 3.32
N LEU A 95 -31.27 20.02 2.85
CA LEU A 95 -31.55 20.67 1.57
C LEU A 95 -31.53 19.66 0.42
N ALA A 96 -30.61 18.70 0.46
CA ALA A 96 -30.53 17.70 -0.61
C ALA A 96 -31.72 16.75 -0.54
N GLY A 97 -32.12 16.35 0.67
CA GLY A 97 -33.25 15.45 0.80
C GLY A 97 -34.56 16.09 0.40
N THR A 98 -34.75 17.36 0.78
CA THR A 98 -35.96 18.08 0.43
C THR A 98 -35.98 18.55 -1.03
N HIS A 99 -34.84 18.48 -1.71
CA HIS A 99 -34.73 18.77 -3.14
C HIS A 99 -35.17 20.20 -3.46
N LEU A 100 -34.40 21.16 -2.97
CA LEU A 100 -34.62 22.56 -3.29
C LEU A 100 -33.73 23.06 -4.43
N ILE A 101 -32.53 22.52 -4.58
CA ILE A 101 -31.60 22.92 -5.62
C ILE A 101 -31.33 21.73 -6.52
N ASP A 102 -30.84 22.02 -7.73
CA ASP A 102 -30.58 21.01 -8.74
C ASP A 102 -29.33 20.17 -8.46
N VAL A 103 -28.74 20.28 -7.26
CA VAL A 103 -27.53 19.55 -6.96
C VAL A 103 -27.86 18.13 -6.50
N ASN A 104 -28.13 17.26 -7.47
CA ASN A 104 -28.40 15.85 -7.22
C ASN A 104 -27.55 14.92 -8.07
N LEU A 105 -27.18 15.33 -9.28
CA LEU A 105 -26.38 14.50 -10.16
C LEU A 105 -24.99 14.27 -9.56
N ASP A 106 -24.33 13.20 -10.03
CA ASP A 106 -23.02 12.80 -9.54
C ASP A 106 -21.88 13.40 -10.35
N LEU A 107 -22.10 14.56 -10.98
CA LEU A 107 -21.03 15.20 -11.73
C LEU A 107 -19.89 15.61 -10.80
N LYS A 108 -18.68 15.61 -11.35
CA LYS A 108 -17.50 15.95 -10.55
C LYS A 108 -17.52 17.41 -10.13
N THR A 109 -17.73 18.32 -11.08
CA THR A 109 -17.74 19.74 -10.77
C THR A 109 -18.93 20.11 -9.89
N ASP A 110 -20.06 19.41 -10.03
CA ASP A 110 -21.21 19.67 -9.19
C ASP A 110 -20.90 19.37 -7.74
N ARG A 111 -20.35 18.18 -7.47
CA ARG A 111 -19.98 17.84 -6.10
C ARG A 111 -18.84 18.71 -5.58
N GLU A 112 -17.95 19.15 -6.47
CA GLU A 112 -16.87 20.05 -6.05
C GLU A 112 -17.44 21.38 -5.58
N LEU A 113 -18.35 21.97 -6.35
CA LEU A 113 -18.99 23.20 -5.93
C LEU A 113 -19.84 22.99 -4.68
N TYR A 114 -20.46 21.82 -4.54
CA TYR A 114 -21.23 21.51 -3.34
C TYR A 114 -20.35 21.51 -2.10
N GLN A 115 -19.20 20.85 -2.18
CA GLN A 115 -18.27 20.81 -1.05
C GLN A 115 -17.68 22.19 -0.78
N THR A 116 -17.42 22.97 -1.83
CA THR A 116 -16.92 24.33 -1.63
C THR A 116 -17.95 25.18 -0.90
N ALA A 117 -19.21 25.08 -1.29
CA ALA A 117 -20.27 25.81 -0.62
C ALA A 117 -20.42 25.35 0.83
N GLN A 118 -20.27 24.04 1.07
CA GLN A 118 -20.35 23.53 2.43
C GLN A 118 -19.24 24.11 3.29
N LYS A 119 -18.02 24.14 2.77
CA LYS A 119 -16.89 24.71 3.52
C LYS A 119 -17.11 26.19 3.79
N LEU A 120 -17.61 26.93 2.79
CA LEU A 120 -17.83 28.35 2.98
C LEU A 120 -18.91 28.62 4.03
N PHE A 121 -20.00 27.87 3.98
CA PHE A 121 -21.05 28.03 4.99
C PHE A 121 -20.52 27.65 6.37
N ALA A 122 -19.69 26.61 6.44
CA ALA A 122 -19.13 26.20 7.73
C ALA A 122 -18.25 27.30 8.32
N ILE A 123 -17.39 27.90 7.50
CA ILE A 123 -16.49 28.91 8.04
C ILE A 123 -17.26 30.19 8.40
N ILE A 124 -18.26 30.56 7.62
CA ILE A 124 -19.00 31.77 7.96
C ILE A 124 -19.83 31.55 9.22
N LEU A 125 -20.38 30.35 9.41
CA LEU A 125 -21.13 30.09 10.64
C LEU A 125 -20.19 29.99 11.83
N SER A 126 -18.97 29.50 11.63
CA SER A 126 -17.98 29.50 12.71
C SER A 126 -17.66 30.93 13.12
N PHE A 127 -17.46 31.82 12.15
CA PHE A 127 -17.21 33.22 12.48
C PHE A 127 -18.39 33.82 13.24
N GLY A 128 -19.62 33.53 12.79
CA GLY A 128 -20.78 34.05 13.48
C GLY A 128 -20.90 33.55 14.90
N GLN A 129 -20.64 32.25 15.11
CA GLN A 129 -20.71 31.69 16.45
C GLN A 129 -19.65 32.29 17.36
N ALA A 130 -18.43 32.48 16.84
CA ALA A 130 -17.40 33.12 17.64
C ALA A 130 -17.79 34.54 17.99
N CYS A 131 -18.34 35.29 17.03
CA CYS A 131 -18.73 36.68 17.31
C CYS A 131 -19.83 36.75 18.35
N VAL A 132 -20.84 35.87 18.25
CA VAL A 132 -21.92 35.92 19.22
C VAL A 132 -21.44 35.47 20.59
N HIS A 133 -20.53 34.49 20.64
CA HIS A 133 -20.01 34.04 21.94
C HIS A 133 -19.20 35.15 22.60
N VAL A 134 -18.46 35.93 21.82
CA VAL A 134 -17.67 37.01 22.40
C VAL A 134 -18.57 38.16 22.84
N LEU A 135 -19.46 38.61 21.96
CA LEU A 135 -20.24 39.82 22.23
C LEU A 135 -21.44 39.57 23.13
N THR A 136 -21.80 38.31 23.41
CA THR A 136 -22.88 38.04 24.35
C THR A 136 -22.46 38.28 25.79
N GLY A 137 -21.19 38.54 26.06
CA GLY A 137 -20.73 38.75 27.41
C GLY A 137 -20.58 37.46 28.20
N LEU A 138 -20.12 36.39 27.57
CA LEU A 138 -19.96 35.11 28.24
C LEU A 138 -18.61 35.01 28.94
N TYR A 139 -17.54 35.38 28.24
CA TYR A 139 -16.21 35.33 28.85
C TYR A 139 -15.98 36.50 29.80
N GLY A 140 -16.57 37.65 29.49
CA GLY A 140 -16.46 38.82 30.34
C GLY A 140 -17.49 39.86 29.98
N GLN A 141 -17.08 41.13 29.99
CA GLN A 141 -17.94 42.22 29.57
C GLN A 141 -17.18 43.07 28.56
N PRO A 142 -17.80 43.41 27.41
CA PRO A 142 -17.06 44.18 26.39
C PRO A 142 -16.53 45.50 26.91
N SER A 143 -17.31 46.20 27.74
CA SER A 143 -16.84 47.46 28.31
C SER A 143 -15.84 47.24 29.43
N ASP A 144 -15.96 46.12 30.17
CA ASP A 144 -15.05 45.86 31.27
C ASP A 144 -13.75 45.23 30.80
N LEU A 145 -13.82 44.31 29.84
CA LEU A 145 -12.61 43.64 29.35
C LEU A 145 -11.75 44.59 28.55
N GLY A 146 -12.35 45.39 27.68
CA GLY A 146 -11.64 46.34 26.85
C GLY A 146 -11.98 46.19 25.38
N ALA A 147 -11.49 47.16 24.61
CA ALA A 147 -11.72 47.21 23.17
C ALA A 147 -10.56 46.64 22.37
N GLY A 148 -9.48 46.22 23.03
CA GLY A 148 -8.35 45.64 22.33
C GLY A 148 -8.31 44.13 22.41
N ILE A 149 -8.77 43.58 23.53
CA ILE A 149 -8.74 42.13 23.72
C ILE A 149 -9.89 41.44 23.00
N CYS A 150 -10.97 42.17 22.68
CA CYS A 150 -12.11 41.53 22.03
C CYS A 150 -11.74 41.01 20.65
N VAL A 151 -11.07 41.83 19.84
CA VAL A 151 -10.69 41.39 18.51
C VAL A 151 -9.60 40.31 18.58
N LEU A 152 -8.73 40.38 19.58
CA LEU A 152 -7.73 39.34 19.77
C LEU A 152 -8.38 37.99 20.06
N LEU A 153 -9.36 37.99 20.96
CA LEU A 153 -10.05 36.73 21.26
C LEU A 153 -10.88 36.27 20.08
N ILE A 154 -11.46 37.20 19.31
CA ILE A 154 -12.19 36.84 18.10
C ILE A 154 -11.28 36.10 17.13
N VAL A 155 -10.10 36.68 16.84
CA VAL A 155 -9.22 36.05 15.87
C VAL A 155 -8.66 34.75 16.44
N GLN A 156 -8.49 34.68 17.76
CA GLN A 156 -7.98 33.45 18.38
C GLN A 156 -8.99 32.32 18.27
N LEU A 157 -10.28 32.64 18.27
CA LEU A 157 -11.28 31.60 18.05
C LEU A 157 -11.42 31.25 16.57
N VAL A 158 -11.39 32.26 15.70
CA VAL A 158 -11.59 32.00 14.28
C VAL A 158 -10.41 31.22 13.69
N VAL A 159 -9.19 31.45 14.18
CA VAL A 159 -8.06 30.68 13.67
C VAL A 159 -8.21 29.21 14.03
N ALA A 160 -8.66 28.92 15.24
CA ALA A 160 -8.88 27.52 15.63
C ALA A 160 -10.01 26.90 14.81
N GLY A 161 -11.09 27.65 14.59
CA GLY A 161 -12.16 27.14 13.74
C GLY A 161 -11.67 26.82 12.33
N LEU A 162 -10.86 27.71 11.76
CA LEU A 162 -10.29 27.45 10.43
C LEU A 162 -9.38 26.23 10.46
N VAL A 163 -8.58 26.11 11.52
CA VAL A 163 -7.67 24.96 11.63
C VAL A 163 -8.46 23.66 11.62
N VAL A 164 -9.54 23.59 12.40
CA VAL A 164 -10.27 22.32 12.47
C VAL A 164 -11.05 22.06 11.19
N ILE A 165 -11.64 23.10 10.60
CA ILE A 165 -12.41 22.87 9.38
C ILE A 165 -11.51 22.50 8.22
N LEU A 166 -10.25 22.93 8.25
CA LEU A 166 -9.32 22.53 7.20
C LEU A 166 -8.66 21.19 7.52
N LEU A 167 -8.57 20.83 8.81
CA LEU A 167 -7.99 19.56 9.21
C LEU A 167 -8.96 18.40 9.03
N ASP A 168 -10.26 18.68 8.95
CA ASP A 168 -11.21 17.61 8.69
C ASP A 168 -10.92 16.92 7.36
N GLU A 169 -10.50 17.69 6.35
CA GLU A 169 -10.18 17.08 5.06
C GLU A 169 -8.97 16.17 5.14
N LEU A 170 -8.00 16.49 6.01
CA LEU A 170 -6.84 15.63 6.18
C LEU A 170 -7.23 14.22 6.60
N LEU A 171 -8.41 14.04 7.19
CA LEU A 171 -8.94 12.73 7.48
C LEU A 171 -9.95 12.26 6.45
N GLN A 172 -10.67 13.18 5.81
CA GLN A 172 -11.75 12.80 4.90
C GLN A 172 -11.28 12.63 3.46
N LYS A 173 -10.30 13.40 3.02
CA LYS A 173 -9.89 13.38 1.61
C LYS A 173 -9.26 12.05 1.21
N GLY A 174 -8.83 11.24 2.17
CA GLY A 174 -8.22 9.97 1.84
C GLY A 174 -7.04 9.62 2.72
N TYR A 175 -6.38 10.64 3.28
CA TYR A 175 -5.26 10.39 4.18
C TYR A 175 -5.69 9.75 5.49
N GLY A 176 -6.97 9.83 5.84
CA GLY A 176 -7.48 9.23 7.05
C GLY A 176 -8.25 7.96 6.77
N LEU A 177 -8.29 7.08 7.77
CA LEU A 177 -8.95 5.79 7.59
C LEU A 177 -10.47 5.93 7.59
N GLY A 178 -11.00 6.93 8.27
CA GLY A 178 -12.43 7.17 8.32
C GLY A 178 -12.72 8.64 8.15
N SER A 179 -13.70 9.12 8.90
CA SER A 179 -14.06 10.53 8.91
C SER A 179 -13.44 11.21 10.12
N GLY A 180 -13.73 12.50 10.27
CA GLY A 180 -13.19 13.26 11.38
C GLY A 180 -14.21 13.46 12.49
N ILE A 181 -15.49 13.50 12.13
CA ILE A 181 -16.53 13.76 13.12
C ILE A 181 -16.71 12.56 14.04
N SER A 182 -16.59 11.34 13.49
CA SER A 182 -16.80 10.14 14.27
C SER A 182 -15.63 9.79 15.18
N LEU A 183 -14.60 10.62 15.24
CA LEU A 183 -13.46 10.41 16.13
C LEU A 183 -13.40 11.43 17.25
N PHE A 184 -13.66 12.70 16.96
CA PHE A 184 -13.61 13.73 17.99
C PHE A 184 -14.70 13.56 19.03
N ILE A 185 -15.74 12.78 18.71
CA ILE A 185 -16.77 12.45 19.69
C ILE A 185 -16.57 11.06 20.28
N ALA A 186 -15.88 10.16 19.59
CA ALA A 186 -15.62 8.84 20.13
C ALA A 186 -14.42 8.81 21.05
N THR A 187 -13.54 9.82 20.98
CA THR A 187 -12.41 9.86 21.91
C THR A 187 -12.77 10.47 23.25
N ASN A 188 -13.73 11.41 23.27
CA ASN A 188 -14.09 12.05 24.52
C ASN A 188 -14.81 11.10 25.46
N ILE A 189 -15.55 10.12 24.91
CA ILE A 189 -16.23 9.16 25.77
C ILE A 189 -15.23 8.24 26.46
N CYS A 190 -14.23 7.76 25.71
CA CYS A 190 -13.15 6.98 26.32
C CYS A 190 -12.39 7.82 27.33
N GLU A 191 -12.17 9.10 27.01
CA GLU A 191 -11.54 10.02 27.95
C GLU A 191 -12.32 10.09 29.25
N SER A 192 -13.64 10.26 29.15
CA SER A 192 -14.47 10.36 30.35
C SER A 192 -14.45 9.07 31.15
N ILE A 193 -14.49 7.92 30.48
CA ILE A 193 -14.45 6.65 31.20
C ILE A 193 -13.13 6.50 31.96
N VAL A 194 -12.01 6.73 31.28
CA VAL A 194 -10.72 6.51 31.93
C VAL A 194 -10.49 7.53 33.03
N TRP A 195 -10.93 8.78 32.84
CA TRP A 195 -10.78 9.77 33.89
C TRP A 195 -11.71 9.50 35.06
N LYS A 196 -12.88 8.92 34.81
CA LYS A 196 -13.77 8.53 35.88
C LYS A 196 -13.27 7.29 36.61
N ALA A 197 -12.37 6.53 35.99
CA ALA A 197 -11.81 5.32 36.60
C ALA A 197 -10.52 5.58 37.37
N PHE A 198 -9.60 6.39 36.85
CA PHE A 198 -8.32 6.65 37.48
C PHE A 198 -8.15 8.11 37.90
N SER A 199 -9.20 8.71 38.43
CA SER A 199 -9.15 10.13 38.77
C SER A 199 -8.23 10.35 39.96
N PRO A 200 -7.29 11.30 39.88
CA PRO A 200 -6.47 11.64 41.05
C PRO A 200 -7.03 12.75 41.91
N THR A 201 -8.05 13.49 41.46
CA THR A 201 -8.56 14.62 42.20
C THR A 201 -9.30 14.15 43.45
N THR A 202 -8.84 14.57 44.62
CA THR A 202 -9.50 14.21 45.86
C THR A 202 -10.62 15.20 46.15
N ILE A 203 -11.65 14.73 46.87
CA ILE A 203 -12.81 15.53 47.21
C ILE A 203 -13.03 15.36 48.72
N ASN A 204 -12.54 16.32 49.50
CA ASN A 204 -12.62 16.25 50.96
C ASN A 204 -13.95 16.82 51.40
N THR A 205 -14.97 15.96 51.47
CA THR A 205 -16.28 16.36 51.94
C THR A 205 -16.48 16.11 53.43
N GLY A 206 -15.40 16.11 54.20
CA GLY A 206 -15.48 15.83 55.62
C GLY A 206 -15.23 14.36 55.93
N ARG A 207 -14.78 14.12 57.16
CA ARG A 207 -14.48 12.78 57.65
C ARG A 207 -13.45 12.09 56.75
N GLY A 208 -12.33 12.76 56.52
CA GLY A 208 -11.25 12.24 55.72
C GLY A 208 -11.49 12.43 54.24
N PRO A 209 -10.46 12.86 53.52
CA PRO A 209 -10.59 13.04 52.08
C PRO A 209 -10.52 11.71 51.34
N GLU A 210 -11.30 11.63 50.26
CA GLU A 210 -11.39 10.43 49.44
C GLU A 210 -11.00 10.76 48.01
N PHE A 211 -10.66 9.73 47.25
CA PHE A 211 -10.28 9.89 45.85
C PHE A 211 -11.50 9.76 44.94
N GLU A 212 -11.50 10.54 43.87
CA GLU A 212 -12.59 10.45 42.90
C GLU A 212 -12.45 9.23 42.00
N GLY A 213 -11.23 8.80 41.74
CA GLY A 213 -11.02 7.62 40.93
C GLY A 213 -11.59 6.38 41.58
N ALA A 214 -11.69 5.32 40.77
CA ALA A 214 -12.23 4.06 41.27
C ALA A 214 -11.14 3.20 41.90
N ILE A 215 -10.13 2.84 41.11
CA ILE A 215 -9.07 1.97 41.62
C ILE A 215 -8.24 2.69 42.66
N ILE A 216 -7.98 3.98 42.46
CA ILE A 216 -7.26 4.76 43.47
C ILE A 216 -8.02 4.73 44.79
N ALA A 217 -9.34 4.84 44.74
CA ALA A 217 -10.13 4.81 45.97
C ALA A 217 -10.11 3.42 46.59
N LEU A 218 -10.24 2.38 45.78
CA LEU A 218 -10.21 1.01 46.31
C LEU A 218 -8.87 0.70 46.95
N PHE A 219 -7.80 1.35 46.51
CA PHE A 219 -6.50 1.15 47.14
C PHE A 219 -6.36 2.00 48.41
N HIS A 220 -6.73 3.27 48.33
CA HIS A 220 -6.58 4.18 49.46
C HIS A 220 -7.45 3.74 50.64
N LEU A 221 -8.77 3.68 50.42
CA LEU A 221 -9.70 3.30 51.48
C LEU A 221 -9.42 1.92 52.04
N LEU A 222 -8.61 1.09 51.37
CA LEU A 222 -8.22 -0.20 51.89
C LEU A 222 -6.92 -0.16 52.66
N LEU A 223 -6.01 0.76 52.30
CA LEU A 223 -4.69 0.77 52.92
C LEU A 223 -4.61 1.63 54.17
N THR A 224 -5.40 2.69 54.27
CA THR A 224 -5.31 3.62 55.40
C THR A 224 -6.61 3.69 56.19
N TRP A 225 -7.33 2.58 56.31
CA TRP A 225 -8.59 2.56 57.05
C TRP A 225 -8.66 1.28 57.87
N PRO A 226 -8.98 1.37 59.16
CA PRO A 226 -9.29 0.17 59.94
C PRO A 226 -10.68 -0.33 59.61
N ASP A 227 -11.01 -1.50 60.17
CA ASP A 227 -12.29 -2.16 59.92
C ASP A 227 -12.51 -2.41 58.43
N LYS A 228 -11.64 -3.28 57.90
CA LYS A 228 -11.59 -3.53 56.46
C LYS A 228 -12.96 -3.87 55.87
N GLN A 229 -13.85 -4.44 56.68
CA GLN A 229 -15.22 -4.66 56.21
C GLN A 229 -15.87 -3.35 55.81
N ARG A 230 -15.85 -2.36 56.71
CA ARG A 230 -16.35 -1.03 56.39
C ARG A 230 -15.44 -0.28 55.44
N ALA A 231 -14.23 -0.79 55.18
CA ALA A 231 -13.37 -0.18 54.19
C ALA A 231 -13.69 -0.64 52.78
N LEU A 232 -14.26 -1.85 52.65
CA LEU A 232 -14.69 -2.36 51.35
C LEU A 232 -16.17 -2.09 51.09
N ARG A 233 -16.98 -1.94 52.14
CA ARG A 233 -18.40 -1.69 51.94
C ARG A 233 -18.65 -0.36 51.24
N GLU A 234 -17.81 0.64 51.51
CA GLU A 234 -17.92 1.94 50.85
C GLU A 234 -16.95 2.08 49.68
N ALA A 235 -16.25 1.00 49.33
CA ALA A 235 -15.39 0.99 48.15
C ALA A 235 -15.98 0.21 46.99
N PHE A 236 -16.71 -0.87 47.26
CA PHE A 236 -17.37 -1.62 46.20
C PHE A 236 -18.56 -0.84 45.63
N TYR A 237 -19.48 -0.41 46.50
CA TYR A 237 -20.66 0.32 46.04
C TYR A 237 -20.92 1.50 46.98
N ARG A 238 -20.44 2.67 46.58
CA ARG A 238 -20.81 3.94 47.18
C ARG A 238 -21.49 4.79 46.12
N GLN A 239 -22.47 5.59 46.54
CA GLN A 239 -23.31 6.31 45.60
C GLN A 239 -22.80 7.71 45.26
N SER A 240 -21.97 8.31 46.12
CA SER A 240 -21.54 9.69 45.90
C SER A 240 -20.60 9.79 44.71
N LEU A 241 -19.59 8.94 44.65
CA LEU A 241 -18.54 8.99 43.65
C LEU A 241 -18.47 7.65 42.92
N PRO A 242 -17.84 7.61 41.74
CA PRO A 242 -17.70 6.34 41.02
C PRO A 242 -17.07 5.26 41.88
N ASN A 243 -17.51 4.03 41.68
CA ASN A 243 -17.11 2.88 42.47
C ASN A 243 -16.67 1.74 41.55
N ILE A 244 -16.47 0.56 42.13
CA ILE A 244 -16.03 -0.59 41.35
C ILE A 244 -17.21 -1.26 40.66
N MET A 245 -18.37 -1.28 41.30
CA MET A 245 -19.52 -1.97 40.73
C MET A 245 -19.96 -1.32 39.42
N ASN A 246 -19.93 0.01 39.36
CA ASN A 246 -20.27 0.68 38.10
C ASN A 246 -19.28 0.34 37.00
N LEU A 247 -17.99 0.25 37.35
CA LEU A 247 -17.00 -0.13 36.35
C LEU A 247 -17.25 -1.54 35.83
N LEU A 248 -17.57 -2.47 36.73
CA LEU A 248 -17.84 -3.84 36.30
C LEU A 248 -19.11 -3.91 35.46
N ALA A 249 -20.12 -3.11 35.79
CA ALA A 249 -21.33 -3.07 34.97
C ALA A 249 -21.05 -2.50 33.59
N THR A 250 -20.18 -1.48 33.51
CA THR A 250 -19.79 -0.96 32.20
C THR A 250 -19.06 -2.02 31.40
N LEU A 251 -18.16 -2.77 32.05
CA LEU A 251 -17.47 -3.87 31.36
C LEU A 251 -18.46 -4.90 30.85
N LEU A 252 -19.47 -5.22 31.65
CA LEU A 252 -20.46 -6.22 31.23
C LEU A 252 -21.27 -5.71 30.04
N VAL A 253 -21.72 -4.46 30.08
CA VAL A 253 -22.47 -3.89 28.96
C VAL A 253 -21.60 -3.87 27.71
N PHE A 254 -20.31 -3.57 27.87
CA PHE A 254 -19.40 -3.57 26.74
C PHE A 254 -19.30 -4.95 26.11
N ALA A 255 -19.08 -5.98 26.93
CA ALA A 255 -19.00 -7.34 26.40
C ALA A 255 -20.31 -7.74 25.73
N ALA A 256 -21.44 -7.40 26.35
CA ALA A 256 -22.73 -7.78 25.79
C ALA A 256 -22.98 -7.13 24.45
N VAL A 257 -22.65 -5.84 24.31
CA VAL A 257 -22.91 -5.17 23.04
C VAL A 257 -21.92 -5.65 21.98
N ILE A 258 -20.69 -5.99 22.36
CA ILE A 258 -19.76 -6.56 21.39
C ILE A 258 -20.29 -7.89 20.88
N TYR A 259 -20.78 -8.75 21.78
CA TYR A 259 -21.32 -10.04 21.35
C TYR A 259 -22.58 -9.87 20.52
N LEU A 260 -23.42 -8.89 20.87
CA LEU A 260 -24.70 -8.72 20.19
C LEU A 260 -24.57 -8.01 18.85
N GLN A 261 -23.49 -7.27 18.62
CA GLN A 261 -23.29 -6.63 17.33
C GLN A 261 -23.15 -7.65 16.21
N GLY A 262 -22.66 -8.85 16.54
CA GLY A 262 -22.32 -9.82 15.52
C GLY A 262 -23.47 -10.62 14.95
N PHE A 263 -24.68 -10.49 15.49
CA PHE A 263 -25.80 -11.26 14.95
C PHE A 263 -26.11 -10.80 13.53
N ARG A 264 -26.06 -11.74 12.59
CA ARG A 264 -26.33 -11.47 11.18
C ARG A 264 -27.04 -12.66 10.58
N VAL A 265 -27.98 -12.40 9.68
CA VAL A 265 -28.72 -13.45 9.00
C VAL A 265 -28.28 -13.52 7.55
N GLU A 266 -27.31 -14.37 7.26
CA GLU A 266 -26.82 -14.50 5.90
C GLU A 266 -27.91 -15.08 5.00
N ILE A 267 -27.92 -14.64 3.75
CA ILE A 267 -28.87 -15.11 2.74
C ILE A 267 -28.08 -15.62 1.56
N PRO A 268 -28.36 -16.81 1.03
CA PRO A 268 -27.58 -17.32 -0.10
C PRO A 268 -27.90 -16.56 -1.38
N VAL A 269 -26.86 -16.30 -2.17
CA VAL A 269 -27.00 -15.57 -3.42
C VAL A 269 -25.88 -15.97 -4.35
N LYS A 270 -26.22 -16.19 -5.62
CA LYS A 270 -25.26 -16.51 -6.67
C LYS A 270 -25.48 -15.58 -7.84
N SER A 271 -24.38 -15.12 -8.44
CA SER A 271 -24.48 -14.19 -9.54
C SER A 271 -25.00 -14.88 -10.79
N ALA A 272 -25.48 -14.07 -11.74
CA ALA A 272 -25.99 -14.56 -13.00
C ALA A 272 -25.25 -14.04 -14.21
N ARG A 273 -24.47 -12.97 -14.08
CA ARG A 273 -23.67 -12.48 -15.19
C ARG A 273 -22.48 -13.40 -15.44
N GLN A 274 -21.73 -13.72 -14.38
CA GLN A 274 -20.64 -14.69 -14.43
C GLN A 274 -21.08 -15.91 -13.63
N ARG A 275 -21.39 -17.00 -14.32
CA ARG A 275 -21.91 -18.18 -13.67
C ARG A 275 -20.91 -18.74 -12.65
N GLY A 276 -21.44 -19.46 -11.67
CA GLY A 276 -20.62 -20.17 -10.71
C GLY A 276 -20.28 -19.46 -9.41
N VAL A 277 -19.87 -18.19 -9.49
CA VAL A 277 -19.41 -17.49 -8.30
C VAL A 277 -20.55 -17.38 -7.29
N ARG A 278 -20.25 -17.72 -6.03
CA ARG A 278 -21.22 -17.69 -4.96
C ARG A 278 -21.00 -16.45 -4.08
N GLY A 279 -21.72 -16.39 -2.96
CA GLY A 279 -21.57 -15.27 -2.06
C GLY A 279 -22.65 -15.31 -1.01
N SER A 280 -22.69 -14.23 -0.21
CA SER A 280 -23.67 -14.10 0.84
C SER A 280 -23.92 -12.61 1.09
N TYR A 281 -25.15 -12.29 1.49
CA TYR A 281 -25.54 -10.91 1.79
C TYR A 281 -25.95 -10.82 3.25
N PRO A 282 -25.16 -10.20 4.12
CA PRO A 282 -25.52 -10.13 5.54
C PRO A 282 -26.44 -8.96 5.85
N VAL A 283 -27.35 -9.18 6.81
CA VAL A 283 -28.24 -8.15 7.32
C VAL A 283 -28.19 -8.24 8.85
N ARG A 284 -27.39 -7.39 9.47
CA ARG A 284 -27.14 -7.50 10.89
C ARG A 284 -28.38 -7.20 11.71
N LEU A 285 -28.42 -7.76 12.93
CA LEU A 285 -29.49 -7.45 13.86
C LEU A 285 -29.49 -5.99 14.28
N PHE A 286 -28.35 -5.32 14.12
CA PHE A 286 -28.22 -3.89 14.42
C PHE A 286 -28.35 -3.04 13.16
N TYR A 287 -29.24 -3.45 12.25
CA TYR A 287 -29.51 -2.67 11.04
C TYR A 287 -29.73 -1.21 11.38
N THR A 288 -29.10 -0.33 10.60
CA THR A 288 -28.98 1.09 10.93
C THR A 288 -28.37 1.25 12.32
N SER A 289 -27.13 0.79 12.43
CA SER A 289 -26.46 0.71 13.73
C SER A 289 -26.28 2.09 14.34
N ASN A 290 -26.71 2.22 15.60
CA ASN A 290 -26.50 3.42 16.41
C ASN A 290 -27.18 4.65 15.82
N MET A 291 -28.06 4.47 14.85
CA MET A 291 -28.86 5.58 14.34
C MET A 291 -30.09 5.86 15.21
N PRO A 292 -30.88 4.85 15.61
CA PRO A 292 -32.07 5.15 16.41
C PRO A 292 -31.76 5.73 17.77
N ILE A 293 -30.77 5.18 18.47
CA ILE A 293 -30.42 5.72 19.78
C ILE A 293 -29.84 7.13 19.64
N MET A 294 -29.11 7.38 18.55
CA MET A 294 -28.62 8.73 18.30
C MET A 294 -29.76 9.71 18.08
N LEU A 295 -30.75 9.33 17.28
CA LEU A 295 -31.89 10.21 17.05
C LEU A 295 -32.66 10.44 18.35
N GLN A 296 -32.84 9.39 19.15
CA GLN A 296 -33.58 9.54 20.40
C GLN A 296 -32.83 10.45 21.37
N SER A 297 -31.51 10.30 21.45
CA SER A 297 -30.73 11.17 22.32
C SER A 297 -30.78 12.62 21.85
N ALA A 298 -30.73 12.84 20.54
CA ALA A 298 -30.84 14.19 20.02
C ALA A 298 -32.19 14.81 20.36
N LEU A 299 -33.27 14.04 20.17
CA LEU A 299 -34.60 14.56 20.48
C LEU A 299 -34.73 14.86 21.97
N CYS A 300 -34.23 13.96 22.82
CA CYS A 300 -34.30 14.17 24.27
C CYS A 300 -33.52 15.42 24.67
N SER A 301 -32.31 15.59 24.14
CA SER A 301 -31.52 16.77 24.46
C SER A 301 -32.21 18.04 23.99
N ASN A 302 -32.80 18.01 22.80
CA ASN A 302 -33.48 19.19 22.28
C ASN A 302 -34.67 19.58 23.14
N VAL A 303 -35.52 18.59 23.49
CA VAL A 303 -36.69 18.91 24.29
C VAL A 303 -36.28 19.32 25.70
N PHE A 304 -35.19 18.76 26.24
CA PHE A 304 -34.73 19.17 27.56
C PHE A 304 -34.24 20.61 27.54
N LEU A 305 -33.46 20.97 26.52
CA LEU A 305 -32.98 22.34 26.40
C LEU A 305 -34.15 23.31 26.24
N ILE A 306 -35.14 22.94 25.45
CA ILE A 306 -36.31 23.81 25.26
C ILE A 306 -37.05 24.00 26.57
N SER A 307 -37.31 22.90 27.28
CA SER A 307 -38.03 22.99 28.55
C SER A 307 -37.26 23.82 29.57
N GLN A 308 -35.93 23.64 29.64
CA GLN A 308 -35.15 24.40 30.60
C GLN A 308 -35.14 25.89 30.26
N MET A 309 -34.97 26.22 28.98
CA MET A 309 -34.96 27.62 28.58
C MET A 309 -36.32 28.27 28.76
N LEU A 310 -37.40 27.49 28.68
CA LEU A 310 -38.73 28.05 28.91
C LEU A 310 -38.98 28.23 30.40
N TYR A 311 -38.53 27.28 31.23
CA TYR A 311 -38.72 27.37 32.67
C TYR A 311 -37.84 28.43 33.31
N SER A 312 -36.70 28.75 32.68
CA SER A 312 -35.84 29.81 33.22
C SER A 312 -36.49 31.18 33.16
N ARG A 313 -37.52 31.36 32.33
CA ARG A 313 -38.19 32.64 32.17
C ARG A 313 -39.62 32.62 32.64
N PHE A 314 -40.43 31.67 32.18
CA PHE A 314 -41.87 31.64 32.45
C PHE A 314 -42.22 30.59 33.49
N SER A 315 -41.38 30.46 34.53
CA SER A 315 -41.61 29.44 35.55
C SER A 315 -42.98 29.60 36.22
N ASP A 316 -43.48 30.84 36.30
CA ASP A 316 -44.79 31.09 36.90
C ASP A 316 -45.85 30.99 35.80
N ASN A 317 -46.16 29.74 35.42
CA ASN A 317 -47.16 29.48 34.40
C ASN A 317 -47.65 28.04 34.57
N LEU A 318 -48.78 27.75 33.92
CA LEU A 318 -49.39 26.43 34.05
C LEU A 318 -48.75 25.43 33.10
N LEU A 319 -48.76 25.73 31.79
CA LEU A 319 -48.19 24.80 30.82
C LEU A 319 -46.69 24.63 31.01
N VAL A 320 -45.99 25.68 31.45
CA VAL A 320 -44.57 25.56 31.71
C VAL A 320 -44.32 24.64 32.90
N ARG A 321 -45.14 24.78 33.95
CA ARG A 321 -44.98 23.90 35.11
C ARG A 321 -45.34 22.46 34.77
N LEU A 322 -46.28 22.25 33.86
CA LEU A 322 -46.62 20.90 33.42
C LEU A 322 -45.57 20.32 32.47
N LEU A 323 -44.83 21.17 31.76
CA LEU A 323 -43.81 20.68 30.85
C LEU A 323 -42.64 20.07 31.59
N GLY A 324 -42.05 20.83 32.52
CA GLY A 324 -40.92 20.34 33.30
C GLY A 324 -40.45 21.32 34.35
N VAL A 325 -40.17 20.81 35.55
CA VAL A 325 -39.69 21.63 36.66
C VAL A 325 -38.27 21.20 36.97
N TRP A 326 -37.35 22.17 36.95
CA TRP A 326 -35.94 21.90 37.18
C TRP A 326 -35.53 22.33 38.58
N GLU A 327 -34.52 21.65 39.13
CA GLU A 327 -34.01 21.94 40.46
C GLU A 327 -32.65 21.28 40.64
N PRO A 328 -31.74 21.88 41.42
CA PRO A 328 -30.42 21.30 41.66
C PRO A 328 -30.46 20.07 42.56
N LEU A 335 -31.20 22.16 37.70
CA LEU A 335 -30.14 21.47 36.98
C LEU A 335 -30.58 20.05 36.62
N HIS A 336 -31.66 19.59 37.26
CA HIS A 336 -32.21 18.26 37.01
C HIS A 336 -33.72 18.35 37.07
N ALA A 337 -34.38 17.94 36.00
CA ALA A 337 -35.84 18.02 35.94
C ALA A 337 -36.48 17.03 36.90
N ALA A 338 -37.65 17.40 37.41
CA ALA A 338 -38.38 16.56 38.35
C ALA A 338 -39.87 16.90 38.27
N SER A 339 -40.70 15.87 38.33
CA SER A 339 -42.16 16.01 38.30
C SER A 339 -42.62 16.79 37.06
N GLY A 340 -42.36 16.21 35.90
CA GLY A 340 -42.76 16.83 34.65
C GLY A 340 -42.58 15.87 33.50
N ILE A 341 -42.92 16.34 32.30
CA ILE A 341 -42.75 15.54 31.10
C ILE A 341 -41.27 15.27 30.85
N ALA A 342 -40.43 16.30 31.00
CA ALA A 342 -38.99 16.10 30.89
C ALA A 342 -38.48 15.17 31.96
N TYR A 343 -39.12 15.14 33.13
CA TYR A 343 -38.73 14.21 34.18
C TYR A 343 -39.01 12.77 33.77
N TYR A 344 -40.18 12.53 33.17
CA TYR A 344 -40.48 11.19 32.66
C TYR A 344 -39.54 10.82 31.52
N MET A 345 -39.18 11.79 30.67
CA MET A 345 -38.20 11.54 29.63
C MET A 345 -36.79 11.40 30.20
N SER A 346 -36.54 11.90 31.39
CA SER A 346 -35.22 11.77 31.98
C SER A 346 -35.00 10.34 32.48
N PRO A 347 -33.80 9.79 32.31
CA PRO A 347 -33.54 8.42 32.77
C PRO A 347 -33.46 8.38 34.28
N PRO A 348 -33.74 7.23 34.89
CA PRO A 348 -33.59 7.11 36.34
C PRO A 348 -32.13 7.25 36.76
N LEU A 349 -31.94 7.80 37.96
CA LEU A 349 -30.59 8.07 38.44
C LEU A 349 -29.87 6.78 38.80
N ASN A 350 -30.39 6.03 39.76
CA ASN A 350 -29.76 4.81 40.23
C ASN A 350 -30.86 3.77 40.47
N PHE A 351 -30.48 2.67 41.13
CA PHE A 351 -31.44 1.58 41.34
C PHE A 351 -32.50 1.97 42.35
N LYS A 352 -32.11 2.62 43.45
CA LYS A 352 -33.09 3.04 44.44
C LYS A 352 -34.01 4.12 43.88
N GLU A 353 -33.45 5.03 43.08
CA GLU A 353 -34.28 6.05 42.43
C GLU A 353 -35.30 5.42 41.50
N ALA A 354 -34.97 4.29 40.90
CA ALA A 354 -35.93 3.58 40.06
C ALA A 354 -36.95 2.82 40.91
N LEU A 355 -36.52 2.29 42.05
CA LEU A 355 -37.41 1.51 42.90
C LEU A 355 -38.40 2.37 43.67
N LEU A 356 -38.09 3.65 43.90
CA LEU A 356 -39.01 4.48 44.66
C LEU A 356 -40.25 4.86 43.86
N ASP A 357 -40.14 4.93 42.53
CA ASP A 357 -41.26 5.29 41.67
C ASP A 357 -41.36 4.30 40.52
N PRO A 358 -42.27 3.32 40.59
CA PRO A 358 -42.33 2.32 39.52
C PRO A 358 -42.93 2.86 38.23
N VAL A 359 -43.92 3.76 38.32
CA VAL A 359 -44.58 4.24 37.12
C VAL A 359 -43.61 4.99 36.22
N HIS A 360 -42.67 5.73 36.83
CA HIS A 360 -41.67 6.44 36.03
C HIS A 360 -40.81 5.48 35.24
N THR A 361 -40.32 4.42 35.89
CA THR A 361 -39.49 3.45 35.19
C THR A 361 -40.28 2.73 34.09
N VAL A 362 -41.54 2.40 34.37
CA VAL A 362 -42.35 1.71 33.38
C VAL A 362 -42.55 2.58 32.14
N VAL A 363 -42.96 3.84 32.35
CA VAL A 363 -43.22 4.70 31.20
C VAL A 363 -41.93 5.00 30.46
N TYR A 364 -40.80 5.12 31.18
CA TYR A 364 -39.54 5.38 30.50
C TYR A 364 -39.11 4.19 29.66
N ILE A 365 -39.23 2.98 30.20
CA ILE A 365 -38.92 1.78 29.43
C ILE A 365 -39.75 1.72 28.15
N THR A 366 -41.07 1.90 28.31
CA THR A 366 -41.95 1.80 27.15
C THR A 366 -41.63 2.88 26.11
N PHE A 367 -41.42 4.11 26.57
CA PHE A 367 -41.12 5.20 25.64
C PHE A 367 -39.81 4.94 24.91
N MET A 368 -38.77 4.52 25.64
CA MET A 368 -37.48 4.24 25.00
C MET A 368 -37.63 3.17 23.93
N LEU A 369 -38.25 2.04 24.27
CA LEU A 369 -38.39 0.97 23.30
C LEU A 369 -39.17 1.42 22.08
N VAL A 370 -40.34 2.02 22.28
CA VAL A 370 -41.19 2.40 21.16
C VAL A 370 -40.49 3.45 20.30
N ALA A 371 -39.86 4.44 20.92
CA ALA A 371 -39.22 5.51 20.17
C ALA A 371 -38.06 4.99 19.34
N CYS A 372 -37.21 4.14 19.93
CA CYS A 372 -36.10 3.59 19.18
C CYS A 372 -36.58 2.75 18.01
N ALA A 373 -37.57 1.88 18.25
CA ALA A 373 -38.07 1.02 17.18
C ALA A 373 -38.66 1.84 16.04
N LEU A 374 -39.53 2.81 16.37
CA LEU A 374 -40.18 3.58 15.33
C LEU A 374 -39.20 4.48 14.59
N PHE A 375 -38.19 5.01 15.29
CA PHE A 375 -37.19 5.82 14.62
C PHE A 375 -36.37 4.97 13.65
N SER A 376 -36.01 3.76 14.04
CA SER A 376 -35.33 2.88 13.10
C SER A 376 -36.20 2.58 11.89
N LYS A 377 -37.50 2.31 12.13
CA LYS A 377 -38.39 1.96 11.04
C LYS A 377 -38.57 3.11 10.05
N THR A 378 -38.64 4.34 10.55
CA THR A 378 -38.79 5.47 9.65
C THR A 378 -37.48 5.95 9.06
N TRP A 379 -36.34 5.58 9.66
CA TRP A 379 -35.06 5.95 9.09
C TRP A 379 -34.61 4.97 8.00
N ILE A 380 -35.06 3.72 8.08
CA ILE A 380 -34.68 2.74 7.06
C ILE A 380 -35.23 3.12 5.70
N GLU A 381 -36.25 3.98 5.64
CA GLU A 381 -36.81 4.43 4.37
C GLU A 381 -36.08 5.65 3.82
N VAL A 382 -35.63 6.55 4.70
CA VAL A 382 -34.94 7.75 4.24
C VAL A 382 -33.50 7.43 3.87
N SER A 383 -32.87 6.51 4.60
CA SER A 383 -31.46 6.21 4.34
C SER A 383 -31.27 5.56 2.97
N GLY A 384 -32.29 4.91 2.43
CA GLY A 384 -32.20 4.26 1.14
C GLY A 384 -31.94 2.78 1.17
N SER A 385 -31.98 2.14 2.35
CA SER A 385 -31.74 0.71 2.47
C SER A 385 -33.05 -0.08 2.57
N SER A 386 -34.13 0.44 1.99
CA SER A 386 -35.41 -0.22 2.05
C SER A 386 -35.42 -1.45 1.13
N PRO A 387 -36.31 -2.40 1.38
CA PRO A 387 -36.37 -3.59 0.49
C PRO A 387 -36.58 -3.24 -0.96
N ARG A 388 -37.54 -2.36 -1.26
CA ARG A 388 -37.79 -1.96 -2.64
C ARG A 388 -36.59 -1.30 -3.29
N ASP A 389 -35.63 -0.83 -2.48
CA ASP A 389 -34.43 -0.20 -2.99
C ASP A 389 -33.26 -1.19 -3.09
N VAL A 390 -33.04 -1.98 -2.03
CA VAL A 390 -31.92 -2.91 -2.05
C VAL A 390 -32.16 -4.04 -3.04
N ALA A 391 -33.42 -4.47 -3.21
CA ALA A 391 -33.72 -5.49 -4.21
C ALA A 391 -33.45 -4.97 -5.62
N LYS A 392 -33.84 -3.73 -5.89
CA LYS A 392 -33.55 -3.13 -7.19
C LYS A 392 -32.04 -2.98 -7.41
N GLN A 393 -31.32 -2.60 -6.36
CA GLN A 393 -29.87 -2.48 -6.47
C GLN A 393 -29.22 -3.83 -6.78
N LEU A 394 -29.69 -4.89 -6.12
CA LEU A 394 -29.14 -6.22 -6.39
C LEU A 394 -29.50 -6.68 -7.81
N LYS A 395 -30.72 -6.39 -8.26
CA LYS A 395 -31.11 -6.74 -9.62
C LYS A 395 -30.25 -6.01 -10.64
N ASP A 396 -29.90 -4.75 -10.34
CA ASP A 396 -29.03 -4.00 -11.24
C ASP A 396 -27.61 -4.56 -11.21
N GLN A 397 -27.13 -4.98 -10.04
CA GLN A 397 -25.80 -5.54 -9.95
C GLN A 397 -25.71 -6.93 -10.58
N GLY A 398 -26.85 -7.60 -10.76
CA GLY A 398 -26.89 -8.89 -11.42
C GLY A 398 -27.09 -10.08 -10.51
N LEU A 399 -27.08 -9.87 -9.19
CA LEU A 399 -27.21 -10.99 -8.27
C LEU A 399 -28.65 -11.48 -8.22
N VAL A 400 -28.83 -12.79 -8.26
CA VAL A 400 -30.14 -13.41 -8.19
C VAL A 400 -30.13 -14.41 -7.05
N MET A 401 -31.31 -14.63 -6.46
CA MET A 401 -31.42 -15.54 -5.33
C MET A 401 -31.06 -16.97 -5.74
N ALA A 402 -30.21 -17.60 -4.95
CA ALA A 402 -29.81 -18.98 -5.20
C ALA A 402 -30.80 -19.95 -4.58
N GLY A 403 -32.09 -19.79 -4.89
CA GLY A 403 -33.13 -20.62 -4.33
C GLY A 403 -33.18 -21.99 -4.97
N HIS A 404 -34.25 -22.72 -4.64
CA HIS A 404 -34.43 -24.06 -5.18
C HIS A 404 -34.78 -24.01 -6.67
N ARG A 405 -35.92 -23.40 -6.99
CA ARG A 405 -36.38 -23.26 -8.37
C ARG A 405 -36.76 -21.81 -8.62
N GLU A 406 -35.76 -20.99 -8.97
CA GLU A 406 -35.95 -19.58 -9.33
C GLU A 406 -36.76 -18.83 -8.27
N GLN A 407 -36.35 -18.99 -7.02
CA GLN A 407 -36.99 -18.27 -5.92
C GLN A 407 -36.72 -16.78 -6.06
N SER A 408 -37.78 -15.98 -5.92
CA SER A 408 -37.65 -14.55 -6.09
C SER A 408 -36.85 -13.94 -4.94
N MET A 409 -36.31 -12.75 -5.19
CA MET A 409 -35.48 -12.06 -4.19
C MET A 409 -36.29 -11.04 -3.38
N TYR A 410 -37.18 -10.30 -4.05
CA TYR A 410 -37.91 -9.24 -3.36
C TYR A 410 -38.75 -9.79 -2.22
N LYS A 411 -39.38 -10.96 -2.41
CA LYS A 411 -40.26 -11.50 -1.39
C LYS A 411 -39.50 -11.80 -0.10
N GLU A 412 -38.43 -12.61 -0.21
CA GLU A 412 -37.66 -12.94 0.98
C GLU A 412 -36.99 -11.70 1.59
N LEU A 413 -36.53 -10.79 0.74
CA LEU A 413 -35.86 -9.61 1.25
C LEU A 413 -36.81 -8.71 2.03
N LYS A 414 -38.04 -8.52 1.52
CA LYS A 414 -39.04 -7.74 2.23
C LYS A 414 -39.65 -8.49 3.40
N ARG A 415 -39.47 -9.81 3.45
CA ARG A 415 -39.87 -10.55 4.63
C ARG A 415 -38.83 -10.47 5.74
N VAL A 416 -37.56 -10.27 5.38
CA VAL A 416 -36.50 -10.27 6.38
C VAL A 416 -36.18 -8.86 6.88
N ILE A 417 -36.12 -7.87 5.99
CA ILE A 417 -35.58 -6.55 6.37
C ILE A 417 -36.43 -5.83 7.42
N PRO A 418 -37.74 -5.65 7.23
CA PRO A 418 -38.49 -4.84 8.21
C PRO A 418 -38.48 -5.42 9.62
N THR A 419 -38.60 -6.75 9.75
CA THR A 419 -38.50 -7.36 11.06
C THR A 419 -37.15 -7.09 11.68
N ALA A 420 -36.08 -7.23 10.89
CA ALA A 420 -34.74 -6.96 11.41
C ALA A 420 -34.61 -5.53 11.93
N ALA A 421 -35.13 -4.56 11.17
CA ALA A 421 -35.02 -3.17 11.59
C ALA A 421 -35.84 -2.90 12.85
N ALA A 422 -37.10 -3.29 12.84
CA ALA A 422 -37.99 -3.03 13.97
C ALA A 422 -37.62 -3.82 15.21
N PHE A 423 -36.79 -4.85 15.07
CA PHE A 423 -36.29 -5.55 16.23
C PHE A 423 -34.96 -4.97 16.71
N GLY A 424 -34.10 -4.55 15.79
CA GLY A 424 -32.83 -3.96 16.19
C GLY A 424 -33.02 -2.63 16.89
N GLY A 425 -34.00 -1.84 16.46
CA GLY A 425 -34.28 -0.60 17.17
C GLY A 425 -34.62 -0.83 18.63
N ALA A 426 -35.60 -1.70 18.88
CA ALA A 426 -35.99 -2.01 20.26
C ALA A 426 -34.85 -2.66 21.03
N CYS A 427 -34.03 -3.47 20.35
CA CYS A 427 -32.92 -4.14 21.04
C CYS A 427 -31.88 -3.14 21.52
N ILE A 428 -31.49 -2.20 20.65
CA ILE A 428 -30.49 -1.22 21.07
C ILE A 428 -31.08 -0.25 22.10
N GLY A 429 -32.37 0.06 21.98
CA GLY A 429 -33.00 0.85 23.02
C GLY A 429 -32.98 0.15 24.38
N ALA A 430 -33.27 -1.15 24.38
CA ALA A 430 -33.24 -1.91 25.63
C ALA A 430 -31.82 -1.98 26.19
N LEU A 431 -30.81 -2.14 25.32
CA LEU A 431 -29.44 -2.12 25.81
C LEU A 431 -29.10 -0.79 26.47
N SER A 432 -29.48 0.31 25.82
CA SER A 432 -29.18 1.62 26.41
C SER A 432 -29.88 1.80 27.74
N VAL A 433 -31.16 1.43 27.82
CA VAL A 433 -31.89 1.64 29.07
C VAL A 433 -31.38 0.71 30.16
N ALA A 434 -30.92 -0.49 29.81
CA ALA A 434 -30.36 -1.39 30.81
C ALA A 434 -29.02 -0.89 31.31
N SER A 435 -28.19 -0.35 30.42
CA SER A 435 -26.92 0.23 30.84
C SER A 435 -27.13 1.46 31.70
N ASP A 436 -28.20 2.22 31.45
CA ASP A 436 -28.48 3.39 32.27
C ASP A 436 -29.03 2.99 33.63
N LEU A 437 -29.91 1.99 33.67
CA LEU A 437 -30.53 1.61 34.93
C LEU A 437 -29.55 0.85 35.83
N LEU A 438 -28.69 0.02 35.23
CA LEU A 438 -27.72 -0.74 36.01
C LEU A 438 -26.67 0.16 36.67
N GLY A 439 -26.45 1.35 36.13
CA GLY A 439 -25.48 2.27 36.67
C GLY A 439 -24.12 2.24 36.03
N ALA A 440 -24.04 1.93 34.74
CA ALA A 440 -22.75 1.90 34.07
C ALA A 440 -22.16 3.31 33.96
N LEU A 441 -20.83 3.37 33.99
CA LEU A 441 -20.14 4.65 33.92
C LEU A 441 -20.40 5.32 32.57
N GLY A 442 -20.80 6.58 32.62
CA GLY A 442 -21.24 7.28 31.42
C GLY A 442 -22.61 6.82 31.00
N SER A 443 -23.36 7.69 30.32
CA SER A 443 -24.68 7.31 29.85
C SER A 443 -24.58 6.19 28.83
N GLY A 444 -25.66 5.41 28.71
CA GLY A 444 -25.67 4.32 27.76
C GLY A 444 -25.39 4.77 26.33
N THR A 445 -25.83 5.99 25.99
CA THR A 445 -25.54 6.52 24.66
C THR A 445 -24.05 6.63 24.41
N GLY A 446 -23.30 7.10 25.41
CA GLY A 446 -21.86 7.22 25.24
C GLY A 446 -21.18 5.87 25.03
N ILE A 447 -21.57 4.89 25.84
CA ILE A 447 -20.98 3.55 25.69
C ILE A 447 -21.32 2.97 24.33
N LEU A 448 -22.57 3.12 23.90
CA LEU A 448 -22.97 2.57 22.61
C LEU A 448 -22.23 3.23 21.46
N LEU A 449 -22.07 4.56 21.51
CA LEU A 449 -21.30 5.25 20.48
C LEU A 449 -19.85 4.76 20.47
N ALA A 450 -19.22 4.71 21.65
CA ALA A 450 -17.81 4.35 21.74
C ALA A 450 -17.59 2.91 21.28
N VAL A 451 -18.57 2.03 21.46
CA VAL A 451 -18.41 0.66 20.99
C VAL A 451 -18.66 0.57 19.49
N THR A 452 -19.73 1.18 19.01
CA THR A 452 -20.12 1.02 17.61
C THR A 452 -19.12 1.67 16.67
N ILE A 453 -18.61 2.86 17.02
CA ILE A 453 -17.66 3.52 16.13
C ILE A 453 -16.37 2.72 16.03
N ILE A 454 -15.87 2.25 17.17
CA ILE A 454 -14.65 1.45 17.17
C ILE A 454 -14.86 0.15 16.41
N TYR A 455 -16.05 -0.47 16.55
CA TYR A 455 -16.32 -1.70 15.81
C TYR A 455 -16.35 -1.45 14.32
N GLY A 456 -16.99 -0.36 13.89
CA GLY A 456 -17.03 -0.04 12.47
C GLY A 456 -15.65 0.21 11.91
N TYR A 457 -14.80 0.92 12.67
CA TYR A 457 -13.46 1.19 12.19
C TYR A 457 -12.61 -0.08 12.17
N PHE A 458 -12.81 -0.98 13.12
CA PHE A 458 -12.12 -2.27 13.09
C PHE A 458 -12.53 -3.07 11.86
N GLU A 459 -13.82 -3.10 11.56
CA GLU A 459 -14.29 -3.82 10.38
C GLU A 459 -13.72 -3.21 9.11
N MET A 460 -13.68 -1.88 9.03
CA MET A 460 -13.11 -1.23 7.86
C MET A 460 -11.63 -1.55 7.72
N ALA A 461 -10.89 -1.55 8.83
CA ALA A 461 -9.47 -1.89 8.77
C ALA A 461 -9.25 -3.34 8.35
N ALA A 462 -10.10 -4.26 8.85
CA ALA A 462 -9.95 -5.65 8.47
C ALA A 462 -10.31 -5.87 7.01
N ARG A 463 -11.26 -5.09 6.49
CA ARG A 463 -11.67 -5.26 5.10
C ARG A 463 -10.69 -4.61 4.12
N GLU A 464 -10.06 -3.51 4.50
CA GLU A 464 -9.18 -2.81 3.57
C GLU A 464 -7.83 -3.52 3.43
N GLY A 465 -7.08 -3.64 4.53
CA GLY A 465 -5.78 -4.26 4.47
C GLY A 465 -5.54 -5.25 5.58
N ASP A 466 -4.39 -5.12 6.25
CA ASP A 466 -4.01 -5.99 7.36
C ASP A 466 -4.01 -7.46 6.95
N PRO B 12 -48.14 -6.15 20.23
CA PRO B 12 -48.70 -7.20 21.10
C PRO B 12 -47.76 -8.38 21.27
N ARG B 13 -48.21 -9.57 20.89
CA ARG B 13 -47.39 -10.78 20.96
C ARG B 13 -46.88 -11.23 19.61
N ASP B 14 -47.54 -10.84 18.51
CA ASP B 14 -47.08 -11.23 17.19
C ASP B 14 -45.71 -10.65 16.87
N PHE B 15 -45.46 -9.41 17.28
CA PHE B 15 -44.16 -8.81 17.05
C PHE B 15 -43.07 -9.53 17.85
N LEU B 16 -43.38 -9.91 19.10
CA LEU B 16 -42.41 -10.64 19.89
C LEU B 16 -42.14 -12.02 19.31
N LYS B 17 -43.18 -12.67 18.77
CA LYS B 17 -42.97 -13.96 18.13
C LYS B 17 -42.12 -13.82 16.87
N ASP B 18 -42.35 -12.77 16.08
CA ASP B 18 -41.52 -12.53 14.91
C ASP B 18 -40.08 -12.26 15.29
N GLY B 19 -39.87 -11.52 16.38
CA GLY B 19 -38.51 -11.29 16.85
C GLY B 19 -37.83 -12.56 17.31
N MET B 20 -38.56 -13.42 18.03
CA MET B 20 -38.00 -14.69 18.45
C MET B 20 -37.66 -15.56 17.25
N GLN B 21 -38.50 -15.52 16.21
CA GLN B 21 -38.22 -16.27 14.99
C GLN B 21 -36.96 -15.75 14.31
N PHE B 22 -36.84 -14.43 14.18
CA PHE B 22 -35.64 -13.85 13.57
C PHE B 22 -34.39 -14.19 14.38
N ILE B 23 -34.51 -14.26 15.70
CA ILE B 23 -33.37 -14.64 16.53
C ILE B 23 -33.01 -16.10 16.31
N HIS B 24 -34.01 -16.98 16.28
CA HIS B 24 -33.75 -18.40 16.08
C HIS B 24 -33.16 -18.68 14.70
N LYS B 25 -33.52 -17.88 13.70
CA LYS B 25 -32.97 -18.06 12.37
C LYS B 25 -31.57 -17.50 12.24
N CYS B 26 -31.25 -16.46 13.02
CA CYS B 26 -29.94 -15.84 12.95
C CYS B 26 -28.85 -16.82 13.38
N GLN B 27 -27.67 -16.66 12.79
CA GLN B 27 -26.51 -17.46 13.15
C GLN B 27 -25.61 -16.66 14.08
N LYS B 28 -25.22 -17.26 15.17
CA LYS B 28 -24.49 -16.58 16.24
C LYS B 28 -22.99 -16.64 15.97
N PRO B 29 -22.24 -15.67 16.48
CA PRO B 29 -20.78 -15.73 16.37
C PRO B 29 -20.20 -16.76 17.33
N ASP B 30 -19.13 -17.42 16.87
CA ASP B 30 -18.50 -18.47 17.65
C ASP B 30 -17.70 -17.86 18.80
N ARG B 31 -16.99 -18.72 19.53
CA ARG B 31 -16.20 -18.25 20.67
C ARG B 31 -14.89 -17.62 20.22
N LYS B 32 -14.22 -18.21 19.24
CA LYS B 32 -12.93 -17.69 18.79
C LYS B 32 -13.11 -16.31 18.15
N GLU B 33 -14.09 -16.17 17.26
CA GLU B 33 -14.32 -14.90 16.60
C GLU B 33 -14.71 -13.81 17.61
N PHE B 34 -15.58 -14.17 18.56
CA PHE B 34 -15.97 -13.21 19.59
C PHE B 34 -14.79 -12.78 20.43
N LYS B 35 -13.96 -13.74 20.85
CA LYS B 35 -12.78 -13.40 21.63
C LYS B 35 -11.84 -12.48 20.86
N LYS B 36 -11.62 -12.77 19.58
CA LYS B 36 -10.70 -11.97 18.78
C LYS B 36 -11.23 -10.55 18.60
N VAL B 37 -12.51 -10.41 18.24
CA VAL B 37 -13.05 -9.06 18.02
C VAL B 37 -13.10 -8.29 19.33
N CYS B 38 -13.39 -8.96 20.44
CA CYS B 38 -13.38 -8.30 21.74
C CYS B 38 -11.97 -7.81 22.09
N GLN B 39 -10.96 -8.62 21.80
CA GLN B 39 -9.58 -8.20 22.07
C GLN B 39 -9.21 -6.99 21.22
N ALA B 40 -9.60 -6.99 19.95
CA ALA B 40 -9.26 -5.86 19.09
C ALA B 40 -9.95 -4.58 19.57
N VAL B 41 -11.25 -4.66 19.87
CA VAL B 41 -11.98 -3.48 20.33
C VAL B 41 -11.42 -2.99 21.66
N ALA B 42 -11.01 -3.92 22.53
CA ALA B 42 -10.41 -3.53 23.79
C ALA B 42 -9.09 -2.82 23.58
N ILE B 43 -8.28 -3.29 22.62
CA ILE B 43 -7.02 -2.63 22.32
C ILE B 43 -7.27 -1.20 21.87
N GLY B 44 -8.22 -1.01 20.95
CA GLY B 44 -8.53 0.34 20.49
C GLY B 44 -9.03 1.23 21.62
N PHE B 45 -9.94 0.70 22.44
CA PHE B 45 -10.49 1.45 23.56
C PHE B 45 -9.40 1.89 24.52
N VAL B 46 -8.54 0.94 24.94
CA VAL B 46 -7.48 1.26 25.88
C VAL B 46 -6.52 2.28 25.29
N ALA B 47 -6.20 2.14 23.99
CA ALA B 47 -5.29 3.09 23.35
C ALA B 47 -5.84 4.51 23.44
N MET B 48 -7.07 4.71 22.95
CA MET B 48 -7.65 6.05 22.95
C MET B 48 -7.78 6.59 24.37
N GLY B 49 -8.26 5.77 25.30
CA GLY B 49 -8.47 6.23 26.66
C GLY B 49 -7.17 6.63 27.34
N ALA B 50 -6.14 5.80 27.20
CA ALA B 50 -4.86 6.10 27.84
C ALA B 50 -4.22 7.34 27.23
N ILE B 51 -4.31 7.51 25.91
CA ILE B 51 -3.75 8.71 25.31
C ILE B 51 -4.45 9.96 25.84
N GLY B 52 -5.79 9.94 25.84
CA GLY B 52 -6.51 11.08 26.35
C GLY B 52 -6.21 11.37 27.82
N TYR B 53 -6.13 10.32 28.63
CA TYR B 53 -5.87 10.50 30.06
C TYR B 53 -4.48 11.07 30.29
N ILE B 54 -3.47 10.58 29.57
CA ILE B 54 -2.13 11.12 29.70
C ILE B 54 -2.11 12.59 29.31
N VAL B 55 -2.79 12.94 28.22
CA VAL B 55 -2.82 14.33 27.78
C VAL B 55 -3.43 15.22 28.86
N LYS B 56 -4.58 14.81 29.40
CA LYS B 56 -5.25 15.64 30.40
C LYS B 56 -4.43 15.75 31.67
N LEU B 57 -3.82 14.64 32.11
CA LEU B 57 -3.03 14.67 33.34
C LEU B 57 -1.82 15.57 33.19
N VAL B 58 -1.14 15.50 32.05
CA VAL B 58 0.03 16.35 31.86
C VAL B 58 -0.38 17.80 31.61
N HIS B 59 -1.61 18.04 31.15
CA HIS B 59 -2.04 19.41 30.88
C HIS B 59 -2.64 20.11 32.08
N ILE B 60 -3.05 19.39 33.11
CA ILE B 60 -3.56 20.07 34.31
C ILE B 60 -2.52 21.01 34.93
N PRO B 61 -1.32 20.53 35.30
CA PRO B 61 -0.38 21.47 35.96
C PRO B 61 0.15 22.52 35.02
N ILE B 62 0.37 22.20 33.75
CA ILE B 62 0.82 23.20 32.80
C ILE B 62 -0.23 24.29 32.62
N ASN B 63 -1.51 23.90 32.58
CA ASN B 63 -2.57 24.90 32.50
C ASN B 63 -2.60 25.76 33.75
N ASN B 64 -2.45 25.14 34.93
CA ASN B 64 -2.49 25.91 36.16
C ASN B 64 -1.28 26.84 36.32
N ILE B 65 -0.16 26.50 35.69
CA ILE B 65 1.00 27.40 35.71
C ILE B 65 0.85 28.50 34.67
N LEU B 66 0.27 28.17 33.51
CA LEU B 66 0.09 29.15 32.46
C LEU B 66 -0.90 30.23 32.90
N VAL B 67 -2.10 29.83 33.32
CA VAL B 67 -3.09 30.79 33.76
C VAL B 67 -2.68 31.38 35.10
N ALA B 68 -2.72 32.70 35.21
CA ALA B 68 -2.36 33.37 36.45
C ALA B 68 -3.53 33.38 37.43
N LEU C 92 -6.73 26.87 -4.57
CA LEU C 92 -5.48 26.89 -3.83
C LEU C 92 -5.29 25.60 -3.05
N ARG C 93 -4.09 25.03 -3.13
CA ARG C 93 -3.75 23.79 -2.46
C ARG C 93 -2.73 24.04 -1.36
N VAL C 94 -2.60 23.06 -0.47
CA VAL C 94 -1.66 23.14 0.64
C VAL C 94 -1.24 21.72 1.03
N ASP C 95 0.04 21.54 1.32
CA ASP C 95 0.54 20.23 1.70
C ASP C 95 0.15 19.90 3.13
N PRO C 96 -0.06 18.62 3.45
CA PRO C 96 -0.47 18.26 4.81
C PRO C 96 0.57 18.60 5.87
N VAL C 97 1.86 18.44 5.55
CA VAL C 97 2.91 18.79 6.50
C VAL C 97 2.80 20.27 6.86
N VAL C 98 2.45 21.11 5.88
CA VAL C 98 2.25 22.53 6.18
C VAL C 98 1.09 22.71 7.15
N VAL C 99 0.04 21.92 7.00
CA VAL C 99 -1.12 22.04 7.90
C VAL C 99 -0.73 21.66 9.32
N LEU C 100 0.00 20.56 9.47
CA LEU C 100 0.39 20.12 10.81
C LEU C 100 1.36 21.11 11.46
N VAL C 101 2.33 21.61 10.69
CA VAL C 101 3.24 22.61 11.24
C VAL C 101 2.50 23.90 11.58
N LEU C 102 1.48 24.25 10.80
CA LEU C 102 0.67 25.42 11.12
C LEU C 102 -0.07 25.23 12.43
N SER C 103 -0.64 24.05 12.65
CA SER C 103 -1.34 23.80 13.91
C SER C 103 -0.38 23.83 15.09
N LEU C 104 0.81 23.25 14.92
CA LEU C 104 1.79 23.27 16.00
C LEU C 104 2.24 24.70 16.30
N CYS C 105 2.46 25.50 15.26
CA CYS C 105 2.81 26.90 15.46
C CYS C 105 1.68 27.67 16.12
N PHE C 106 0.43 27.30 15.82
CA PHE C 106 -0.71 27.93 16.49
C PHE C 106 -0.69 27.66 17.98
N ILE C 107 -0.53 26.38 18.36
CA ILE C 107 -0.48 26.03 19.78
C ILE C 107 0.67 26.76 20.46
N PHE C 108 1.85 26.73 19.84
CA PHE C 108 3.00 27.39 20.45
C PHE C 108 2.84 28.90 20.51
N SER C 109 2.11 29.49 19.56
CA SER C 109 1.89 30.93 19.60
C SER C 109 0.94 31.29 20.73
N VAL C 110 -0.08 30.47 20.98
CA VAL C 110 -0.95 30.72 22.13
C VAL C 110 -0.16 30.60 23.42
N VAL C 111 0.70 29.59 23.52
CA VAL C 111 1.52 29.42 24.73
C VAL C 111 2.44 30.61 24.92
N GLY C 112 3.06 31.08 23.84
CA GLY C 112 3.95 32.23 23.94
C GLY C 112 3.21 33.50 24.32
N LEU C 113 1.98 33.66 23.82
CA LEU C 113 1.20 34.83 24.19
C LEU C 113 0.87 34.80 25.68
N HIS C 114 0.48 33.62 26.19
CA HIS C 114 0.21 33.48 27.62
C HIS C 114 1.45 33.79 28.44
N VAL C 115 2.61 33.27 28.04
CA VAL C 115 3.81 33.46 28.85
C VAL C 115 4.28 34.91 28.77
N ILE C 116 4.05 35.58 27.64
CA ILE C 116 4.40 36.99 27.54
C ILE C 116 3.50 37.83 28.44
N ALA C 117 2.20 37.51 28.46
CA ALA C 117 1.30 38.21 29.37
C ALA C 117 1.72 38.01 30.82
N LYS C 118 2.09 36.78 31.18
CA LYS C 118 2.52 36.52 32.55
C LYS C 118 3.82 37.27 32.88
N ILE C 119 4.75 37.33 31.94
CA ILE C 119 6.00 38.05 32.17
C ILE C 119 5.72 39.53 32.38
N THR C 120 4.87 40.12 31.55
CA THR C 120 4.52 41.53 31.71
C THR C 120 3.77 41.77 33.02
N ARG C 121 2.99 40.79 33.48
CA ARG C 121 2.30 40.93 34.75
C ARG C 121 3.28 40.93 35.91
N LYS C 122 4.16 39.92 35.97
CA LYS C 122 5.10 39.82 37.07
C LYS C 122 6.14 40.94 37.07
N PHE C 123 6.34 41.60 35.93
CA PHE C 123 7.32 42.68 35.85
C PHE C 123 6.69 43.94 35.25
N GLU D 20 -9.16 26.52 41.29
CA GLU D 20 -10.11 25.89 42.19
C GLU D 20 -9.45 24.82 43.04
N TYR D 21 -8.42 24.19 42.50
CA TYR D 21 -7.72 23.14 43.21
C TYR D 21 -6.68 23.71 44.18
N ASN D 22 -6.09 22.82 44.97
CA ASN D 22 -5.01 23.20 45.89
C ASN D 22 -4.15 21.97 46.14
N TYR D 23 -2.95 21.97 45.56
CA TYR D 23 -2.08 20.81 45.65
C TYR D 23 -1.65 20.57 47.09
N ASP D 24 -1.57 19.30 47.47
CA ASP D 24 -1.16 18.95 48.83
C ASP D 24 0.32 19.21 49.02
N GLU D 25 0.66 19.93 50.09
CA GLU D 25 2.04 20.28 50.40
C GLU D 25 2.74 19.25 51.27
N ASN D 26 2.17 18.04 51.38
CA ASN D 26 2.75 16.98 52.20
C ASN D 26 2.80 15.69 51.37
N GLY D 27 3.45 14.68 51.94
CA GLY D 27 3.51 13.38 51.30
C GLY D 27 2.36 12.49 51.72
N GLN D 28 1.14 12.92 51.47
CA GLN D 28 -0.05 12.22 51.92
C GLN D 28 -0.80 11.53 50.79
N PHE D 29 -1.12 12.25 49.71
CA PHE D 29 -2.03 11.71 48.70
C PHE D 29 -1.32 11.30 47.42
N PHE D 30 -0.29 12.02 46.99
CA PHE D 30 0.36 11.61 45.75
C PHE D 30 1.10 10.26 45.86
N PRO D 31 1.57 9.84 47.04
CA PRO D 31 2.19 8.50 47.10
C PRO D 31 1.27 7.39 46.61
N PHE D 32 0.03 7.32 47.09
CA PHE D 32 -0.86 6.25 46.69
C PHE D 32 -1.17 6.29 45.20
N PHE D 33 -1.43 7.49 44.67
CA PHE D 33 -1.75 7.62 43.26
C PHE D 33 -0.58 7.19 42.38
N VAL D 34 0.63 7.72 42.66
CA VAL D 34 1.76 7.37 41.83
C VAL D 34 2.13 5.91 41.99
N LEU D 35 1.91 5.34 43.18
CA LEU D 35 2.21 3.93 43.40
C LEU D 35 1.29 3.06 42.57
N THR D 36 -0.02 3.35 42.58
CA THR D 36 -0.95 2.57 41.78
C THR D 36 -0.67 2.73 40.29
N LEU D 37 -0.40 3.96 39.85
CA LEU D 37 -0.17 4.18 38.42
C LEU D 37 1.13 3.56 37.95
N THR D 38 2.14 3.48 38.82
CA THR D 38 3.38 2.82 38.45
C THR D 38 3.24 1.30 38.49
N GLY D 39 2.48 0.79 39.46
CA GLY D 39 2.28 -0.66 39.55
C GLY D 39 1.48 -1.19 38.39
N LEU D 40 0.44 -0.45 37.96
CA LEU D 40 -0.37 -0.92 36.84
C LEU D 40 0.41 -1.06 35.54
N VAL D 41 1.61 -0.50 35.46
CA VAL D 41 2.47 -0.64 34.31
C VAL D 41 3.62 -1.60 34.58
N THR D 42 4.16 -1.59 35.80
CA THR D 42 5.32 -2.42 36.12
C THR D 42 4.96 -3.86 36.46
N LEU D 43 3.70 -4.14 36.77
CA LEU D 43 3.30 -5.50 37.08
C LEU D 43 3.17 -6.36 35.82
N PRO D 44 2.40 -5.94 34.80
CA PRO D 44 2.30 -6.77 33.59
C PRO D 44 3.52 -6.73 32.70
N LEU D 45 4.38 -5.72 32.86
CA LEU D 45 5.58 -5.63 32.03
C LEU D 45 6.64 -6.63 32.43
N THR D 46 6.55 -7.22 33.62
CA THR D 46 7.52 -8.22 34.04
C THR D 46 7.35 -9.54 33.29
N TYR D 47 6.16 -9.81 32.77
CA TYR D 47 5.96 -11.04 32.01
C TYR D 47 6.73 -11.02 30.69
N SER D 48 7.04 -9.84 30.17
CA SER D 48 7.89 -9.75 28.99
C SER D 48 9.29 -10.25 29.29
N LEU D 49 9.81 -9.96 30.48
CA LEU D 49 11.11 -10.47 30.90
C LEU D 49 11.03 -11.86 31.51
N LEU D 50 9.87 -12.27 32.00
CA LEU D 50 9.73 -13.59 32.60
C LEU D 50 8.83 -14.48 31.74
N ALA D 60 8.20 -29.58 7.96
CA ALA D 60 8.55 -29.58 9.37
C ALA D 60 9.73 -30.50 9.70
N PRO D 61 9.73 -31.77 9.23
CA PRO D 61 10.89 -32.62 9.52
C PRO D 61 12.09 -32.26 8.67
N ARG D 62 13.19 -32.98 8.83
CA ARG D 62 14.41 -32.72 8.08
C ARG D 62 14.84 -34.00 7.38
N ILE D 63 15.38 -33.85 6.16
CA ILE D 63 15.79 -35.03 5.39
C ILE D 63 17.01 -35.67 6.04
N LYS D 64 17.23 -36.94 5.72
CA LYS D 64 18.30 -37.73 6.30
C LYS D 64 19.49 -37.76 5.35
N SER D 65 20.66 -37.40 5.87
CA SER D 65 21.89 -37.40 5.07
C SER D 65 23.08 -37.43 6.00
N ASP D 66 24.04 -38.31 5.71
CA ASP D 66 25.27 -38.41 6.48
C ASP D 66 26.45 -37.76 5.76
N PHE D 67 26.20 -36.67 5.05
CA PHE D 67 27.22 -35.97 4.28
C PHE D 67 27.41 -34.58 4.85
N LYS D 68 28.65 -34.23 5.16
CA LYS D 68 28.98 -32.91 5.69
C LYS D 68 29.90 -32.20 4.70
N PRO D 69 29.49 -31.06 4.16
CA PRO D 69 30.31 -30.38 3.15
C PRO D 69 31.56 -29.79 3.75
N GLN D 70 32.45 -29.34 2.86
CA GLN D 70 33.66 -28.65 3.31
C GLN D 70 33.30 -27.33 3.95
N HIS D 71 34.12 -26.91 4.91
CA HIS D 71 33.90 -25.70 5.68
C HIS D 71 32.54 -25.74 6.38
N ASP D 72 32.29 -26.85 7.09
CA ASP D 72 31.02 -27.00 7.80
C ASP D 72 30.89 -26.00 8.93
N ASP D 73 32.00 -25.69 9.60
CA ASP D 73 31.96 -24.77 10.73
C ASP D 73 31.48 -23.39 10.30
N ILE D 74 31.96 -22.90 9.16
CA ILE D 74 31.61 -21.56 8.70
C ILE D 74 30.12 -21.47 8.39
N ILE D 75 29.60 -22.43 7.62
CA ILE D 75 28.21 -22.37 7.21
C ILE D 75 27.29 -22.59 8.42
N GLN D 76 27.69 -23.46 9.35
CA GLN D 76 26.86 -23.67 10.53
C GLN D 76 26.86 -22.44 11.44
N ASN D 77 28.01 -21.78 11.59
CA ASN D 77 28.06 -20.56 12.37
C ASN D 77 27.21 -19.47 11.73
N GLN D 78 27.23 -19.36 10.40
CA GLN D 78 26.38 -18.38 9.73
C GLN D 78 24.91 -18.73 9.91
N LYS D 79 24.57 -20.02 9.85
CA LYS D 79 23.19 -20.44 10.06
C LYS D 79 22.70 -20.08 11.45
N ARG D 80 23.57 -20.27 12.46
CA ARG D 80 23.19 -19.89 13.83
C ARG D 80 23.08 -18.38 13.98
N LYS D 81 23.97 -17.63 13.31
CA LYS D 81 23.91 -16.18 13.34
C LYS D 81 22.67 -15.64 12.64
N ARG D 82 22.10 -16.40 11.71
CA ARG D 82 20.92 -15.94 10.96
C ARG D 82 19.81 -15.48 11.90
N LEU D 83 19.43 -16.33 12.85
CA LEU D 83 18.39 -15.98 13.81
C LEU D 83 19.01 -15.42 15.08
N ARG D 84 18.40 -14.37 15.61
CA ARG D 84 18.89 -13.71 16.81
C ARG D 84 17.78 -12.85 17.38
N LYS D 85 17.53 -13.00 18.69
CA LYS D 85 16.49 -12.22 19.36
C LYS D 85 16.75 -12.25 20.86
N GLU D 86 16.91 -11.08 21.46
CA GLU D 86 17.14 -10.95 22.89
C GLU D 86 15.87 -10.60 23.64
N ARG D 87 15.21 -9.51 23.25
CA ARG D 87 13.96 -9.06 23.86
C ARG D 87 14.11 -8.87 25.38
N ARG D 88 15.27 -8.40 25.79
CA ARG D 88 15.55 -8.20 27.21
C ARG D 88 16.02 -6.78 27.52
N VAL D 89 16.82 -6.17 26.64
CA VAL D 89 17.33 -4.83 26.90
C VAL D 89 16.26 -3.77 26.70
N LYS D 90 15.20 -4.09 25.93
CA LYS D 90 14.19 -3.09 25.62
C LYS D 90 13.35 -2.72 26.83
N ARG D 91 13.07 -3.68 27.71
CA ARG D 91 12.17 -3.45 28.84
C ARG D 91 12.82 -3.63 30.20
N ALA D 92 14.09 -4.03 30.25
CA ALA D 92 14.74 -4.22 31.55
C ALA D 92 14.86 -2.91 32.30
N ILE D 93 15.27 -1.84 31.61
CA ILE D 93 15.39 -0.54 32.27
C ILE D 93 14.02 -0.06 32.74
N ALA D 94 12.98 -0.30 31.95
CA ALA D 94 11.64 0.10 32.35
C ALA D 94 11.19 -0.64 33.60
N VAL D 95 11.42 -1.95 33.64
CA VAL D 95 11.01 -2.73 34.80
C VAL D 95 11.79 -2.32 36.05
N VAL D 96 13.09 -2.08 35.91
CA VAL D 96 13.89 -1.73 37.07
C VAL D 96 13.53 -0.34 37.58
N VAL D 97 13.20 0.58 36.67
CA VAL D 97 12.77 1.91 37.08
C VAL D 97 11.42 1.82 37.78
N GLY D 98 10.51 1.02 37.25
CA GLY D 98 9.22 0.83 37.91
C GLY D 98 9.36 0.27 39.31
N TRP D 99 10.23 -0.73 39.47
CA TRP D 99 10.40 -1.32 40.80
C TRP D 99 11.09 -0.36 41.76
N ALA D 100 12.05 0.44 41.27
CA ALA D 100 12.66 1.46 42.13
C ALA D 100 11.63 2.48 42.57
N ILE D 101 10.73 2.89 41.66
CA ILE D 101 9.67 3.82 42.02
C ILE D 101 8.76 3.21 43.06
N ILE D 102 8.37 1.95 42.88
CA ILE D 102 7.51 1.27 43.85
C ILE D 102 8.18 1.25 45.22
N GLY D 103 9.47 0.91 45.25
CA GLY D 103 10.18 0.86 46.53
C GLY D 103 10.24 2.21 47.21
N TYR D 104 10.59 3.25 46.45
CA TYR D 104 10.68 4.59 47.04
C TYR D 104 9.32 5.05 47.54
N MET D 105 8.26 4.73 46.81
CA MET D 105 6.92 5.19 47.23
C MET D 105 6.46 4.43 48.47
N VAL D 106 6.78 3.14 48.57
CA VAL D 106 6.44 2.41 49.79
C VAL D 106 7.21 2.98 50.97
N TYR D 107 8.48 3.35 50.75
CA TYR D 107 9.26 3.97 51.81
C TYR D 107 8.62 5.29 52.25
N LEU D 108 8.21 6.10 51.28
CA LEU D 108 7.60 7.39 51.61
C LEU D 108 6.30 7.20 52.37
N ILE D 109 5.49 6.20 51.97
CA ILE D 109 4.26 5.91 52.69
C ILE D 109 4.57 5.54 54.13
N ILE D 110 5.48 4.57 54.32
CA ILE D 110 5.78 4.10 55.68
C ILE D 110 6.33 5.23 56.54
N VAL D 111 7.08 6.16 55.95
CA VAL D 111 7.67 7.24 56.74
C VAL D 111 6.61 8.29 57.08
N THR D 112 5.77 8.67 56.12
CA THR D 112 4.92 9.84 56.28
C THR D 112 3.58 9.52 56.92
N ARG D 113 3.08 8.28 56.80
CA ARG D 113 1.78 7.95 57.39
C ARG D 113 1.78 8.13 58.90
N ARG D 114 2.95 8.14 59.54
CA ARG D 114 3.00 8.29 60.99
C ARG D 114 2.51 9.67 61.42
N THR D 115 3.00 10.72 60.77
CA THR D 115 2.64 12.08 61.15
C THR D 115 1.24 12.48 60.70
N ALA D 116 0.62 11.72 59.81
CA ALA D 116 -0.72 12.05 59.33
C ALA D 116 -1.78 11.25 60.08
N GLY D 197 -19.57 19.10 58.40
CA GLY D 197 -18.25 19.60 58.72
C GLY D 197 -17.40 19.86 57.49
N SER D 200 -18.53 21.48 54.70
CA SER D 200 -17.42 22.02 53.91
C SER D 200 -17.29 21.27 52.57
N TYR D 201 -16.49 21.84 51.68
CA TYR D 201 -16.28 21.23 50.37
C TYR D 201 -15.02 21.83 49.76
N SER D 202 -14.05 20.97 49.43
CA SER D 202 -12.78 21.45 48.87
C SER D 202 -12.14 20.31 48.08
N ILE D 203 -11.83 20.57 46.83
CA ILE D 203 -11.22 19.58 45.94
C ILE D 203 -9.73 19.87 45.82
N GLY D 204 -8.93 18.81 45.89
CA GLY D 204 -7.50 18.92 45.72
C GLY D 204 -6.99 17.88 44.73
N ILE D 205 -5.68 17.95 44.47
CA ILE D 205 -5.03 17.05 43.53
C ILE D 205 -3.88 16.36 44.24
N ALA D 206 -3.65 15.09 43.90
CA ALA D 206 -2.57 14.30 44.49
C ALA D 206 -1.30 14.45 43.65
N LEU D 207 -0.83 15.70 43.57
CA LEU D 207 0.43 16.05 42.93
C LEU D 207 1.22 16.97 43.85
N PRO D 208 2.54 16.93 43.80
CA PRO D 208 3.35 17.75 44.71
C PRO D 208 3.11 19.23 44.50
N LYS D 209 3.54 20.02 45.48
CA LYS D 209 3.36 21.47 45.44
C LYS D 209 4.48 22.17 44.68
N LEU D 210 5.69 21.62 44.70
CA LEU D 210 6.82 22.27 44.04
C LEU D 210 6.63 22.37 42.54
N ILE D 211 5.71 21.61 41.97
CA ILE D 211 5.46 21.69 40.54
C ILE D 211 4.84 23.03 40.16
N ILE D 212 3.87 23.49 40.95
CA ILE D 212 3.17 24.74 40.64
C ILE D 212 3.82 25.96 41.30
N GLU D 213 4.75 25.75 42.24
CA GLU D 213 5.38 26.87 42.92
C GLU D 213 6.15 27.74 41.93
N GLU D 214 6.47 28.96 42.36
CA GLU D 214 7.15 29.93 41.51
C GLU D 214 8.60 29.57 41.23
N GLY D 215 9.07 28.41 41.68
CA GLY D 215 10.44 28.01 41.46
C GLY D 215 10.65 27.16 40.23
N SER D 216 9.83 26.11 40.07
CA SER D 216 10.01 25.14 38.99
C SER D 216 8.96 25.28 37.90
N GLY D 217 8.10 26.30 37.96
CA GLY D 217 7.09 26.45 36.92
C GLY D 217 7.69 26.72 35.56
N LYS D 218 8.63 27.67 35.50
CA LYS D 218 9.29 27.95 34.23
C LYS D 218 10.03 26.73 33.71
N TYR D 219 10.66 25.97 34.60
CA TYR D 219 11.41 24.79 34.19
C TYR D 219 10.49 23.74 33.59
N VAL D 220 9.37 23.44 34.26
CA VAL D 220 8.48 22.41 33.75
C VAL D 220 7.81 22.87 32.46
N LEU D 221 7.49 24.16 32.36
CA LEU D 221 6.89 24.66 31.12
C LEU D 221 7.87 24.56 29.96
N MET D 222 9.12 24.96 30.18
CA MET D 222 10.12 24.84 29.12
C MET D 222 10.37 23.38 28.76
N LEU D 223 10.35 22.49 29.75
CA LEU D 223 10.54 21.07 29.48
C LEU D 223 9.42 20.53 28.60
N TYR D 224 8.17 20.86 28.93
CA TYR D 224 7.05 20.39 28.13
C TYR D 224 7.09 20.96 26.72
N ALA D 225 7.39 22.26 26.60
CA ALA D 225 7.49 22.87 25.28
C ALA D 225 8.56 22.17 24.45
N SER D 226 9.75 21.99 25.02
CA SER D 226 10.84 21.33 24.31
C SER D 226 10.45 19.91 23.91
N LEU D 227 9.81 19.17 24.82
CA LEU D 227 9.39 17.81 24.52
C LEU D 227 8.44 17.79 23.32
N LEU D 228 7.32 18.49 23.42
CA LEU D 228 6.32 18.44 22.36
C LEU D 228 6.79 19.10 21.08
N GLY D 229 7.85 19.91 21.13
CA GLY D 229 8.34 20.54 19.92
C GLY D 229 9.53 19.87 19.29
N ILE D 230 10.17 18.93 20.01
CA ILE D 230 11.35 18.27 19.49
C ILE D 230 11.11 16.76 19.38
N LEU D 231 10.75 16.12 20.50
CA LEU D 231 10.71 14.66 20.52
C LEU D 231 9.60 14.10 19.63
N LEU D 232 8.46 14.80 19.54
CA LEU D 232 7.37 14.28 18.71
C LEU D 232 7.71 14.34 17.22
N PRO D 233 8.07 15.50 16.64
CA PRO D 233 8.37 15.50 15.20
C PRO D 233 9.56 14.63 14.84
N TYR D 234 10.57 14.58 15.71
CA TYR D 234 11.75 13.77 15.43
C TYR D 234 11.39 12.29 15.37
N ILE D 235 10.65 11.80 16.36
CA ILE D 235 10.30 10.38 16.37
C ILE D 235 9.30 10.07 15.25
N VAL D 236 8.46 11.03 14.88
CA VAL D 236 7.52 10.80 13.78
C VAL D 236 8.26 10.68 12.46
N GLY D 237 9.20 11.60 12.20
CA GLY D 237 10.02 11.48 11.00
C GLY D 237 10.85 10.21 11.00
N ARG D 238 11.33 9.80 12.18
CA ARG D 238 12.07 8.55 12.28
C ARG D 238 11.22 7.36 11.85
N TRP D 239 10.01 7.25 12.43
CA TRP D 239 9.14 6.16 12.04
C TRP D 239 8.73 6.24 10.58
N TRP D 240 8.62 7.45 10.03
CA TRP D 240 8.22 7.60 8.64
C TRP D 240 9.32 7.10 7.71
N TYR D 241 10.53 7.64 7.86
CA TYR D 241 11.65 7.24 7.01
C TYR D 241 12.24 5.90 7.43
N GLY D 242 11.68 5.23 8.43
CA GLY D 242 12.13 3.91 8.79
C GLY D 242 11.25 2.81 8.23
N SER D 243 10.00 3.15 7.93
CA SER D 243 9.04 2.21 7.36
C SER D 243 8.77 2.52 5.89
N GLN D 244 9.81 2.94 5.17
CA GLN D 244 9.67 3.28 3.76
C GLN D 244 10.68 2.52 2.92
N ARG D 245 11.84 2.20 3.49
CA ARG D 245 12.89 1.55 2.73
C ARG D 245 12.60 0.07 2.50
N TYR D 246 12.05 -0.63 3.50
CA TYR D 246 11.73 -2.03 3.34
C TYR D 246 10.46 -2.18 2.53
N THR D 247 10.50 -3.04 1.52
CA THR D 247 9.39 -3.26 0.62
C THR D 247 8.66 -4.55 1.00
N ARG D 248 7.69 -4.95 0.16
CA ARG D 248 6.90 -6.14 0.47
C ARG D 248 7.75 -7.40 0.47
N GLU D 249 8.72 -7.49 -0.44
CA GLU D 249 9.53 -8.69 -0.59
C GLU D 249 10.77 -8.69 0.30
N LYS D 250 10.79 -7.85 1.32
CA LYS D 250 11.88 -7.80 2.31
C LYS D 250 13.23 -7.53 1.63
N VAL D 251 13.31 -6.36 0.99
CA VAL D 251 14.55 -5.90 0.36
C VAL D 251 14.47 -4.39 0.24
N LEU D 252 15.62 -3.73 0.31
CA LEU D 252 15.66 -2.28 0.22
C LEU D 252 15.01 -1.81 -1.08
N ALA D 253 14.20 -0.75 -0.97
CA ALA D 253 13.52 -0.22 -2.15
C ALA D 253 14.53 0.27 -3.19
N ALA D 254 15.68 0.79 -2.75
CA ALA D 254 16.70 1.20 -3.70
C ALA D 254 17.22 0.02 -4.50
N SER D 255 17.31 -1.15 -3.88
CA SER D 255 17.77 -2.34 -4.60
C SER D 255 16.80 -2.73 -5.70
N ALA D 256 15.50 -2.75 -5.39
CA ALA D 256 14.50 -3.08 -6.40
C ALA D 256 14.47 -2.04 -7.51
N GLY D 257 14.58 -0.76 -7.15
CA GLY D 257 14.61 0.27 -8.17
C GLY D 257 15.81 0.16 -9.08
N ASN D 258 16.96 -0.19 -8.51
CA ASN D 258 18.17 -0.33 -9.33
C ASN D 258 18.12 -1.59 -10.19
N MET D 259 17.48 -2.65 -9.70
CA MET D 259 17.40 -3.89 -10.46
C MET D 259 16.32 -3.85 -11.53
N PHE D 260 15.29 -3.02 -11.36
CA PHE D 260 14.25 -2.93 -12.39
C PHE D 260 14.83 -2.41 -13.70
N ARG D 261 15.73 -1.45 -13.65
CA ARG D 261 16.26 -0.85 -14.86
C ARG D 261 17.09 -1.86 -15.65
N GLU D 262 17.82 -2.74 -14.95
CA GLU D 262 18.67 -3.71 -15.62
C GLU D 262 17.88 -4.80 -16.34
N TYR D 263 16.56 -4.78 -16.27
CA TYR D 263 15.76 -5.80 -16.92
C TYR D 263 15.77 -5.63 -18.43
N GLU D 264 15.88 -6.74 -19.14
CA GLU D 264 15.95 -6.76 -20.60
C GLU D 264 14.75 -7.52 -21.14
N GLY D 265 14.64 -7.53 -22.47
CA GLY D 265 13.52 -8.20 -23.12
C GLY D 265 13.54 -9.70 -22.92
N THR D 266 14.60 -10.36 -23.36
CA THR D 266 14.77 -11.80 -23.21
C THR D 266 16.16 -12.07 -22.67
N MET D 267 16.22 -12.74 -21.51
CA MET D 267 17.48 -13.12 -20.91
C MET D 267 17.23 -14.27 -19.96
N ILE D 268 18.01 -15.34 -20.10
CA ILE D 268 17.86 -16.54 -19.30
C ILE D 268 19.23 -17.10 -18.99
N GLY D 269 19.42 -17.50 -17.73
CA GLY D 269 20.67 -18.13 -17.33
C GLY D 269 21.75 -17.14 -16.94
N GLY D 270 22.68 -16.91 -17.86
CA GLY D 270 23.84 -16.08 -17.61
C GLY D 270 23.54 -14.68 -17.11
N PRO D 271 22.96 -13.84 -17.98
CA PRO D 271 22.79 -12.42 -17.63
C PRO D 271 21.88 -12.16 -16.45
N ILE D 272 21.15 -13.16 -15.95
CA ILE D 272 20.35 -12.94 -14.76
C ILE D 272 21.23 -12.71 -13.54
N VAL D 273 22.37 -13.41 -13.46
CA VAL D 273 23.29 -13.18 -12.36
C VAL D 273 23.86 -11.77 -12.41
N ASN D 274 24.18 -11.28 -13.60
CA ASN D 274 24.70 -9.93 -13.73
C ASN D 274 23.65 -8.90 -13.36
N ALA D 275 22.41 -9.07 -13.83
CA ALA D 275 21.34 -8.15 -13.48
C ALA D 275 20.91 -8.28 -12.02
N LEU D 276 21.29 -9.35 -11.35
CA LEU D 276 20.93 -9.57 -9.96
C LEU D 276 21.99 -9.13 -8.97
N SER D 277 23.27 -9.12 -9.38
CA SER D 277 24.33 -8.73 -8.46
C SER D 277 24.28 -7.24 -8.10
N THR D 278 23.53 -6.44 -8.85
CA THR D 278 23.48 -5.01 -8.60
C THR D 278 22.50 -4.67 -7.49
N GLY D 279 22.63 -5.33 -6.34
CA GLY D 279 21.76 -5.10 -5.20
C GLY D 279 22.27 -3.98 -4.31
N GLU D 280 21.65 -3.88 -3.13
CA GLU D 280 22.01 -2.87 -2.16
C GLU D 280 22.55 -3.41 -0.85
N GLU D 281 22.22 -4.65 -0.48
CA GLU D 281 22.76 -5.23 0.74
C GLU D 281 24.27 -5.40 0.67
N TYR D 282 24.83 -5.53 -0.53
CA TYR D 282 26.28 -5.65 -0.66
C TYR D 282 27.00 -4.39 -0.21
N LYS D 283 26.33 -3.24 -0.27
CA LYS D 283 26.92 -2.01 0.26
C LYS D 283 27.18 -2.15 1.76
N GLU D 284 26.14 -2.50 2.52
CA GLU D 284 26.29 -2.64 3.96
C GLU D 284 27.11 -3.87 4.35
N MET D 285 27.23 -4.86 3.44
CA MET D 285 28.01 -6.04 3.76
C MET D 285 29.48 -5.86 3.44
N LEU D 286 29.82 -5.01 2.47
CA LEU D 286 31.19 -4.83 2.03
C LEU D 286 31.64 -3.38 2.21
N SER D 287 31.33 -2.81 3.38
CA SER D 287 31.75 -1.45 3.66
C SER D 287 33.20 -1.41 4.14
N GLY D 288 33.82 -0.26 3.96
CA GLY D 288 35.18 -0.04 4.39
C GLY D 288 36.21 -0.69 3.49
N PRO D 289 37.30 -1.18 4.07
CA PRO D 289 38.38 -1.77 3.26
C PRO D 289 38.14 -3.25 2.96
N LYS D 290 36.91 -3.71 3.14
CA LYS D 290 36.61 -5.13 2.94
C LYS D 290 36.69 -5.54 1.47
N ALA D 291 36.71 -4.58 0.54
CA ALA D 291 36.71 -4.93 -0.88
C ALA D 291 38.11 -5.28 -1.38
N GLU D 292 39.03 -4.31 -1.34
CA GLU D 292 40.38 -4.52 -1.85
C GLU D 292 41.13 -5.59 -1.09
N GLU D 293 40.61 -6.07 0.03
CA GLU D 293 41.23 -7.17 0.75
C GLU D 293 41.22 -8.45 -0.09
N GLY D 294 40.17 -8.65 -0.87
CA GLY D 294 40.05 -9.89 -1.62
C GLY D 294 39.87 -9.71 -3.13
N LEU D 295 39.47 -8.51 -3.56
CA LEU D 295 39.10 -8.27 -4.95
C LEU D 295 40.05 -8.92 -5.96
N ALA D 296 41.36 -8.69 -5.80
CA ALA D 296 42.32 -9.20 -6.77
C ALA D 296 42.30 -10.72 -6.83
N LYS D 297 42.40 -11.37 -5.67
CA LYS D 297 42.43 -12.84 -5.63
C LYS D 297 41.14 -13.43 -6.19
N VAL D 298 39.99 -12.92 -5.74
CA VAL D 298 38.72 -13.46 -6.17
C VAL D 298 38.55 -13.29 -7.67
N GLU D 299 38.86 -12.10 -8.18
CA GLU D 299 38.71 -11.85 -9.61
C GLU D 299 39.62 -12.76 -10.43
N LYS D 300 40.88 -12.90 -10.01
CA LYS D 300 41.80 -13.77 -10.73
C LYS D 300 41.28 -15.21 -10.74
N LYS D 301 40.88 -15.72 -9.57
CA LYS D 301 40.42 -17.10 -9.49
C LYS D 301 39.21 -17.34 -10.38
N VAL D 302 38.19 -16.49 -10.26
CA VAL D 302 36.96 -16.69 -11.04
C VAL D 302 37.25 -16.54 -12.53
N LEU D 303 38.06 -15.54 -12.90
CA LEU D 303 38.29 -15.28 -14.33
C LEU D 303 39.13 -16.35 -14.98
N ALA D 304 40.05 -16.97 -14.24
CA ALA D 304 40.98 -17.93 -14.84
C ALA D 304 40.51 -19.37 -14.71
N LEU D 305 40.15 -19.81 -13.50
CA LEU D 305 39.92 -21.24 -13.29
C LEU D 305 38.68 -21.73 -14.01
N ASP D 306 37.66 -20.89 -14.16
CA ASP D 306 36.41 -21.34 -14.74
C ASP D 306 36.56 -21.57 -16.26
N GLU D 307 35.79 -22.53 -16.75
CA GLU D 307 35.82 -22.91 -18.16
C GLU D 307 34.82 -22.07 -18.95
N LYS D 308 35.11 -21.88 -20.25
CA LYS D 308 34.27 -21.05 -21.10
C LYS D 308 32.84 -21.58 -21.20
N ILE D 309 32.60 -22.84 -20.87
CA ILE D 309 31.24 -23.36 -20.90
C ILE D 309 30.38 -22.69 -19.84
N LEU D 310 30.96 -22.37 -18.69
CA LEU D 310 30.23 -21.73 -17.60
C LEU D 310 30.30 -20.21 -17.63
N SER D 311 31.17 -19.64 -18.47
CA SER D 311 31.26 -18.19 -18.62
C SER D 311 31.76 -17.92 -20.03
N ALA D 312 30.90 -17.36 -20.88
CA ALA D 312 31.23 -17.17 -22.30
C ALA D 312 31.56 -15.71 -22.61
N LYS D 313 30.64 -14.79 -22.33
CA LYS D 313 30.87 -13.38 -22.58
C LYS D 313 30.71 -12.51 -21.34
N ASP D 314 30.28 -13.09 -20.21
CA ASP D 314 30.14 -12.33 -18.97
C ASP D 314 31.46 -11.77 -18.47
N ARG D 315 32.59 -12.21 -19.04
CA ARG D 315 33.86 -11.61 -18.69
C ARG D 315 33.87 -10.13 -19.02
N GLU D 316 33.20 -9.74 -20.11
CA GLU D 316 33.14 -8.31 -20.46
C GLU D 316 32.36 -7.53 -19.42
N VAL D 317 31.20 -8.05 -18.99
CA VAL D 317 30.41 -7.34 -17.99
C VAL D 317 31.13 -7.32 -16.66
N LEU D 318 31.95 -8.33 -16.37
CA LEU D 318 32.73 -8.33 -15.15
C LEU D 318 33.88 -7.33 -15.21
N ARG D 319 34.45 -7.13 -16.40
CA ARG D 319 35.60 -6.24 -16.53
C ARG D 319 35.21 -4.78 -16.67
N LYS D 320 34.03 -4.50 -17.25
CA LYS D 320 33.68 -3.11 -17.56
C LYS D 320 33.34 -2.31 -16.31
N ILE D 321 32.77 -2.94 -15.29
CA ILE D 321 32.35 -2.19 -14.10
C ILE D 321 33.57 -1.74 -13.31
N ASP D 322 33.43 -0.62 -12.62
CA ASP D 322 34.56 0.05 -12.00
C ASP D 322 34.41 0.31 -10.50
N ASN D 323 33.20 0.23 -9.94
CA ASN D 323 33.01 0.46 -8.53
C ASN D 323 33.21 -0.82 -7.74
N PRO D 324 34.29 -0.95 -6.96
CA PRO D 324 34.62 -2.22 -6.29
C PRO D 324 33.76 -2.51 -5.07
N VAL D 325 32.45 -2.35 -5.21
CA VAL D 325 31.50 -2.77 -4.20
C VAL D 325 30.47 -3.63 -4.93
N ARG D 326 30.50 -3.56 -6.26
CA ARG D 326 29.70 -4.43 -7.12
C ARG D 326 30.53 -5.48 -7.83
N ARG D 327 31.72 -5.14 -8.31
CA ARG D 327 32.56 -6.16 -8.95
C ARG D 327 32.99 -7.23 -7.96
N LYS D 328 33.39 -6.83 -6.76
CA LYS D 328 33.73 -7.80 -5.72
C LYS D 328 32.54 -8.70 -5.41
N ALA D 329 31.36 -8.11 -5.25
CA ALA D 329 30.18 -8.90 -4.95
C ALA D 329 29.84 -9.87 -6.07
N LEU D 330 29.99 -9.45 -7.32
CA LEU D 330 29.64 -10.32 -8.44
C LEU D 330 30.65 -11.46 -8.59
N ALA D 331 31.95 -11.15 -8.46
CA ALA D 331 32.95 -12.20 -8.48
C ALA D 331 32.71 -13.20 -7.35
N LEU D 332 32.31 -12.70 -6.18
CA LEU D 332 32.05 -13.59 -5.05
C LEU D 332 30.81 -14.45 -5.31
N LEU D 333 29.78 -13.87 -5.92
CA LEU D 333 28.59 -14.63 -6.26
C LEU D 333 28.90 -15.74 -7.25
N TRP D 334 29.73 -15.45 -8.25
CA TRP D 334 30.10 -16.50 -9.19
C TRP D 334 30.95 -17.57 -8.52
N ALA D 335 31.85 -17.17 -7.62
CA ALA D 335 32.65 -18.14 -6.89
C ALA D 335 31.77 -19.05 -6.04
N TYR D 336 30.69 -18.51 -5.49
CA TYR D 336 29.74 -19.34 -4.76
C TYR D 336 29.00 -20.30 -5.70
N LEU D 337 28.42 -19.74 -6.77
CA LEU D 337 27.64 -20.55 -7.70
C LEU D 337 28.47 -21.57 -8.45
N ASN D 338 29.80 -21.53 -8.35
CA ASN D 338 30.64 -22.53 -8.99
C ASN D 338 31.29 -23.49 -8.00
N ARG D 339 31.15 -23.28 -6.70
CA ARG D 339 31.83 -24.07 -5.68
C ARG D 339 33.34 -24.08 -5.91
N ILE D 340 33.92 -22.87 -5.89
CA ILE D 340 35.31 -22.71 -6.33
C ILE D 340 36.32 -22.95 -5.20
N ASP D 341 35.93 -22.78 -3.94
CA ASP D 341 36.80 -23.04 -2.78
C ASP D 341 38.08 -22.20 -2.89
N LEU D 342 37.88 -20.89 -2.82
CA LEU D 342 39.01 -19.96 -2.80
C LEU D 342 39.80 -20.12 -1.50
N GLU D 343 41.11 -19.88 -1.59
CA GLU D 343 42.05 -20.27 -0.54
C GLU D 343 42.31 -19.11 0.41
N ASP D 344 41.38 -18.92 1.35
CA ASP D 344 41.57 -18.09 2.54
C ASP D 344 40.35 -18.26 3.44
N PRO D 345 40.51 -18.18 4.75
CA PRO D 345 39.39 -18.42 5.67
C PRO D 345 38.57 -17.19 6.04
N VAL D 346 38.75 -16.06 5.36
CA VAL D 346 38.06 -14.83 5.69
C VAL D 346 36.95 -14.52 4.68
N LEU D 347 37.17 -14.83 3.41
CA LEU D 347 36.18 -14.53 2.39
C LEU D 347 35.06 -15.55 2.30
N ASN D 348 35.26 -16.75 2.85
CA ASN D 348 34.26 -17.81 2.71
C ASN D 348 32.94 -17.43 3.37
N GLU D 349 33.01 -16.77 4.52
CA GLU D 349 31.77 -16.33 5.17
C GLU D 349 31.06 -15.28 4.33
N GLU D 350 31.83 -14.36 3.73
CA GLU D 350 31.22 -13.38 2.83
C GLU D 350 30.58 -14.06 1.62
N LYS D 351 31.19 -15.13 1.14
CA LYS D 351 30.61 -15.87 0.02
C LYS D 351 29.28 -16.52 0.40
N TYR D 352 29.27 -17.25 1.52
CA TYR D 352 28.05 -17.92 1.94
C TYR D 352 26.99 -16.95 2.42
N GLU D 353 27.35 -15.70 2.70
CA GLU D 353 26.34 -14.68 2.97
C GLU D 353 25.81 -14.03 1.69
N ALA D 354 26.69 -13.79 0.73
CA ALA D 354 26.25 -13.32 -0.58
C ALA D 354 25.30 -14.31 -1.23
N GLY D 355 25.44 -15.60 -0.91
CA GLY D 355 24.46 -16.58 -1.34
C GLY D 355 23.04 -16.25 -0.92
N SER D 356 22.83 -16.04 0.39
CA SER D 356 21.50 -15.70 0.88
C SER D 356 21.02 -14.36 0.35
N ILE D 357 21.94 -13.39 0.25
CA ILE D 357 21.56 -12.09 -0.31
C ILE D 357 21.07 -12.24 -1.74
N ALA D 358 21.77 -13.07 -2.53
CA ALA D 358 21.35 -13.31 -3.90
C ALA D 358 20.03 -14.05 -3.96
N LEU D 359 19.75 -14.93 -2.99
CA LEU D 359 18.46 -15.59 -2.97
C LEU D 359 17.32 -14.58 -2.76
N SER D 360 17.51 -13.67 -1.80
CA SER D 360 16.46 -12.65 -1.58
C SER D 360 16.29 -11.76 -2.81
N LEU D 361 17.40 -11.32 -3.40
CA LEU D 361 17.31 -10.54 -4.63
C LEU D 361 16.64 -11.35 -5.74
N THR D 362 16.81 -12.67 -5.75
CA THR D 362 16.15 -13.51 -6.74
C THR D 362 14.64 -13.50 -6.55
N GLU D 363 14.20 -13.56 -5.29
CA GLU D 363 12.77 -13.43 -5.03
C GLU D 363 12.24 -12.10 -5.56
N SER D 364 12.96 -11.01 -5.27
CA SER D 364 12.53 -9.71 -5.76
C SER D 364 12.49 -9.65 -7.28
N PHE D 365 13.49 -10.24 -7.93
CA PHE D 365 13.56 -10.21 -9.38
C PHE D 365 12.47 -11.06 -10.02
N THR D 366 12.13 -12.19 -9.39
CA THR D 366 10.99 -12.96 -9.87
C THR D 366 9.72 -12.15 -9.79
N ALA D 367 9.53 -11.42 -8.68
CA ALA D 367 8.36 -10.55 -8.57
C ALA D 367 8.34 -9.52 -9.69
N ILE D 368 9.49 -8.88 -9.95
CA ILE D 368 9.54 -7.84 -10.97
C ILE D 368 9.24 -8.41 -12.35
N ALA D 369 9.92 -9.49 -12.73
CA ALA D 369 9.72 -10.06 -14.05
C ALA D 369 8.31 -10.61 -14.23
N LEU D 370 7.70 -11.09 -13.15
CA LEU D 370 6.33 -11.57 -13.23
C LEU D 370 5.36 -10.41 -13.42
N ALA D 371 5.58 -9.30 -12.73
CA ALA D 371 4.72 -8.14 -12.92
C ALA D 371 4.90 -7.54 -14.32
N PHE D 372 6.10 -7.64 -14.88
CA PHE D 372 6.33 -7.13 -16.23
C PHE D 372 5.52 -7.91 -17.25
N GLY D 373 5.66 -9.23 -17.25
CA GLY D 373 4.87 -10.09 -18.10
C GLY D 373 5.65 -10.60 -19.31
N ASN D 374 6.17 -11.82 -19.19
CA ASN D 374 6.94 -12.50 -20.22
C ASN D 374 7.11 -13.95 -19.78
N LEU D 375 7.65 -14.76 -20.68
CA LEU D 375 7.86 -16.18 -20.40
C LEU D 375 9.32 -16.53 -20.15
N ILE D 376 10.23 -16.01 -20.98
CA ILE D 376 11.65 -16.33 -20.85
C ILE D 376 12.24 -15.74 -19.58
N PRO D 377 11.99 -14.46 -19.24
CA PRO D 377 12.51 -13.95 -17.96
C PRO D 377 11.98 -14.70 -16.75
N ILE D 378 10.73 -15.12 -16.75
CA ILE D 378 10.18 -15.84 -15.61
C ILE D 378 10.79 -17.23 -15.51
N ILE D 379 10.83 -17.94 -16.64
CA ILE D 379 11.41 -19.28 -16.64
C ILE D 379 12.91 -19.23 -16.36
N GLY D 380 13.53 -18.06 -16.50
CA GLY D 380 14.92 -17.93 -16.12
C GLY D 380 15.10 -17.56 -14.67
N ALA D 381 14.20 -16.73 -14.14
CA ALA D 381 14.28 -16.38 -12.72
C ALA D 381 14.04 -17.60 -11.86
N TYR D 382 13.09 -18.46 -12.25
CA TYR D 382 12.88 -19.68 -11.49
C TYR D 382 14.13 -20.57 -11.53
N ARG D 383 14.76 -20.68 -12.70
CA ARG D 383 15.96 -21.51 -12.81
C ARG D 383 17.11 -20.96 -11.99
N ILE D 384 17.25 -19.62 -11.93
CA ILE D 384 18.35 -19.08 -11.15
C ILE D 384 18.06 -19.21 -9.66
N SER D 385 16.78 -19.19 -9.27
CA SER D 385 16.45 -19.49 -7.88
C SER D 385 16.83 -20.92 -7.52
N GLN D 386 16.50 -21.86 -8.42
CA GLN D 386 16.91 -23.25 -8.21
C GLN D 386 18.42 -23.37 -8.11
N CYS D 387 19.15 -22.68 -8.99
CA CYS D 387 20.60 -22.81 -9.01
C CYS D 387 21.24 -22.20 -7.76
N ILE D 388 20.66 -21.11 -7.24
CA ILE D 388 21.20 -20.51 -6.03
C ILE D 388 20.92 -21.40 -4.83
N VAL D 389 19.69 -21.89 -4.70
CA VAL D 389 19.36 -22.75 -3.56
C VAL D 389 20.20 -24.01 -3.58
N GLN D 390 20.38 -24.61 -4.75
CA GLN D 390 21.12 -25.86 -4.85
C GLN D 390 22.62 -25.65 -4.94
N ALA D 391 23.08 -24.44 -5.24
CA ALA D 391 24.49 -24.10 -5.37
C ALA D 391 25.16 -24.92 -6.48
N ILE D 392 24.64 -24.74 -7.69
CA ILE D 392 25.26 -25.25 -8.91
C ILE D 392 25.20 -24.17 -9.97
N SER D 393 26.13 -24.21 -10.90
CA SER D 393 26.23 -23.17 -11.91
C SER D 393 25.07 -23.25 -12.90
N PRO D 394 24.41 -22.15 -13.22
CA PRO D 394 23.32 -22.20 -14.20
C PRO D 394 23.82 -22.58 -15.57
N GLY D 395 23.39 -23.74 -16.05
CA GLY D 395 23.88 -24.30 -17.30
C GLY D 395 24.70 -25.56 -17.13
N SER D 396 25.09 -25.90 -15.91
CA SER D 396 25.82 -27.13 -15.66
C SER D 396 24.84 -28.28 -15.41
N SER D 397 25.37 -29.49 -15.42
CA SER D 397 24.53 -30.68 -15.30
C SER D 397 23.80 -30.67 -13.98
N PRO D 398 22.50 -30.98 -13.96
CA PRO D 398 21.77 -31.02 -12.68
C PRO D 398 22.08 -32.25 -11.84
N LEU D 399 23.02 -33.09 -12.25
CA LEU D 399 23.38 -34.26 -11.49
C LEU D 399 24.19 -33.94 -10.25
N LEU D 400 24.58 -32.68 -10.05
CA LEU D 400 25.37 -32.27 -8.89
C LEU D 400 24.54 -32.09 -7.63
N GLN D 401 23.24 -32.38 -7.68
CA GLN D 401 22.42 -32.30 -6.48
C GLN D 401 22.77 -33.40 -5.48
N LEU D 402 23.29 -34.54 -5.96
CA LEU D 402 23.70 -35.60 -5.07
C LEU D 402 24.89 -35.13 -4.22
N PRO D 403 25.11 -35.75 -3.06
CA PRO D 403 26.03 -35.14 -2.09
C PRO D 403 27.50 -35.33 -2.41
N TYR D 404 27.86 -36.48 -2.99
CA TYR D 404 29.27 -36.84 -3.14
C TYR D 404 29.74 -36.72 -4.59
N PHE D 405 29.19 -35.79 -5.35
CA PHE D 405 29.59 -35.59 -6.73
C PHE D 405 30.43 -34.33 -6.88
N THR D 406 31.38 -34.40 -7.81
CA THR D 406 32.27 -33.32 -8.18
C THR D 406 32.28 -33.22 -9.70
N PRO D 407 32.61 -32.05 -10.25
CA PRO D 407 32.63 -31.91 -11.72
C PRO D 407 33.34 -33.03 -12.46
N LYS D 408 34.37 -33.64 -11.87
CA LYS D 408 35.02 -34.77 -12.52
C LYS D 408 34.07 -35.96 -12.66
N VAL D 409 33.31 -36.27 -11.62
CA VAL D 409 32.41 -37.42 -11.67
C VAL D 409 31.34 -37.22 -12.73
N VAL D 410 30.70 -36.05 -12.72
CA VAL D 410 29.65 -35.80 -13.70
C VAL D 410 30.24 -35.69 -15.10
N GLU D 411 31.49 -35.25 -15.22
CA GLU D 411 32.12 -35.20 -16.54
C GLU D 411 32.45 -36.60 -17.04
N SER D 412 32.66 -37.55 -16.14
CA SER D 412 33.01 -38.90 -16.54
C SER D 412 31.83 -39.86 -16.62
N VAL D 413 30.66 -39.49 -16.08
CA VAL D 413 29.53 -40.43 -16.09
C VAL D 413 28.60 -40.18 -17.28
N GLU D 414 28.38 -38.94 -17.67
CA GLU D 414 27.42 -38.62 -18.73
C GLU D 414 28.07 -38.47 -20.09
N GLY D 415 29.23 -39.06 -20.29
CA GLY D 415 29.92 -39.03 -21.57
C GLY D 415 31.10 -38.06 -21.56
N ALA D 416 31.92 -38.20 -22.59
CA ALA D 416 33.11 -37.36 -22.71
C ALA D 416 32.73 -35.89 -22.87
N ASP D 417 31.92 -35.60 -23.89
CA ASP D 417 31.48 -34.21 -24.14
C ASP D 417 30.17 -34.26 -24.90
N VAL D 418 29.08 -33.91 -24.23
CA VAL D 418 27.75 -33.91 -24.84
C VAL D 418 27.05 -32.61 -24.45
N LYS D 419 26.22 -32.10 -25.36
CA LYS D 419 25.55 -30.82 -25.15
C LYS D 419 24.30 -30.93 -24.29
N THR D 420 23.77 -32.12 -24.08
CA THR D 420 22.69 -32.32 -23.12
C THR D 420 23.26 -32.86 -21.81
N HIS D 421 22.43 -32.84 -20.78
CA HIS D 421 22.86 -33.24 -19.44
C HIS D 421 21.86 -34.23 -18.86
N LEU D 422 22.35 -35.42 -18.49
CA LEU D 422 21.51 -36.46 -17.94
C LEU D 422 20.89 -36.03 -16.62
N SER D 423 19.57 -35.84 -16.60
CA SER D 423 18.90 -35.48 -15.36
C SER D 423 18.96 -36.64 -14.37
N VAL D 424 18.50 -36.37 -13.15
CA VAL D 424 18.61 -37.36 -12.08
C VAL D 424 17.75 -38.57 -12.38
N GLN D 425 16.57 -38.36 -12.97
CA GLN D 425 15.67 -39.46 -13.25
C GLN D 425 16.30 -40.46 -14.21
N LYS D 426 16.75 -39.98 -15.38
CA LYS D 426 17.37 -40.88 -16.35
C LYS D 426 18.62 -41.54 -15.78
N TYR D 427 19.31 -40.89 -14.86
CA TYR D 427 20.48 -41.50 -14.24
C TYR D 427 20.07 -42.65 -13.34
N LEU D 428 19.05 -42.46 -12.51
CA LEU D 428 18.65 -43.49 -11.56
C LEU D 428 17.90 -44.65 -12.23
N ASP D 429 17.36 -44.44 -13.42
CA ASP D 429 16.61 -45.47 -14.12
C ASP D 429 17.47 -46.36 -15.01
N MET D 430 18.77 -46.12 -15.05
CA MET D 430 19.65 -46.97 -15.83
C MET D 430 19.79 -48.35 -15.16
N PRO D 431 20.23 -49.36 -15.91
CA PRO D 431 20.54 -50.65 -15.27
C PRO D 431 21.76 -50.56 -14.37
N GLU D 432 22.16 -51.70 -13.78
CA GLU D 432 23.28 -51.71 -12.83
C GLU D 432 24.62 -51.63 -13.58
N GLU D 433 24.78 -50.54 -14.33
CA GLU D 433 26.03 -50.22 -15.00
C GLU D 433 26.73 -49.01 -14.38
N ARG D 434 25.98 -48.13 -13.71
CA ARG D 434 26.59 -46.97 -13.08
C ARG D 434 27.62 -47.36 -12.02
N ARG D 435 27.46 -48.54 -11.41
CA ARG D 435 28.44 -49.01 -10.44
C ARG D 435 29.78 -49.28 -11.12
N ARG D 436 29.76 -49.88 -12.30
CA ARG D 436 30.97 -50.08 -13.08
C ARG D 436 31.44 -48.81 -13.75
N SER D 437 30.69 -47.73 -13.65
CA SER D 437 31.04 -46.47 -14.30
C SER D 437 31.63 -45.44 -13.35
N LEU D 438 31.19 -45.40 -12.10
CA LEU D 438 31.68 -44.39 -11.17
C LEU D 438 31.99 -44.91 -9.76
N THR D 439 31.88 -46.21 -9.52
CA THR D 439 32.18 -46.77 -8.20
C THR D 439 33.37 -47.72 -8.23
N VAL D 440 34.23 -47.61 -9.25
CA VAL D 440 35.40 -48.48 -9.33
C VAL D 440 36.32 -48.25 -8.14
N GLY D 441 36.66 -46.99 -7.89
CA GLY D 441 37.41 -46.63 -6.70
C GLY D 441 38.92 -46.42 -6.82
N PRO D 442 39.50 -46.31 -8.04
CA PRO D 442 40.80 -45.64 -8.15
C PRO D 442 40.61 -44.18 -8.51
N GLY D 443 39.36 -43.82 -8.77
CA GLY D 443 39.01 -42.53 -9.33
C GLY D 443 37.84 -41.86 -8.65
N LEU D 444 36.78 -41.65 -9.43
CA LEU D 444 35.63 -40.84 -9.08
C LEU D 444 35.17 -40.98 -7.63
N LEU D 445 34.77 -42.19 -7.24
CA LEU D 445 34.12 -42.37 -5.94
C LEU D 445 34.35 -43.79 -5.45
N THR D 446 33.95 -44.02 -4.21
CA THR D 446 33.95 -45.32 -3.57
C THR D 446 32.51 -45.77 -3.33
N GLU D 447 32.36 -47.07 -3.05
CA GLU D 447 31.02 -47.63 -2.86
C GLU D 447 30.36 -47.08 -1.59
N ASP D 448 31.15 -46.84 -0.55
CA ASP D 448 30.59 -46.36 0.71
C ASP D 448 29.94 -45.00 0.56
N GLN D 449 30.39 -44.20 -0.41
CA GLN D 449 29.78 -42.90 -0.66
C GLN D 449 28.66 -42.99 -1.69
N TYR D 450 28.82 -43.84 -2.71
CA TYR D 450 27.77 -44.02 -3.70
C TYR D 450 26.51 -44.58 -3.08
N ASN D 451 26.65 -45.41 -2.05
CA ASN D 451 25.47 -45.95 -1.37
C ASN D 451 24.65 -44.83 -0.73
N SER D 452 25.32 -43.93 -0.01
CA SER D 452 24.63 -42.79 0.57
C SER D 452 24.08 -41.86 -0.51
N ALA D 453 24.79 -41.74 -1.63
CA ALA D 453 24.29 -40.94 -2.75
C ALA D 453 22.95 -41.46 -3.23
N ILE D 454 22.85 -42.77 -3.43
CA ILE D 454 21.58 -43.35 -3.86
C ILE D 454 20.53 -43.23 -2.76
N ALA D 455 20.92 -43.43 -1.51
CA ALA D 455 19.97 -43.37 -0.40
C ALA D 455 19.38 -41.97 -0.23
N VAL D 456 20.13 -40.93 -0.62
CA VAL D 456 19.57 -39.58 -0.56
C VAL D 456 18.94 -39.18 -1.89
N ALA D 457 19.26 -39.86 -2.98
CA ALA D 457 18.57 -39.62 -4.24
C ALA D 457 17.18 -40.25 -4.27
N LYS D 458 16.94 -41.26 -3.45
CA LYS D 458 15.64 -41.91 -3.39
C LYS D 458 14.66 -41.22 -2.46
N GLN D 459 14.87 -39.92 -2.17
CA GLN D 459 13.96 -39.19 -1.29
C GLN D 459 13.65 -37.80 -1.81
N LEU D 460 13.67 -37.59 -3.12
CA LEU D 460 13.39 -36.23 -3.55
C LEU D 460 11.98 -36.11 -4.13
N PRO D 461 11.29 -34.99 -3.88
CA PRO D 461 9.94 -34.83 -4.42
C PRO D 461 9.98 -34.62 -5.93
N LEU D 462 9.15 -35.39 -6.64
CA LEU D 462 9.01 -35.29 -8.09
C LEU D 462 7.52 -35.39 -8.41
N PHE D 463 6.87 -34.25 -8.58
CA PHE D 463 5.45 -34.25 -8.88
C PHE D 463 5.22 -34.72 -10.32
N ALA D 464 4.35 -35.73 -10.48
CA ALA D 464 4.02 -36.29 -11.78
C ALA D 464 2.51 -36.22 -11.95
N ILE D 465 2.04 -35.20 -12.67
CA ILE D 465 0.60 -35.00 -12.82
C ILE D 465 0.02 -36.06 -13.75
N SER D 466 -1.22 -36.45 -13.48
CA SER D 466 -1.91 -37.47 -14.27
C SER D 466 -3.21 -36.98 -14.88
N LYS D 467 -3.89 -36.03 -14.25
CA LYS D 467 -5.13 -35.47 -14.78
C LYS D 467 -5.16 -33.99 -14.47
N ALA D 468 -5.34 -33.16 -15.51
CA ALA D 468 -5.46 -31.72 -15.36
C ALA D 468 -6.59 -31.26 -16.28
N PHE D 469 -7.81 -31.26 -15.76
CA PHE D 469 -8.99 -30.91 -16.53
C PHE D 469 -9.73 -29.76 -15.87
N PHE D 470 -10.18 -28.81 -16.68
CA PHE D 470 -10.91 -27.67 -16.16
C PHE D 470 -12.29 -28.10 -15.67
N LYS D 471 -12.85 -27.30 -14.77
CA LYS D 471 -14.14 -27.60 -14.18
C LYS D 471 -14.70 -26.33 -13.56
N VAL D 472 -15.98 -26.07 -13.81
CA VAL D 472 -16.66 -24.90 -13.27
C VAL D 472 -17.59 -25.35 -12.15
N ALA D 473 -17.71 -24.52 -11.12
CA ALA D 473 -18.47 -24.86 -9.93
C ALA D 473 -19.93 -24.46 -10.13
N GLY D 474 -20.81 -25.46 -10.13
CA GLY D 474 -22.25 -25.23 -10.25
C GLY D 474 -22.90 -25.88 -11.46
N GLU D 475 -22.13 -26.27 -12.46
CA GLU D 475 -22.68 -26.88 -13.67
C GLU D 475 -21.60 -27.74 -14.31
N ARG D 476 -21.88 -28.26 -15.50
CA ARG D 476 -20.98 -29.16 -16.19
C ARG D 476 -20.22 -28.50 -17.32
N VAL D 477 -20.85 -27.60 -18.07
CA VAL D 477 -20.22 -26.91 -19.19
C VAL D 477 -19.85 -25.51 -18.75
N VAL D 478 -18.62 -25.11 -19.02
CA VAL D 478 -18.13 -23.79 -18.61
C VAL D 478 -18.65 -22.74 -19.59
N THR D 479 -19.26 -21.69 -19.05
CA THR D 479 -19.88 -20.50 -19.62
C THR D 479 -18.85 -19.42 -19.85
N PRO D 480 -18.89 -18.72 -21.00
CA PRO D 480 -17.93 -17.65 -21.24
C PRO D 480 -18.01 -16.57 -20.17
N SER D 481 -16.85 -16.05 -19.79
CA SER D 481 -16.72 -15.02 -18.76
C SER D 481 -17.30 -15.49 -17.43
N SER D 482 -16.87 -16.68 -16.99
CA SER D 482 -17.29 -17.25 -15.72
C SER D 482 -16.04 -17.57 -14.90
N LEU D 483 -16.26 -18.13 -13.72
CA LEU D 483 -15.19 -18.51 -12.80
C LEU D 483 -14.95 -20.01 -12.92
N VAL D 484 -13.84 -20.38 -13.55
CA VAL D 484 -13.47 -21.77 -13.76
C VAL D 484 -12.24 -22.08 -12.91
N GLN D 485 -12.24 -23.25 -12.28
CA GLN D 485 -11.11 -23.70 -11.47
C GLN D 485 -10.56 -24.98 -12.06
N LEU D 486 -9.24 -25.05 -12.23
CA LEU D 486 -8.59 -26.22 -12.79
C LEU D 486 -8.11 -27.12 -11.65
N VAL D 487 -8.46 -28.39 -11.74
CA VAL D 487 -8.03 -29.38 -10.77
C VAL D 487 -6.84 -30.14 -11.35
N ILE D 488 -5.76 -30.22 -10.58
CA ILE D 488 -4.55 -30.92 -10.98
C ILE D 488 -4.16 -31.87 -9.86
N LYS D 489 -3.97 -33.14 -10.21
CA LYS D 489 -3.74 -34.17 -9.21
C LYS D 489 -2.69 -35.15 -9.69
N GLY D 490 -1.68 -35.37 -8.85
CA GLY D 490 -0.61 -36.30 -9.16
C GLY D 490 0.19 -36.70 -7.94
N ARG D 491 0.55 -37.97 -7.85
CA ARG D 491 1.21 -38.48 -6.67
C ARG D 491 2.68 -38.09 -6.65
N ILE D 492 3.21 -37.84 -5.46
CA ILE D 492 4.62 -37.49 -5.27
C ILE D 492 5.41 -38.79 -5.28
N ILE D 493 6.10 -39.06 -6.39
CA ILE D 493 6.87 -40.28 -6.54
C ILE D 493 8.34 -39.95 -6.72
N PRO D 494 9.21 -40.26 -5.76
CA PRO D 494 10.64 -40.03 -5.93
C PRO D 494 11.21 -40.94 -7.00
N PRO D 495 12.33 -40.56 -7.62
CA PRO D 495 12.85 -41.36 -8.74
C PRO D 495 13.45 -42.69 -8.29
N GLY D 496 12.58 -43.66 -8.02
CA GLY D 496 13.03 -44.98 -7.60
C GLY D 496 11.89 -45.91 -7.22
N ARG D 542 -2.98 -31.02 5.33
CA ARG D 542 -2.02 -29.96 5.63
C ARG D 542 -0.70 -30.56 6.12
N VAL D 543 -0.12 -31.44 5.32
CA VAL D 543 1.14 -32.08 5.66
C VAL D 543 2.29 -31.26 5.08
N GLN D 544 3.37 -31.13 5.84
CA GLN D 544 4.51 -30.36 5.39
C GLN D 544 5.50 -31.26 4.64
N PRO D 545 6.09 -30.77 3.55
CA PRO D 545 7.10 -31.55 2.85
C PRO D 545 8.46 -31.37 3.50
N PRO D 546 9.37 -32.33 3.33
CA PRO D 546 10.69 -32.18 3.94
C PRO D 546 11.46 -31.03 3.31
N LEU D 547 12.35 -30.45 4.11
CA LEU D 547 13.11 -29.29 3.67
C LEU D 547 14.07 -29.66 2.55
N ALA D 548 14.55 -28.64 1.85
CA ALA D 548 15.42 -28.85 0.70
C ALA D 548 16.77 -29.43 1.14
N HIS D 549 17.24 -30.43 0.41
CA HIS D 549 18.53 -31.06 0.68
C HIS D 549 19.63 -30.30 -0.05
N ALA D 550 19.96 -29.13 0.50
CA ALA D 550 20.96 -28.24 -0.07
C ALA D 550 21.84 -27.73 1.06
N PRO D 551 22.91 -28.46 1.40
CA PRO D 551 23.81 -28.04 2.47
C PRO D 551 24.91 -27.08 2.01
N TYR D 552 24.53 -26.06 1.23
CA TYR D 552 25.48 -25.07 0.76
C TYR D 552 24.88 -23.67 0.80
N LEU D 553 24.09 -23.39 1.83
CA LEU D 553 23.62 -22.03 2.08
C LEU D 553 23.24 -21.93 3.55
N PRO D 554 23.23 -20.73 4.11
CA PRO D 554 22.89 -20.59 5.53
C PRO D 554 21.49 -21.04 5.90
N ARG D 555 20.49 -20.44 5.25
CA ARG D 555 19.10 -20.68 5.64
C ARG D 555 18.56 -21.95 5.01
N ASP D 556 17.63 -22.59 5.73
CA ASP D 556 16.93 -23.77 5.23
C ASP D 556 15.66 -23.35 4.50
N HIS D 557 15.45 -23.91 3.31
CA HIS D 557 14.40 -23.47 2.42
C HIS D 557 13.32 -24.53 2.30
N PRO D 558 12.06 -24.23 2.62
CA PRO D 558 10.98 -25.18 2.37
C PRO D 558 10.61 -25.19 0.90
N PRO D 559 10.69 -26.36 0.25
CA PRO D 559 10.50 -26.39 -1.21
C PRO D 559 9.10 -26.02 -1.63
N ARG D 560 8.97 -24.89 -2.33
CA ARG D 560 7.68 -24.43 -2.82
C ARG D 560 7.46 -24.94 -4.24
N TRP D 561 6.27 -24.68 -4.78
CA TRP D 561 5.93 -25.07 -6.14
C TRP D 561 5.12 -23.96 -6.77
N HIS D 562 5.44 -23.63 -8.02
CA HIS D 562 4.75 -22.59 -8.76
C HIS D 562 4.02 -23.21 -9.94
N ILE D 563 2.72 -22.94 -10.04
CA ILE D 563 1.89 -23.46 -11.13
C ILE D 563 1.32 -22.26 -11.87
N PHE D 564 1.83 -22.00 -13.06
CA PHE D 564 1.27 -20.99 -13.95
C PHE D 564 1.05 -21.63 -15.31
N LEU D 565 0.20 -21.00 -16.11
CA LEU D 565 -0.11 -21.50 -17.44
C LEU D 565 -0.12 -20.36 -18.43
N ALA D 566 0.47 -20.59 -19.60
CA ALA D 566 0.62 -19.56 -20.61
C ALA D 566 0.45 -20.18 -21.99
N ASP D 567 0.24 -19.33 -22.98
CA ASP D 567 0.07 -19.76 -24.36
C ASP D 567 1.40 -19.66 -25.11
N ALA D 568 1.39 -20.06 -26.37
CA ALA D 568 2.61 -20.17 -27.17
C ALA D 568 2.73 -19.13 -28.26
N LYS D 569 1.62 -18.71 -28.88
CA LYS D 569 1.69 -17.81 -30.02
C LYS D 569 2.31 -16.47 -29.63
N GLN D 570 1.65 -15.73 -28.74
CA GLN D 570 2.16 -14.42 -28.33
C GLN D 570 3.29 -14.53 -27.31
N GLY D 571 3.55 -15.72 -26.76
CA GLY D 571 4.67 -15.91 -25.87
C GLY D 571 4.60 -15.17 -24.56
N LYS D 572 3.41 -14.77 -24.13
CA LYS D 572 3.23 -14.10 -22.86
C LYS D 572 2.49 -15.00 -21.89
N ILE D 573 2.39 -14.56 -20.65
CA ILE D 573 1.76 -15.33 -19.58
C ILE D 573 0.29 -14.96 -19.53
N ALA D 574 -0.54 -15.93 -19.13
CA ALA D 574 -1.99 -15.73 -19.08
C ALA D 574 -2.47 -15.45 -17.66
N VAL D 575 -2.16 -16.32 -16.71
CA VAL D 575 -2.61 -16.17 -15.32
C VAL D 575 -1.40 -16.20 -14.40
N PRO D 576 -1.31 -15.30 -13.42
CA PRO D 576 -0.21 -15.37 -12.48
C PRO D 576 -0.25 -16.67 -11.71
N PRO D 577 0.91 -17.16 -11.27
CA PRO D 577 0.96 -18.48 -10.62
C PRO D 577 0.32 -18.46 -9.24
N PHE D 578 0.07 -19.68 -8.75
CA PHE D 578 -0.54 -19.91 -7.44
C PHE D 578 0.47 -20.66 -6.59
N THR D 579 1.31 -19.92 -5.87
CA THR D 579 2.40 -20.52 -5.10
C THR D 579 1.87 -21.11 -3.81
N PHE D 580 2.05 -22.41 -3.63
CA PHE D 580 1.69 -23.10 -2.40
C PHE D 580 2.87 -23.91 -1.90
N THR D 581 2.77 -24.38 -0.66
CA THR D 581 3.89 -25.09 -0.05
C THR D 581 3.47 -26.29 0.78
N THR D 582 2.27 -26.83 0.55
CA THR D 582 1.80 -27.97 1.32
C THR D 582 0.89 -28.83 0.47
N PHE D 583 0.80 -30.11 0.82
CA PHE D 583 -0.04 -31.08 0.13
C PHE D 583 -1.08 -31.62 1.11
N ASP D 584 -1.83 -32.63 0.66
CA ASP D 584 -2.88 -33.26 1.46
C ASP D 584 -2.64 -34.77 1.44
N LYS D 585 -1.81 -35.26 2.35
CA LYS D 585 -1.47 -36.67 2.39
C LYS D 585 -2.70 -37.53 2.66
N THR D 595 5.09 -45.69 -2.61
CA THR D 595 5.29 -44.33 -3.09
C THR D 595 4.68 -43.33 -2.11
N PHE D 596 3.41 -42.98 -2.36
CA PHE D 596 2.67 -42.02 -1.55
C PHE D 596 1.21 -42.08 -1.98
N ASN D 597 0.41 -41.21 -1.40
CA ASN D 597 -1.03 -41.18 -1.69
C ASN D 597 -1.33 -40.20 -2.82
N MET D 598 -2.56 -40.28 -3.32
CA MET D 598 -2.99 -39.42 -4.43
C MET D 598 -3.32 -38.03 -3.91
N GLN D 599 -2.51 -37.05 -4.28
CA GLN D 599 -2.69 -35.68 -3.83
C GLN D 599 -3.80 -35.02 -4.65
N THR D 600 -3.98 -33.72 -4.45
CA THR D 600 -4.93 -32.92 -5.22
C THR D 600 -4.60 -31.45 -5.01
N LEU D 601 -4.77 -30.66 -6.07
CA LEU D 601 -4.44 -29.24 -6.03
C LEU D 601 -5.43 -28.48 -6.90
N ARG D 602 -5.86 -27.32 -6.42
CA ARG D 602 -6.89 -26.55 -7.11
C ARG D 602 -6.43 -25.10 -7.26
N MET D 603 -6.96 -24.46 -8.30
CA MET D 603 -6.61 -23.07 -8.61
C MET D 603 -7.67 -22.51 -9.54
N GLN D 604 -8.18 -21.32 -9.21
CA GLN D 604 -9.31 -20.74 -9.92
C GLN D 604 -8.91 -19.42 -10.58
N PHE D 605 -9.57 -19.11 -11.68
CA PHE D 605 -9.34 -17.86 -12.41
C PHE D 605 -10.55 -17.60 -13.29
N GLN D 606 -10.59 -16.39 -13.86
CA GLN D 606 -11.73 -15.95 -14.64
C GLN D 606 -11.52 -16.29 -16.12
N ALA D 607 -12.45 -17.04 -16.69
CA ALA D 607 -12.36 -17.39 -18.10
C ALA D 607 -12.58 -16.15 -18.97
N PRO D 608 -11.94 -16.08 -20.13
CA PRO D 608 -12.10 -14.92 -21.00
C PRO D 608 -13.41 -14.99 -21.77
N PRO D 609 -14.06 -13.85 -21.99
CA PRO D 609 -15.33 -13.87 -22.72
C PRO D 609 -15.14 -14.02 -24.23
N GLN D 610 -15.40 -15.22 -24.74
CA GLN D 610 -15.29 -15.54 -26.15
C GLN D 610 -16.18 -16.73 -26.45
N VAL D 611 -16.11 -17.22 -27.68
CA VAL D 611 -16.90 -18.39 -28.10
C VAL D 611 -15.97 -19.45 -28.66
N GLY D 612 -14.80 -19.04 -29.15
CA GLY D 612 -13.87 -19.96 -29.76
C GLY D 612 -12.96 -20.61 -28.74
N ASN D 613 -12.81 -21.92 -28.85
CA ASN D 613 -11.96 -22.67 -27.93
C ASN D 613 -10.50 -22.54 -28.33
N PHE D 614 -9.63 -22.48 -27.33
CA PHE D 614 -8.21 -22.28 -27.54
C PHE D 614 -7.43 -23.12 -26.54
N SER D 615 -6.12 -23.25 -26.80
CA SER D 615 -5.25 -24.15 -26.06
C SER D 615 -4.30 -23.36 -25.17
N PHE D 616 -3.97 -23.97 -24.03
CA PHE D 616 -3.02 -23.42 -23.08
C PHE D 616 -1.88 -24.40 -22.85
N VAL D 617 -0.87 -23.94 -22.12
CA VAL D 617 0.27 -24.76 -21.74
C VAL D 617 0.59 -24.44 -20.28
N LEU D 618 0.37 -25.39 -19.39
CA LEU D 618 0.66 -25.20 -17.98
C LEU D 618 2.07 -25.66 -17.66
N HIS D 619 2.69 -24.99 -16.70
CA HIS D 619 4.04 -25.32 -16.24
C HIS D 619 3.99 -25.74 -14.78
N MET D 620 4.73 -26.79 -14.46
CA MET D 620 4.87 -27.29 -13.09
C MET D 620 6.22 -26.89 -12.50
N ILE D 621 6.68 -25.68 -12.82
CA ILE D 621 8.02 -25.26 -12.45
C ILE D 621 8.13 -25.14 -10.94
N SER D 622 9.16 -25.75 -10.38
CA SER D 622 9.41 -25.72 -8.94
C SER D 622 10.79 -25.16 -8.66
N ASP D 623 10.90 -24.45 -7.55
CA ASP D 623 12.18 -23.92 -7.11
C ASP D 623 12.80 -24.85 -6.07
N SER D 624 13.99 -24.50 -5.61
CA SER D 624 14.80 -25.27 -4.67
C SER D 624 15.24 -26.62 -5.20
N TYR D 625 14.94 -26.91 -6.47
CA TYR D 625 15.39 -28.15 -7.11
C TYR D 625 15.49 -27.92 -8.61
N MET D 626 16.43 -28.62 -9.24
CA MET D 626 16.70 -28.45 -10.65
C MET D 626 16.56 -29.78 -11.37
N GLY D 627 15.79 -29.80 -12.46
CA GLY D 627 15.52 -31.00 -13.21
C GLY D 627 14.14 -31.58 -13.02
N PHE D 628 13.30 -30.94 -12.21
CA PHE D 628 11.95 -31.42 -11.92
C PHE D 628 10.96 -30.40 -12.48
N ASP D 629 10.62 -30.56 -13.75
CA ASP D 629 9.72 -29.63 -14.44
C ASP D 629 8.80 -30.42 -15.36
N VAL D 630 7.49 -30.17 -15.26
CA VAL D 630 6.50 -30.83 -16.08
C VAL D 630 5.86 -29.79 -16.98
N LYS D 631 5.88 -30.04 -18.29
CA LYS D 631 5.32 -29.13 -19.29
C LYS D 631 4.26 -29.91 -20.06
N GLN D 632 3.00 -29.74 -19.67
CA GLN D 632 1.88 -30.43 -20.30
C GLN D 632 0.98 -29.42 -21.02
N GLU D 633 0.41 -29.86 -22.14
CA GLU D 633 -0.46 -29.02 -22.95
C GLU D 633 -1.91 -29.41 -22.74
N ILE D 634 -2.75 -28.42 -22.43
CA ILE D 634 -4.17 -28.61 -22.18
C ILE D 634 -4.97 -27.79 -23.19
N THR D 635 -6.26 -28.12 -23.29
CA THR D 635 -7.15 -27.47 -24.24
C THR D 635 -8.38 -26.96 -23.48
N LEU D 636 -8.60 -25.66 -23.52
CA LEU D 636 -9.76 -25.06 -22.89
C LEU D 636 -10.98 -25.21 -23.79
N GLN D 637 -12.16 -25.06 -23.20
CA GLN D 637 -13.42 -25.16 -23.91
C GLN D 637 -14.32 -23.99 -23.54
N VAL D 638 -15.04 -23.47 -24.53
CA VAL D 638 -16.09 -22.49 -24.31
C VAL D 638 -17.23 -22.81 -25.28
N GLU D 639 -18.36 -23.26 -24.74
CA GLU D 639 -19.48 -23.73 -25.55
C GLU D 639 -20.64 -22.76 -25.59
N ASP D 640 -21.02 -22.19 -24.45
CA ASP D 640 -22.16 -21.27 -24.35
C ASP D 640 -23.44 -21.90 -24.90
N TRP E 3 -2.94 53.93 20.95
CA TRP E 3 -3.77 52.92 20.29
C TRP E 3 -3.03 51.58 20.22
N LEU E 4 -2.27 51.27 21.27
CA LEU E 4 -1.53 50.01 21.30
C LEU E 4 -2.48 48.81 21.40
N THR E 5 -3.63 48.99 22.06
CA THR E 5 -4.60 47.91 22.18
C THR E 5 -5.18 47.51 20.82
N LEU E 6 -5.14 48.40 19.83
CA LEU E 6 -5.63 48.08 18.50
C LEU E 6 -4.56 47.53 17.58
N VAL E 7 -3.28 47.69 17.92
CA VAL E 7 -2.20 47.14 17.11
C VAL E 7 -1.69 45.82 17.65
N VAL E 8 -1.90 45.52 18.94
CA VAL E 8 -1.46 44.23 19.49
C VAL E 8 -2.08 43.05 18.75
N PRO E 9 -3.40 42.96 18.57
CA PRO E 9 -3.94 41.82 17.81
C PRO E 9 -3.51 41.83 16.36
N PHE E 10 -3.39 43.01 15.76
CA PHE E 10 -2.87 43.09 14.39
C PHE E 10 -1.43 42.60 14.33
N ALA E 11 -0.62 42.92 15.34
CA ALA E 11 0.74 42.42 15.39
C ALA E 11 0.77 40.91 15.54
N TYR E 12 -0.12 40.35 16.36
CA TYR E 12 -0.21 38.91 16.52
C TYR E 12 -0.56 38.24 15.19
N LEU E 13 -1.59 38.73 14.51
CA LEU E 13 -1.97 38.17 13.21
C LEU E 13 -0.84 38.31 12.20
N GLY E 14 -0.14 39.44 12.23
CA GLY E 14 0.95 39.65 11.28
C GLY E 14 2.10 38.68 11.49
N VAL E 15 2.51 38.48 12.74
CA VAL E 15 3.61 37.56 12.99
C VAL E 15 3.19 36.12 12.68
N LEU E 16 1.93 35.77 12.94
CA LEU E 16 1.47 34.43 12.60
C LEU E 16 1.49 34.20 11.08
N ILE E 17 0.97 35.17 10.32
CA ILE E 17 0.96 35.04 8.87
C ILE E 17 2.38 35.00 8.33
N GLY E 18 3.28 35.81 8.90
CA GLY E 18 4.66 35.80 8.46
C GLY E 18 5.34 34.47 8.71
N CYS E 19 5.11 33.88 9.89
CA CYS E 19 5.67 32.56 10.16
C CYS E 19 5.12 31.51 9.19
N LEU E 20 3.81 31.55 8.94
CA LEU E 20 3.21 30.60 8.01
C LEU E 20 3.83 30.72 6.62
N ALA E 21 3.97 31.94 6.12
CA ALA E 21 4.49 32.14 4.77
C ALA E 21 5.97 31.77 4.69
N THR E 22 6.77 32.16 5.69
CA THR E 22 8.18 31.86 5.66
C THR E 22 8.46 30.38 5.89
N PHE E 23 7.51 29.62 6.43
CA PHE E 23 7.69 28.18 6.47
C PHE E 23 7.23 27.53 5.17
N SER E 24 6.12 28.01 4.60
CA SER E 24 5.61 27.42 3.37
C SER E 24 6.61 27.60 2.23
N SER E 25 7.18 28.80 2.09
CA SER E 25 8.15 29.03 1.03
C SER E 25 9.38 28.16 1.20
N LEU E 26 9.87 28.04 2.44
CA LEU E 26 11.05 27.22 2.69
C LEU E 26 10.78 25.75 2.38
N TYR E 27 9.60 25.25 2.76
CA TYR E 27 9.29 23.86 2.49
C TYR E 27 9.15 23.60 0.99
N ARG E 28 8.51 24.53 0.26
CA ARG E 28 8.39 24.36 -1.17
C ARG E 28 9.76 24.38 -1.85
N ARG E 29 10.65 25.26 -1.40
CA ARG E 29 12.00 25.31 -1.96
C ARG E 29 12.76 24.03 -1.66
N ARG E 30 12.62 23.49 -0.45
CA ARG E 30 13.30 22.24 -0.11
C ARG E 30 12.78 21.09 -0.96
N LYS E 31 11.47 21.04 -1.17
CA LYS E 31 10.90 19.97 -2.00
C LYS E 31 11.38 20.10 -3.44
N ALA E 32 11.44 21.33 -3.96
CA ALA E 32 11.95 21.52 -5.32
C ALA E 32 13.41 21.10 -5.44
N ALA E 33 14.22 21.43 -4.42
CA ALA E 33 15.63 21.02 -4.45
C ALA E 33 15.77 19.51 -4.39
N LYS E 34 14.97 18.85 -3.54
CA LYS E 34 15.02 17.40 -3.46
C LYS E 34 14.59 16.75 -4.77
N ALA E 35 13.58 17.33 -5.43
CA ALA E 35 13.15 16.79 -6.71
C ALA E 35 14.21 16.99 -7.78
N ALA E 36 14.89 18.13 -7.77
CA ALA E 36 15.93 18.39 -8.76
C ALA E 36 17.21 17.61 -8.48
N SER E 37 17.41 17.15 -7.25
CA SER E 37 18.61 16.40 -6.88
C SER E 37 18.53 14.93 -7.27
N LEU E 38 17.50 14.52 -7.99
CA LEU E 38 17.36 13.11 -8.37
C LEU E 38 18.35 12.75 -9.47
N GLU E 39 18.73 11.47 -9.49
CA GLU E 39 19.67 10.98 -10.49
C GLU E 39 18.99 10.82 -11.85
N PRO E 40 19.73 10.94 -12.94
CA PRO E 40 19.14 10.75 -14.26
C PRO E 40 18.74 9.31 -14.48
N TRP E 41 17.78 9.11 -15.38
CA TRP E 41 17.25 7.77 -15.63
C TRP E 41 18.22 6.93 -16.45
N PHE E 42 18.51 7.36 -17.66
CA PHE E 42 19.35 6.60 -18.58
C PHE E 42 20.73 7.22 -18.68
N PRO E 43 21.74 6.44 -19.09
CA PRO E 43 23.12 6.95 -19.14
C PRO E 43 23.22 8.19 -20.01
N PRO E 44 24.29 8.98 -19.85
CA PRO E 44 24.38 10.25 -20.58
C PRO E 44 24.34 10.06 -22.07
N HIS E 45 23.59 10.93 -22.74
CA HIS E 45 23.47 10.87 -24.19
C HIS E 45 24.80 11.16 -24.85
N LEU E 46 25.11 10.41 -25.91
CA LEU E 46 26.35 10.56 -26.65
C LEU E 46 26.17 11.14 -28.04
N GLN E 47 25.11 10.75 -28.75
CA GLN E 47 24.88 11.28 -30.08
C GLN E 47 24.56 12.78 -30.03
N ARG E 48 23.81 13.21 -29.02
CA ARG E 48 23.56 14.63 -28.83
C ARG E 48 24.86 15.37 -28.57
N ASP E 49 25.75 14.78 -27.77
CA ASP E 49 27.04 15.42 -27.50
C ASP E 49 27.85 15.56 -28.79
N ILE E 50 27.88 14.51 -29.61
CA ILE E 50 28.62 14.58 -30.86
C ILE E 50 28.03 15.65 -31.79
N TYR E 51 26.70 15.70 -31.88
CA TYR E 51 26.05 16.67 -32.76
C TYR E 51 26.32 18.09 -32.29
N HIS E 52 26.24 18.34 -30.99
CA HIS E 52 26.50 19.69 -30.48
C HIS E 52 27.97 20.06 -30.59
N SER E 53 28.87 19.09 -30.46
CA SER E 53 30.28 19.39 -30.68
C SER E 53 30.54 19.75 -32.14
N LEU E 54 29.88 19.04 -33.06
CA LEU E 54 29.98 19.41 -34.47
C LEU E 54 29.45 20.82 -34.72
N LEU E 55 28.32 21.15 -34.09
CA LEU E 55 27.77 22.50 -34.25
C LEU E 55 28.71 23.56 -33.70
N HIS E 56 29.33 23.29 -32.55
CA HIS E 56 30.27 24.24 -31.98
C HIS E 56 31.50 24.41 -32.86
N LEU E 57 32.00 23.30 -33.42
CA LEU E 57 33.11 23.39 -34.37
C LEU E 57 32.72 24.21 -35.59
N ASP E 58 31.46 24.09 -36.01
CA ASP E 58 30.95 24.95 -37.08
C ASP E 58 31.02 26.42 -36.66
N GLN E 59 30.56 26.71 -35.44
CA GLN E 59 30.58 28.09 -34.96
C GLN E 59 32.02 28.60 -34.79
N GLN E 60 32.92 27.73 -34.38
CA GLN E 60 34.33 28.09 -34.21
C GLN E 60 35.12 27.99 -35.51
N GLN E 61 34.46 27.78 -36.63
CA GLN E 61 35.14 27.68 -37.92
C GLN E 61 35.25 29.06 -38.57
N ARG E 68 35.86 24.60 -42.33
CA ARG E 68 34.57 24.44 -42.98
C ARG E 68 34.12 22.98 -42.94
N VAL E 69 32.94 22.75 -42.37
CA VAL E 69 32.38 21.41 -42.21
C VAL E 69 31.13 21.32 -43.09
N PRO E 70 30.96 20.25 -43.88
CA PRO E 70 29.75 20.12 -44.70
C PRO E 70 28.52 19.82 -43.87
N GLU E 71 27.36 19.72 -44.53
CA GLU E 71 26.10 19.44 -43.85
C GLU E 71 25.70 17.98 -43.91
N THR E 72 26.34 17.17 -44.76
CA THR E 72 26.01 15.75 -44.82
C THR E 72 26.34 15.06 -43.50
N VAL E 73 27.48 15.39 -42.92
CA VAL E 73 27.83 14.84 -41.61
C VAL E 73 26.83 15.30 -40.56
N LEU E 74 26.33 16.53 -40.68
CA LEU E 74 25.32 17.01 -39.76
C LEU E 74 24.03 16.20 -39.89
N LYS E 75 23.62 15.91 -41.12
CA LYS E 75 22.42 15.11 -41.33
C LYS E 75 22.59 13.70 -40.78
N ALA E 76 23.78 13.12 -40.97
CA ALA E 76 24.05 11.80 -40.40
C ALA E 76 23.99 11.83 -38.89
N ALA E 77 24.56 12.87 -38.27
CA ALA E 77 24.52 12.98 -36.82
C ALA E 77 23.09 13.13 -36.32
N LEU E 78 22.29 13.93 -37.00
CA LEU E 78 20.89 14.09 -36.60
C LEU E 78 20.12 12.80 -36.75
N LEU E 79 20.39 12.03 -37.82
CA LEU E 79 19.75 10.74 -37.98
C LEU E 79 20.11 9.79 -36.85
N ARG E 80 21.39 9.76 -36.48
CA ARG E 80 21.81 8.88 -35.38
C ARG E 80 21.18 9.31 -34.07
N ARG E 81 21.09 10.62 -33.83
CA ARG E 81 20.45 11.12 -32.62
C ARG E 81 18.98 10.74 -32.58
N ALA E 82 18.30 10.83 -33.73
CA ALA E 82 16.90 10.43 -33.78
C ALA E 82 16.74 8.94 -33.52
N ALA E 83 17.68 8.12 -34.02
CA ALA E 83 17.62 6.69 -33.77
C ALA E 83 17.79 6.38 -32.28
N GLU E 84 18.77 7.03 -31.65
CA GLU E 84 18.97 6.86 -30.21
C GLU E 84 17.73 7.27 -29.43
N ASP E 85 17.14 8.41 -29.79
CA ASP E 85 15.95 8.88 -29.08
C ASP E 85 14.76 7.95 -29.31
N ILE E 86 14.64 7.37 -30.50
CA ILE E 86 13.52 6.47 -30.74
C ILE E 86 13.71 5.16 -29.98
N LYS E 87 14.95 4.71 -29.82
CA LYS E 87 15.19 3.55 -28.96
C LYS E 87 14.84 3.86 -27.52
N ARG E 88 15.22 5.05 -27.05
CA ARG E 88 14.90 5.44 -25.67
C ARG E 88 13.39 5.50 -25.45
N VAL E 89 12.65 6.11 -26.38
CA VAL E 89 11.21 6.23 -26.18
C VAL E 89 10.53 4.88 -26.33
N MET E 90 11.08 3.98 -27.16
CA MET E 90 10.54 2.63 -27.23
C MET E 90 10.70 1.91 -25.89
N ALA E 91 11.89 2.03 -25.28
CA ALA E 91 12.09 1.43 -23.97
C ALA E 91 11.14 2.02 -22.93
N ILE E 92 10.94 3.34 -22.97
CA ILE E 92 10.06 4.00 -22.00
C ILE E 92 8.62 3.53 -22.19
N ARG E 93 8.16 3.43 -23.43
CA ARG E 93 6.80 2.95 -23.69
C ARG E 93 6.64 1.50 -23.27
N GLU E 94 7.69 0.70 -23.38
CA GLU E 94 7.61 -0.69 -22.91
C GLU E 94 7.54 -0.74 -21.39
N GLN E 95 8.25 0.14 -20.71
CA GLN E 95 8.35 0.08 -19.25
C GLN E 95 7.21 0.79 -18.53
N LYS E 96 6.48 1.68 -19.22
CA LYS E 96 5.48 2.50 -18.53
C LYS E 96 4.38 1.64 -17.90
N GLN E 97 3.75 0.78 -18.71
CA GLN E 97 2.64 -0.02 -18.20
C GLN E 97 3.10 -0.99 -17.13
N ALA E 98 4.30 -1.55 -17.30
CA ALA E 98 4.84 -2.47 -16.29
C ALA E 98 5.04 -1.76 -14.96
N LEU E 99 5.63 -0.56 -15.00
CA LEU E 99 5.83 0.18 -13.76
C LEU E 99 4.50 0.59 -13.13
N ALA E 100 3.52 0.95 -13.96
CA ALA E 100 2.21 1.34 -13.42
C ALA E 100 1.54 0.17 -12.74
N LEU E 101 1.60 -1.01 -13.34
CA LEU E 101 0.99 -2.20 -12.73
C LEU E 101 1.80 -2.67 -11.53
N LEU E 102 3.09 -2.38 -11.49
CA LEU E 102 3.94 -2.83 -10.40
C LEU E 102 3.83 -1.95 -9.17
N LEU E 103 3.54 -0.66 -9.36
CA LEU E 103 3.49 0.25 -8.22
C LEU E 103 2.37 -0.11 -7.25
N GLN E 104 1.29 -0.74 -7.74
CA GLN E 104 0.19 -1.09 -6.85
C GLN E 104 0.58 -2.18 -5.88
N ARG E 105 1.42 -3.13 -6.31
CA ARG E 105 1.86 -4.19 -5.41
C ARG E 105 2.74 -3.66 -4.29
N GLY E 106 3.30 -2.47 -4.44
CA GLY E 106 4.13 -1.90 -3.41
C GLY E 106 5.56 -2.36 -3.39
N SER E 107 5.98 -3.17 -4.36
CA SER E 107 7.35 -3.66 -4.41
C SER E 107 8.32 -2.66 -5.02
N VAL E 108 7.88 -1.43 -5.30
CA VAL E 108 8.73 -0.38 -5.84
C VAL E 108 8.37 0.93 -5.15
N GLY E 109 9.38 1.67 -4.72
CA GLY E 109 9.15 2.94 -4.07
C GLY E 109 8.61 3.99 -5.02
N ASP E 110 8.46 5.21 -4.48
CA ASP E 110 7.93 6.33 -5.26
C ASP E 110 9.01 7.07 -6.01
N GLU E 111 10.25 7.05 -5.51
CA GLU E 111 11.34 7.76 -6.17
C GLU E 111 11.54 7.25 -7.60
N LEU E 112 11.36 5.94 -7.81
CA LEU E 112 11.46 5.41 -9.17
C LEU E 112 10.37 5.97 -10.06
N TRP E 113 9.15 6.08 -9.53
CA TRP E 113 8.06 6.64 -10.31
C TRP E 113 8.33 8.10 -10.69
N GLN E 114 8.87 8.87 -9.74
CA GLN E 114 9.20 10.26 -10.04
C GLN E 114 10.31 10.36 -11.08
N ARG E 115 11.35 9.54 -10.95
CA ARG E 115 12.40 9.52 -11.94
C ARG E 115 11.85 9.16 -13.32
N PHE E 116 10.92 8.22 -13.36
CA PHE E 116 10.34 7.81 -14.65
C PHE E 116 9.51 8.94 -15.27
N LEU E 117 8.73 9.65 -14.45
CA LEU E 117 7.96 10.77 -14.97
C LEU E 117 8.87 11.86 -15.50
N ARG E 118 9.95 12.17 -14.76
CA ARG E 118 10.88 13.18 -15.23
C ARG E 118 11.55 12.74 -16.53
N ALA E 119 11.89 11.46 -16.64
CA ALA E 119 12.50 10.97 -17.88
C ALA E 119 11.54 11.06 -19.05
N GLU E 120 10.26 10.73 -18.82
CA GLU E 120 9.28 10.84 -19.90
C GLU E 120 9.12 12.28 -20.36
N LYS E 121 9.06 13.22 -19.41
CA LYS E 121 8.95 14.63 -19.78
C LYS E 121 10.18 15.10 -20.55
N GLU E 122 11.36 14.71 -20.09
CA GLU E 122 12.59 15.09 -20.79
C GLU E 122 12.63 14.51 -22.20
N MET E 123 12.14 13.27 -22.37
CA MET E 123 12.12 12.65 -23.68
C MET E 123 11.13 13.36 -24.61
N GLU E 124 9.99 13.79 -24.08
CA GLU E 124 9.05 14.56 -24.88
C GLU E 124 9.68 15.87 -25.34
N ASP E 125 10.35 16.56 -24.42
CA ASP E 125 11.04 17.80 -24.80
C ASP E 125 12.11 17.53 -25.85
N GLU E 126 12.84 16.43 -25.70
CA GLU E 126 13.91 16.10 -26.64
C GLU E 126 13.36 15.78 -28.02
N VAL E 127 12.27 15.03 -28.10
CA VAL E 127 11.72 14.68 -29.40
C VAL E 127 11.15 15.92 -30.08
N ARG E 128 10.53 16.81 -29.30
CA ARG E 128 10.07 18.07 -29.88
C ARG E 128 11.24 18.90 -30.41
N ASP E 129 12.33 18.98 -29.62
CA ASP E 129 13.48 19.76 -30.05
C ASP E 129 14.09 19.19 -31.32
N VAL E 130 14.20 17.87 -31.42
CA VAL E 130 14.87 17.29 -32.57
C VAL E 130 13.99 17.40 -33.81
N VAL E 131 12.66 17.28 -33.66
CA VAL E 131 11.81 17.45 -34.83
C VAL E 131 11.81 18.91 -35.29
N ALA E 132 11.90 19.85 -34.34
CA ALA E 132 12.00 21.26 -34.74
C ALA E 132 13.31 21.52 -35.47
N GLU E 133 14.43 21.00 -34.95
CA GLU E 133 15.71 21.18 -35.62
C GLU E 133 15.72 20.53 -37.00
N ALA E 134 15.06 19.38 -37.13
CA ALA E 134 15.01 18.71 -38.42
C ALA E 134 14.17 19.50 -39.42
N ASN E 135 13.04 20.03 -38.98
CA ASN E 135 12.27 20.92 -39.84
C ASN E 135 13.08 22.15 -40.24
N SER E 136 13.96 22.61 -39.34
CA SER E 136 14.84 23.72 -39.70
C SER E 136 15.91 23.30 -40.70
N TYR E 137 16.32 22.03 -40.69
CA TYR E 137 17.40 21.59 -41.57
C TYR E 137 16.95 21.49 -43.03
N ALA E 138 15.88 20.74 -43.29
CA ALA E 138 15.42 20.49 -44.64
C ALA E 138 13.92 20.72 -44.73
N PRO E 139 13.42 21.15 -45.89
CA PRO E 139 11.98 21.40 -46.04
C PRO E 139 11.16 20.14 -45.86
N ASN E 140 10.23 20.20 -44.91
CA ASN E 140 9.32 19.09 -44.60
C ASN E 140 10.11 17.80 -44.32
N TRP E 141 10.94 17.87 -43.28
CA TRP E 141 11.82 16.78 -42.89
C TRP E 141 11.61 16.45 -41.42
N GLY E 142 10.34 16.35 -41.02
CA GLY E 142 9.99 16.22 -39.61
C GLY E 142 9.54 14.84 -39.16
N GLN E 143 8.81 14.12 -40.02
CA GLN E 143 8.35 12.77 -39.71
C GLN E 143 9.09 11.68 -40.47
N VAL E 144 9.59 12.01 -41.66
CA VAL E 144 10.43 11.07 -42.40
C VAL E 144 11.67 10.73 -41.61
N ILE E 145 12.16 11.67 -40.79
CA ILE E 145 13.32 11.37 -39.95
C ILE E 145 13.01 10.23 -39.00
N PHE E 146 11.83 10.24 -38.38
CA PHE E 146 11.53 9.21 -37.40
C PHE E 146 11.13 7.90 -38.06
N GLN E 147 10.48 7.96 -39.22
CA GLN E 147 10.27 6.74 -39.98
C GLN E 147 11.59 6.08 -40.33
N SER E 148 12.51 6.84 -40.91
CA SER E 148 13.83 6.31 -41.22
C SER E 148 14.57 5.85 -39.97
N ALA E 149 14.35 6.54 -38.85
CA ALA E 149 15.05 6.17 -37.62
C ALA E 149 14.59 4.83 -37.09
N ARG E 150 13.26 4.62 -37.02
CA ARG E 150 12.78 3.32 -36.54
C ARG E 150 13.16 2.20 -37.49
N GLU E 151 13.10 2.46 -38.81
CA GLU E 151 13.50 1.43 -39.75
C GLU E 151 14.99 1.11 -39.62
N MET E 152 15.81 2.13 -39.46
CA MET E 152 17.25 1.92 -39.31
C MET E 152 17.57 1.16 -38.03
N ASP E 153 16.89 1.49 -36.94
CA ASP E 153 17.12 0.79 -35.68
C ASP E 153 16.74 -0.68 -35.80
N ALA E 154 15.56 -0.96 -36.36
CA ALA E 154 15.14 -2.34 -36.52
C ALA E 154 16.11 -3.12 -37.40
N ASN E 155 16.53 -2.53 -38.52
CA ASN E 155 17.44 -3.22 -39.41
C ASN E 155 18.80 -3.44 -38.74
N ALA E 156 19.26 -2.47 -37.94
CA ALA E 156 20.55 -2.61 -37.29
C ALA E 156 20.53 -3.73 -36.25
N THR E 157 19.50 -3.76 -35.41
CA THR E 157 19.44 -4.81 -34.39
C THR E 157 19.22 -6.17 -35.05
N TYR E 158 18.47 -6.24 -36.14
CA TYR E 158 18.30 -7.50 -36.84
C TYR E 158 19.62 -7.99 -37.45
N ARG E 159 20.38 -7.08 -38.06
CA ARG E 159 21.66 -7.46 -38.62
C ARG E 159 22.64 -7.91 -37.54
N ALA E 160 22.60 -7.25 -36.38
CA ALA E 160 23.44 -7.66 -35.27
C ALA E 160 23.09 -9.07 -34.81
N ARG E 161 21.79 -9.33 -34.63
CA ARG E 161 21.36 -10.68 -34.24
C ARG E 161 21.79 -11.71 -35.27
N MET E 162 21.68 -11.37 -36.56
CA MET E 162 22.05 -12.33 -37.60
C MET E 162 23.54 -12.62 -37.59
N GLU E 163 24.37 -11.58 -37.46
CA GLU E 163 25.81 -11.80 -37.38
C GLU E 163 26.18 -12.61 -36.15
N GLU E 164 25.50 -12.35 -35.03
CA GLU E 164 25.79 -13.10 -33.81
C GLU E 164 25.43 -14.58 -33.97
N TYR E 165 24.30 -14.87 -34.61
CA TYR E 165 23.92 -16.26 -34.83
C TYR E 165 24.80 -16.94 -35.86
N GLN E 166 25.33 -16.17 -36.82
CA GLN E 166 26.18 -16.75 -37.85
C GLN E 166 27.60 -17.02 -37.36
N ALA E 167 28.10 -16.21 -36.44
CA ALA E 167 29.47 -16.37 -35.95
C ALA E 167 29.65 -17.62 -35.07
N THR E 168 28.68 -18.52 -34.95
CA THR E 168 28.79 -19.67 -34.06
C THR E 168 29.15 -20.96 -34.81
N VAL E 169 29.10 -20.95 -36.14
CA VAL E 169 29.27 -22.18 -36.91
C VAL E 169 30.62 -22.85 -36.65
N ALA E 170 31.61 -22.07 -36.24
CA ALA E 170 32.94 -22.64 -36.02
C ALA E 170 32.93 -23.64 -34.86
N GLU E 171 32.30 -23.28 -33.75
CA GLU E 171 32.24 -24.18 -32.61
C GLU E 171 31.46 -25.44 -32.94
N GLU E 172 30.36 -25.30 -33.68
CA GLU E 172 29.57 -26.48 -34.05
C GLU E 172 30.36 -27.40 -34.97
N ARG E 173 31.08 -26.84 -35.94
CA ARG E 173 31.89 -27.66 -36.82
C ARG E 173 32.99 -28.37 -36.04
N ALA E 174 33.65 -27.66 -35.12
CA ALA E 174 34.68 -28.29 -34.31
C ALA E 174 34.11 -29.42 -33.45
N TRP E 175 32.95 -29.20 -32.85
CA TRP E 175 32.34 -30.23 -32.02
C TRP E 175 31.96 -31.46 -32.84
N TRP E 176 31.41 -31.24 -34.05
CA TRP E 176 31.04 -32.37 -34.89
C TRP E 176 32.27 -33.12 -35.37
N ASP E 177 33.35 -32.41 -35.69
CA ASP E 177 34.58 -33.08 -36.09
C ASP E 177 35.18 -33.86 -34.93
N LYS E 178 35.00 -33.37 -33.70
CA LYS E 178 35.49 -34.10 -32.54
C LYS E 178 34.69 -35.36 -32.29
N LYS E 179 33.36 -35.26 -32.34
CA LYS E 179 32.51 -36.41 -32.06
C LYS E 179 32.55 -37.45 -33.18
N ARG E 180 32.90 -37.04 -34.40
CA ARG E 180 32.94 -37.95 -35.53
C ARG E 180 34.04 -38.99 -35.36
N THR F 7 24.76 22.65 -21.21
CA THR F 7 24.07 21.43 -20.82
C THR F 7 24.65 20.21 -21.54
N TYR F 8 25.28 20.45 -22.68
CA TYR F 8 25.89 19.38 -23.47
C TYR F 8 27.33 19.17 -23.05
N THR F 9 27.79 17.94 -23.17
CA THR F 9 29.18 17.58 -22.91
C THR F 9 29.99 17.76 -24.18
N HIS F 10 30.97 18.67 -24.14
CA HIS F 10 31.76 18.97 -25.33
C HIS F 10 32.86 17.94 -25.52
N TYR F 11 33.06 17.55 -26.78
CA TYR F 11 34.13 16.63 -27.16
C TYR F 11 34.94 17.29 -28.26
N PRO F 12 36.24 17.53 -28.05
CA PRO F 12 37.04 18.19 -29.09
C PRO F 12 37.22 17.31 -30.32
N LEU F 13 36.60 17.69 -31.43
CA LEU F 13 36.69 16.91 -32.66
C LEU F 13 37.76 17.51 -33.57
N HIS F 14 37.97 16.86 -34.71
CA HIS F 14 38.94 17.35 -35.69
C HIS F 14 38.54 16.77 -37.05
N LEU F 15 38.00 17.62 -37.92
CA LEU F 15 37.57 17.18 -39.24
C LEU F 15 38.80 17.05 -40.15
N ASP F 16 38.84 15.95 -40.90
CA ASP F 16 39.93 15.71 -41.83
C ASP F 16 39.54 16.24 -43.20
N PRO F 17 40.27 17.21 -43.76
CA PRO F 17 39.90 17.74 -45.08
C PRO F 17 40.05 16.70 -46.16
N SER F 18 39.29 16.89 -47.24
CA SER F 18 39.27 16.04 -48.43
C SER F 18 38.86 14.60 -48.12
N SER F 19 38.37 14.32 -46.91
CA SER F 19 37.94 12.98 -46.55
C SER F 19 36.56 13.03 -45.92
N LYS F 20 36.20 14.17 -45.33
CA LYS F 20 34.92 14.37 -44.66
C LYS F 20 34.68 13.32 -43.58
N ALA F 21 35.74 12.88 -42.92
CA ALA F 21 35.66 11.90 -41.84
C ALA F 21 36.27 12.51 -40.58
N VAL F 22 35.52 12.47 -39.49
CA VAL F 22 35.95 13.10 -38.25
C VAL F 22 36.63 12.06 -37.36
N SER F 23 37.65 12.49 -36.65
CA SER F 23 38.38 11.65 -35.70
C SER F 23 38.58 12.42 -34.41
N LEU F 24 38.22 11.80 -33.29
CA LEU F 24 38.30 12.47 -31.99
C LEU F 24 39.73 12.91 -31.71
N ALA F 25 39.89 14.15 -31.27
CA ALA F 25 41.20 14.68 -30.95
C ALA F 25 41.75 13.97 -29.71
N THR F 26 43.05 14.13 -29.49
CA THR F 26 43.73 13.47 -28.38
C THR F 26 43.19 13.95 -27.03
N THR F 27 42.50 13.05 -26.33
CA THR F 27 41.94 13.32 -25.01
C THR F 27 41.03 14.54 -25.01
N GLY F 29 38.47 11.33 -23.91
CA GLY F 29 37.58 11.90 -22.92
C GLY F 29 38.02 11.61 -21.50
N GLN F 30 39.34 11.62 -21.28
CA GLN F 30 39.93 11.37 -19.97
C GLN F 30 39.53 10.01 -19.41
N THR F 31 39.20 9.06 -20.29
CA THR F 31 38.77 7.73 -19.90
C THR F 31 38.88 6.78 -21.10
N PRO F 32 39.47 5.60 -20.93
CA PRO F 32 39.60 4.69 -22.08
C PRO F 32 38.26 4.18 -22.58
N ALA F 33 37.31 3.92 -21.68
CA ALA F 33 35.98 3.46 -22.10
C ALA F 33 35.29 4.52 -22.95
N GLN F 34 35.30 5.77 -22.48
CA GLN F 34 34.73 6.85 -23.28
C GLN F 34 35.46 7.00 -24.60
N THR F 35 36.78 6.80 -24.60
CA THR F 35 37.57 6.93 -25.82
C THR F 35 37.12 5.90 -26.86
N GLU F 36 37.05 4.62 -26.46
CA GLU F 36 36.64 3.59 -27.41
C GLU F 36 35.18 3.75 -27.82
N ALA F 37 34.32 4.21 -26.91
CA ALA F 37 32.93 4.45 -27.27
C ALA F 37 32.82 5.52 -28.34
N VAL F 38 33.51 6.65 -28.14
CA VAL F 38 33.49 7.72 -29.13
C VAL F 38 34.13 7.27 -30.43
N GLU F 39 35.15 6.42 -30.36
CA GLU F 39 35.78 5.92 -31.57
C GLU F 39 34.80 5.07 -32.39
N ALA F 40 34.10 4.15 -31.73
CA ALA F 40 33.11 3.34 -32.44
C ALA F 40 31.98 4.20 -33.00
N GLU F 41 31.56 5.21 -32.23
CA GLU F 41 30.52 6.10 -32.69
C GLU F 41 30.96 6.87 -33.94
N LEU F 42 32.21 7.34 -33.95
CA LEU F 42 32.71 8.04 -35.12
C LEU F 42 32.87 7.10 -36.32
N GLN F 43 33.22 5.85 -36.06
CA GLN F 43 33.28 4.87 -37.14
C GLN F 43 31.90 4.70 -37.79
N GLN F 44 30.87 4.49 -36.98
CA GLN F 44 29.52 4.38 -37.52
C GLN F 44 29.08 5.68 -38.19
N LEU F 45 29.54 6.83 -37.68
CA LEU F 45 29.19 8.10 -38.29
C LEU F 45 29.81 8.23 -39.68
N ASN F 46 31.08 7.84 -39.82
CA ASN F 46 31.70 7.83 -41.13
C ASN F 46 30.99 6.87 -42.07
N ALA F 47 30.53 5.73 -41.54
CA ALA F 47 29.79 4.78 -42.36
C ALA F 47 28.51 5.41 -42.90
N LEU F 48 27.73 6.04 -42.01
CA LEU F 48 26.50 6.70 -42.46
C LEU F 48 26.80 7.84 -43.42
N HIS F 49 27.91 8.56 -43.22
CA HIS F 49 28.26 9.63 -44.15
C HIS F 49 28.57 9.08 -45.53
N ARG F 50 29.32 7.97 -45.60
CA ARG F 50 29.59 7.34 -46.89
C ARG F 50 28.30 6.89 -47.55
N SER F 51 27.39 6.29 -46.78
CA SER F 51 26.12 5.86 -47.33
C SER F 51 25.34 7.05 -47.90
N LEU F 52 25.31 8.16 -47.16
CA LEU F 52 24.52 9.31 -47.61
C LEU F 52 25.15 9.97 -48.83
N ILE F 53 26.47 10.04 -48.90
CA ILE F 53 27.09 10.67 -50.07
C ILE F 53 26.98 9.74 -51.28
N SER F 54 26.90 8.43 -51.06
CA SER F 54 26.67 7.50 -52.15
C SER F 54 25.20 7.39 -52.54
N LEU F 55 24.29 7.91 -51.72
CA LEU F 55 22.87 7.84 -52.05
C LEU F 55 22.55 8.69 -53.28
N ASP F 56 22.75 9.99 -53.18
CA ASP F 56 22.41 10.92 -54.25
C ASP F 56 23.03 12.28 -53.91
N PRO F 57 23.13 13.18 -54.88
CA PRO F 57 23.63 14.54 -54.60
C PRO F 57 22.83 15.22 -53.50
N PRO F 58 21.50 15.05 -53.44
CA PRO F 58 20.79 15.44 -52.21
C PRO F 58 21.10 14.46 -51.09
N ASN F 59 21.52 15.01 -49.94
CA ASN F 59 21.94 14.20 -48.80
C ASN F 59 20.79 13.87 -47.85
N VAL F 60 19.57 13.84 -48.34
CA VAL F 60 18.40 13.54 -47.53
C VAL F 60 17.93 12.13 -47.86
N PRO F 61 17.65 11.28 -46.88
CA PRO F 61 17.22 9.92 -47.16
C PRO F 61 15.77 9.88 -47.60
N PRO F 62 15.43 9.01 -48.55
CA PRO F 62 14.05 8.92 -49.03
C PRO F 62 13.17 8.20 -48.01
N PRO F 63 11.86 8.43 -48.04
CA PRO F 63 10.96 7.78 -47.09
C PRO F 63 10.89 6.28 -47.36
N PRO F 64 10.49 5.49 -46.37
CA PRO F 64 10.40 4.03 -46.56
C PRO F 64 9.14 3.54 -47.23
N LEU F 65 8.34 4.42 -47.85
CA LEU F 65 7.10 3.97 -48.47
C LEU F 65 7.37 3.26 -49.79
N PRO F 66 8.10 3.85 -50.74
CA PRO F 66 8.42 3.12 -51.97
C PRO F 66 9.69 2.28 -51.82
N ILE F 67 9.83 1.33 -52.74
CA ILE F 67 10.96 0.41 -52.76
C ILE F 67 11.56 0.39 -54.15
N ASN F 68 12.87 0.60 -54.24
CA ASN F 68 13.56 0.53 -55.52
C ASN F 68 13.61 -0.92 -55.98
N PRO F 69 13.03 -1.27 -57.13
CA PRO F 69 12.92 -2.68 -57.50
C PRO F 69 14.17 -3.29 -58.12
N LYS F 70 15.23 -2.52 -58.36
CA LYS F 70 16.40 -3.07 -59.05
C LYS F 70 17.13 -4.07 -58.17
N ARG F 71 17.30 -3.76 -56.88
CA ARG F 71 18.01 -4.68 -55.99
C ARG F 71 17.18 -5.94 -55.75
N SER F 72 15.87 -5.79 -55.61
CA SER F 72 15.00 -6.97 -55.47
C SER F 72 15.05 -7.84 -56.72
N ALA F 73 15.07 -7.21 -57.90
CA ALA F 73 15.16 -7.98 -59.14
C ALA F 73 16.49 -8.71 -59.23
N GLN F 74 17.57 -8.06 -58.84
CA GLN F 74 18.88 -8.72 -58.86
C GLN F 74 18.92 -9.89 -57.88
N ILE F 75 18.35 -9.70 -56.69
CA ILE F 75 18.32 -10.79 -55.71
C ILE F 75 17.50 -11.95 -56.24
N THR F 76 16.36 -11.65 -56.87
CA THR F 76 15.51 -12.73 -57.38
C THR F 76 16.18 -13.48 -58.52
N LYS F 77 16.89 -12.77 -59.41
CA LYS F 77 17.55 -13.46 -60.51
C LYS F 77 18.74 -14.27 -60.02
N LEU F 78 19.45 -13.76 -59.00
CA LEU F 78 20.52 -14.55 -58.40
C LEU F 78 19.97 -15.82 -57.75
N LYS F 79 18.85 -15.70 -57.03
CA LYS F 79 18.23 -16.87 -56.44
C LYS F 79 17.77 -17.85 -57.51
N GLU F 80 17.25 -17.34 -58.63
CA GLU F 80 16.79 -18.21 -59.70
C GLU F 80 17.96 -18.98 -60.32
N THR F 81 19.04 -18.29 -60.66
CA THR F 81 20.19 -18.99 -61.25
C THR F 81 20.83 -19.93 -60.25
N ALA F 82 20.82 -19.60 -58.96
CA ALA F 82 21.33 -20.52 -57.96
C ALA F 82 20.44 -21.77 -57.86
N ASN F 83 19.12 -21.59 -57.98
CA ASN F 83 18.23 -22.75 -57.95
C ASN F 83 18.45 -23.64 -59.17
N THR F 84 18.66 -23.03 -60.34
CA THR F 84 18.97 -23.83 -61.53
C THR F 84 20.30 -24.57 -61.38
N ALA F 85 21.30 -23.90 -60.80
CA ALA F 85 22.60 -24.55 -60.60
C ALA F 85 22.49 -25.69 -59.60
N TYR F 86 21.65 -25.53 -58.57
CA TYR F 86 21.47 -26.60 -57.59
C TYR F 86 20.71 -27.78 -58.18
N LYS F 87 19.65 -27.51 -58.94
CA LYS F 87 18.91 -28.58 -59.59
C LYS F 87 19.73 -29.25 -60.68
N ARG F 88 20.73 -28.57 -61.23
CA ARG F 88 21.59 -29.18 -62.24
C ARG F 88 22.39 -30.34 -61.67
N GLY F 89 22.67 -30.32 -60.37
CA GLY F 89 23.39 -31.40 -59.74
C GLY F 89 24.51 -30.94 -58.83
N ASN F 90 25.17 -29.83 -59.20
CA ASN F 90 26.26 -29.32 -58.40
C ASN F 90 25.73 -28.65 -57.13
N HIS F 91 26.60 -28.58 -56.12
CA HIS F 91 26.21 -28.00 -54.84
C HIS F 91 27.24 -26.99 -54.34
N GLY F 92 28.49 -27.15 -54.76
CA GLY F 92 29.54 -26.25 -54.32
C GLY F 92 29.33 -24.82 -54.79
N GLU F 93 29.40 -24.62 -56.12
CA GLU F 93 29.12 -23.29 -56.66
C GLU F 93 27.71 -22.85 -56.33
N ALA F 94 26.80 -23.80 -56.10
CA ALA F 94 25.44 -23.46 -55.69
C ALA F 94 25.44 -22.68 -54.37
N VAL F 95 26.05 -23.26 -53.33
CA VAL F 95 26.08 -22.58 -52.04
C VAL F 95 27.00 -21.37 -52.10
N ARG F 96 28.01 -21.38 -52.97
CA ARG F 96 28.84 -20.20 -53.14
C ARG F 96 28.01 -19.01 -53.64
N LEU F 97 27.23 -19.24 -54.69
CA LEU F 97 26.38 -18.18 -55.23
C LEU F 97 25.25 -17.83 -54.26
N TYR F 98 24.79 -18.79 -53.47
CA TYR F 98 23.82 -18.47 -52.42
C TYR F 98 24.41 -17.50 -51.41
N SER F 99 25.63 -17.78 -50.94
CA SER F 99 26.29 -16.87 -50.02
C SER F 99 26.53 -15.51 -50.67
N TYR F 100 26.85 -15.49 -51.96
CA TYR F 100 27.01 -14.22 -52.67
C TYR F 100 25.70 -13.44 -52.70
N ALA F 101 24.58 -14.13 -52.91
CA ALA F 101 23.29 -13.47 -52.92
C ALA F 101 22.93 -12.94 -51.53
N ILE F 102 23.29 -13.69 -50.48
CA ILE F 102 23.07 -13.19 -49.12
C ILE F 102 23.91 -11.94 -48.87
N GLU F 103 25.15 -11.94 -49.33
CA GLU F 103 26.00 -10.76 -49.17
C GLU F 103 25.44 -9.58 -49.95
N MET F 104 24.84 -9.83 -51.10
CA MET F 104 24.25 -8.75 -51.89
C MET F 104 23.01 -8.19 -51.21
N ALA F 105 22.14 -9.07 -50.71
CA ALA F 105 20.93 -8.60 -50.04
C ALA F 105 21.26 -7.89 -48.73
N ALA F 106 22.35 -8.30 -48.06
CA ALA F 106 22.76 -7.62 -46.84
C ALA F 106 23.17 -6.18 -47.08
N GLY F 107 23.54 -5.83 -48.31
CA GLY F 107 23.88 -4.46 -48.66
C GLY F 107 22.71 -3.50 -48.64
N ARG F 108 21.52 -3.97 -48.35
CA ARG F 108 20.36 -3.09 -48.25
C ARG F 108 20.55 -2.13 -47.08
N PRO F 109 20.43 -0.83 -47.31
CA PRO F 109 20.63 0.13 -46.21
C PRO F 109 19.53 0.00 -45.16
N GLY F 110 19.73 0.75 -44.06
CA GLY F 110 18.81 0.65 -42.94
C GLY F 110 17.56 1.49 -43.08
N TRP F 111 17.62 2.57 -43.86
CA TRP F 111 16.46 3.44 -44.00
C TRP F 111 15.34 2.79 -44.80
N GLU F 112 15.64 1.73 -45.55
CA GLU F 112 14.61 1.00 -46.26
C GLU F 112 13.84 0.10 -45.31
N PRO F 113 12.64 -0.34 -45.68
CA PRO F 113 11.86 -1.19 -44.78
C PRO F 113 12.61 -2.46 -44.42
N VAL F 114 12.32 -2.97 -43.22
CA VAL F 114 13.03 -4.14 -42.71
C VAL F 114 12.33 -5.45 -43.03
N ASN F 115 11.02 -5.42 -43.29
CA ASN F 115 10.30 -6.66 -43.58
C ASN F 115 10.74 -7.28 -44.89
N LEU F 116 11.00 -6.44 -45.90
CA LEU F 116 11.44 -6.96 -47.20
C LEU F 116 12.78 -7.68 -47.08
N ALA F 117 13.77 -7.03 -46.48
CA ALA F 117 15.07 -7.65 -46.29
C ALA F 117 14.96 -8.88 -45.40
N ARG F 118 14.08 -8.84 -44.40
CA ARG F 118 13.87 -9.99 -43.54
C ARG F 118 13.37 -11.18 -44.33
N GLU F 119 12.38 -10.96 -45.21
CA GLU F 119 11.85 -12.04 -46.02
C GLU F 119 12.89 -12.56 -47.00
N GLU F 120 13.66 -11.66 -47.61
CA GLU F 120 14.70 -12.10 -48.55
C GLU F 120 15.73 -12.97 -47.85
N LEU F 121 16.20 -12.54 -46.67
CA LEU F 121 17.15 -13.34 -45.92
C LEU F 121 16.54 -14.66 -45.47
N SER F 122 15.24 -14.65 -45.14
CA SER F 122 14.56 -15.90 -44.80
C SER F 122 14.66 -16.89 -45.95
N GLY F 123 14.25 -16.46 -47.14
CA GLY F 123 14.31 -17.35 -48.30
C GLY F 123 15.72 -17.83 -48.58
N LEU F 124 16.68 -16.91 -48.56
CA LEU F 124 18.06 -17.28 -48.88
C LEU F 124 18.63 -18.26 -47.87
N TYR F 125 18.39 -18.03 -46.57
CA TYR F 125 18.91 -18.91 -45.54
C TYR F 125 18.24 -20.28 -45.61
N ALA F 126 16.94 -20.33 -45.84
CA ALA F 126 16.27 -21.62 -45.98
C ALA F 126 16.83 -22.40 -47.16
N ASN F 127 17.01 -21.74 -48.29
CA ASN F 127 17.54 -22.42 -49.47
C ASN F 127 18.97 -22.90 -49.25
N ARG F 128 19.81 -22.07 -48.62
CA ARG F 128 21.18 -22.48 -48.36
C ARG F 128 21.25 -23.60 -47.34
N ALA F 129 20.34 -23.61 -46.36
CA ALA F 129 20.32 -24.71 -45.40
C ALA F 129 19.93 -26.01 -46.09
N GLN F 130 18.95 -25.97 -46.99
CA GLN F 130 18.61 -27.17 -47.74
C GLN F 130 19.78 -27.63 -48.60
N ALA F 131 20.47 -26.70 -49.24
CA ALA F 131 21.62 -27.06 -50.06
C ALA F 131 22.74 -27.69 -49.21
N HIS F 132 22.95 -27.16 -48.00
CA HIS F 132 23.94 -27.74 -47.12
C HIS F 132 23.53 -29.13 -46.65
N MET F 133 22.24 -29.33 -46.36
CA MET F 133 21.74 -30.66 -46.05
C MET F 133 21.99 -31.62 -47.20
N ALA F 134 21.90 -31.13 -48.44
CA ALA F 134 22.28 -31.96 -49.58
C ALA F 134 23.77 -32.27 -49.61
N GLN F 135 24.58 -31.52 -48.85
CA GLN F 135 26.02 -31.71 -48.83
C GLN F 135 26.51 -32.48 -47.60
N GLN F 136 25.60 -32.97 -46.77
CA GLN F 136 25.89 -33.71 -45.54
C GLN F 136 26.64 -32.87 -44.51
N MET F 137 26.70 -31.55 -44.70
CA MET F 137 27.33 -30.65 -43.73
C MET F 137 26.26 -30.22 -42.75
N TRP F 138 26.17 -30.93 -41.63
CA TRP F 138 25.05 -30.79 -40.70
C TRP F 138 25.14 -29.57 -39.79
N PRO F 139 26.30 -29.22 -39.21
CA PRO F 139 26.34 -28.01 -38.38
C PRO F 139 26.04 -26.73 -39.15
N GLU F 140 26.60 -26.59 -40.35
CA GLU F 140 26.32 -25.41 -41.16
C GLU F 140 24.86 -25.35 -41.56
N GLY F 141 24.29 -26.50 -41.93
CA GLY F 141 22.86 -26.54 -42.23
C GLY F 141 22.02 -26.15 -41.02
N TRP F 142 22.42 -26.59 -39.83
CA TRP F 142 21.66 -26.26 -38.63
C TRP F 142 21.72 -24.78 -38.32
N VAL F 143 22.91 -24.17 -38.40
CA VAL F 143 22.98 -22.75 -38.09
C VAL F 143 22.26 -21.93 -39.15
N ASP F 144 22.32 -22.35 -40.41
CA ASP F 144 21.58 -21.63 -41.45
C ASP F 144 20.07 -21.75 -41.23
N ALA F 145 19.59 -22.93 -40.85
CA ALA F 145 18.18 -23.09 -40.56
C ALA F 145 17.78 -22.26 -39.35
N LYS F 146 18.66 -22.15 -38.35
CA LYS F 146 18.36 -21.34 -37.19
C LYS F 146 18.24 -19.87 -37.56
N CYS F 147 19.17 -19.38 -38.38
CA CYS F 147 19.05 -17.99 -38.86
C CYS F 147 17.77 -17.79 -39.66
N SER F 148 17.42 -18.76 -40.50
CA SER F 148 16.20 -18.64 -41.30
C SER F 148 14.97 -18.54 -40.42
N VAL F 149 14.86 -19.42 -39.43
CA VAL F 149 13.67 -19.43 -38.58
C VAL F 149 13.68 -18.22 -37.64
N GLU F 150 14.86 -17.71 -37.29
CA GLU F 150 14.91 -16.49 -36.49
C GLU F 150 14.48 -15.27 -37.29
N SER F 151 14.75 -15.27 -38.60
CA SER F 151 14.28 -14.18 -39.44
C SER F 151 12.76 -14.10 -39.43
N LYS F 152 12.10 -15.12 -39.95
CA LYS F 152 10.64 -15.18 -40.00
C LYS F 152 10.16 -16.49 -39.41
N PRO F 153 9.62 -16.50 -38.19
CA PRO F 153 9.17 -17.76 -37.60
C PRO F 153 7.80 -18.22 -38.03
N VAL F 154 6.96 -17.34 -38.56
CA VAL F 154 5.60 -17.67 -38.93
C VAL F 154 5.56 -17.98 -40.42
N GLY F 155 5.09 -19.18 -40.76
CA GLY F 155 4.98 -19.61 -42.13
C GLY F 155 6.16 -20.39 -42.67
N ASN F 156 7.26 -20.48 -41.92
CA ASN F 156 8.45 -21.20 -42.37
C ASN F 156 8.46 -22.62 -41.80
N ALA F 157 7.46 -23.41 -42.19
CA ALA F 157 7.39 -24.80 -41.74
C ALA F 157 8.59 -25.60 -42.22
N LYS F 158 9.03 -25.36 -43.46
CA LYS F 158 10.20 -26.05 -43.98
C LYS F 158 11.44 -25.73 -43.15
N GLY F 159 11.52 -24.54 -42.58
CA GLY F 159 12.66 -24.20 -41.75
C GLY F 159 12.71 -25.03 -40.48
N TRP F 160 11.59 -25.09 -39.74
CA TRP F 160 11.53 -25.94 -38.57
C TRP F 160 11.82 -27.39 -38.93
N TRP F 161 11.27 -27.86 -40.06
CA TRP F 161 11.46 -29.24 -40.46
C TRP F 161 12.93 -29.55 -40.72
N ARG F 162 13.60 -28.66 -41.46
CA ARG F 162 15.02 -28.87 -41.75
C ARG F 162 15.86 -28.81 -40.49
N GLY F 163 15.56 -27.88 -39.59
CA GLY F 163 16.29 -27.82 -38.33
C GLY F 163 16.13 -29.09 -37.51
N GLY F 164 14.89 -29.57 -37.39
CA GLY F 164 14.65 -30.79 -36.63
C GLY F 164 15.32 -32.00 -37.26
N LYS F 165 15.30 -32.09 -38.60
CA LYS F 165 15.96 -33.20 -39.26
C LYS F 165 17.47 -33.16 -39.05
N CYS F 166 18.07 -31.97 -39.19
CA CYS F 166 19.50 -31.84 -38.94
C CYS F 166 19.85 -32.25 -37.51
N LEU F 167 19.05 -31.80 -36.53
CA LEU F 167 19.30 -32.18 -35.15
C LEU F 167 19.22 -33.68 -34.97
N VAL F 168 18.08 -34.28 -35.34
CA VAL F 168 17.88 -35.72 -35.17
C VAL F 168 18.98 -36.51 -35.84
N GLU F 169 19.51 -36.01 -36.96
CA GLU F 169 20.60 -36.70 -37.62
C GLU F 169 21.90 -36.55 -36.84
N MET F 170 22.15 -35.38 -36.27
CA MET F 170 23.42 -35.12 -35.60
C MET F 170 23.39 -35.42 -34.10
N GLY F 171 22.25 -35.85 -33.56
CA GLY F 171 22.15 -36.14 -32.15
C GLY F 171 21.43 -35.04 -31.38
N ARG F 172 21.68 -35.03 -30.07
CA ARG F 172 21.07 -34.05 -29.16
C ARG F 172 19.54 -34.10 -29.25
N TYR F 173 18.99 -35.26 -28.89
CA TYR F 173 17.56 -35.49 -29.06
C TYR F 173 16.72 -34.53 -28.23
N ASP F 174 17.26 -34.04 -27.11
CA ASP F 174 16.50 -33.08 -26.30
C ASP F 174 16.31 -31.76 -27.04
N GLU F 175 17.36 -31.27 -27.69
CA GLU F 175 17.23 -30.06 -28.48
C GLU F 175 16.23 -30.24 -29.61
N ALA F 176 16.22 -31.43 -30.23
CA ALA F 176 15.27 -31.68 -31.30
C ALA F 176 13.84 -31.73 -30.76
N ARG F 177 13.64 -32.34 -29.59
CA ARG F 177 12.31 -32.37 -28.99
C ARG F 177 11.82 -30.96 -28.71
N ALA F 178 12.69 -30.12 -28.13
CA ALA F 178 12.29 -28.74 -27.85
C ALA F 178 12.03 -27.97 -29.13
N TRP F 179 12.83 -28.20 -30.16
CA TRP F 179 12.65 -27.54 -31.45
C TRP F 179 11.29 -27.86 -32.04
N ILE F 180 10.97 -29.15 -32.15
CA ILE F 180 9.71 -29.54 -32.76
C ILE F 180 8.53 -29.16 -31.85
N GLU F 181 8.75 -29.11 -30.54
CA GLU F 181 7.69 -28.67 -29.63
C GLU F 181 7.35 -27.21 -29.87
N GLN F 182 8.36 -26.36 -29.98
CA GLN F 182 8.12 -24.96 -30.29
C GLN F 182 7.50 -24.80 -31.67
N ALA F 183 7.92 -25.65 -32.62
CA ALA F 183 7.34 -25.62 -33.96
C ALA F 183 5.84 -25.91 -33.91
N LEU F 184 5.45 -26.96 -33.20
CA LEU F 184 4.03 -27.28 -33.06
C LEU F 184 3.29 -26.18 -32.32
N GLY F 185 3.95 -25.56 -31.32
CA GLY F 185 3.33 -24.46 -30.62
C GLY F 185 3.06 -23.26 -31.50
N ILE F 186 3.94 -23.02 -32.48
CA ILE F 186 3.74 -21.92 -33.42
C ILE F 186 2.97 -22.38 -34.64
N GLU F 187 3.37 -23.50 -35.24
CA GLU F 187 2.71 -24.07 -36.41
C GLU F 187 2.65 -23.06 -37.56
N SER F 191 -2.88 -28.10 -43.84
CA SER F 191 -1.52 -27.70 -43.51
C SER F 191 -0.57 -28.88 -43.54
N ASP F 192 0.13 -29.04 -44.66
CA ASP F 192 1.10 -30.13 -44.78
C ASP F 192 2.28 -29.94 -43.84
N GLY F 193 2.58 -28.69 -43.47
CA GLY F 193 3.67 -28.46 -42.54
C GLY F 193 3.41 -29.08 -41.18
N GLY F 194 2.18 -28.98 -40.69
CA GLY F 194 1.84 -29.61 -39.42
C GLY F 194 1.98 -31.12 -39.47
N LYS F 195 1.54 -31.73 -40.57
CA LYS F 195 1.66 -33.18 -40.71
C LYS F 195 3.12 -33.60 -40.78
N GLU F 196 3.95 -32.85 -41.51
CA GLU F 196 5.36 -33.16 -41.59
C GLU F 196 6.03 -33.02 -40.21
N LEU F 197 5.67 -31.97 -39.47
CA LEU F 197 6.23 -31.79 -38.13
C LEU F 197 5.81 -32.92 -37.20
N ALA F 198 4.54 -33.34 -37.27
CA ALA F 198 4.09 -34.45 -36.45
C ALA F 198 4.80 -35.74 -36.81
N ALA F 199 5.01 -35.99 -38.10
CA ALA F 199 5.74 -37.19 -38.53
C ALA F 199 7.18 -37.15 -38.03
N LEU F 200 7.83 -36.00 -38.12
CA LEU F 200 9.21 -35.89 -37.64
C LEU F 200 9.28 -36.06 -36.12
N LEU F 201 8.29 -35.54 -35.40
CA LEU F 201 8.29 -35.69 -33.95
C LEU F 201 8.05 -37.14 -33.55
N GLU F 202 7.19 -37.85 -34.28
CA GLU F 202 6.97 -39.26 -33.99
C GLU F 202 8.18 -40.10 -34.37
N GLU F 203 8.92 -39.70 -35.41
CA GLU F 203 10.11 -40.42 -35.84
C GLU F 203 11.33 -40.13 -34.98
N ILE F 204 11.19 -39.37 -33.90
CA ILE F 204 12.31 -39.02 -33.05
C ILE F 204 12.67 -40.18 -32.13
N GLU G 244 -20.78 38.70 -19.18
CA GLU G 244 -20.03 39.50 -18.21
C GLU G 244 -20.98 40.17 -17.22
N GLY G 245 -22.03 40.81 -17.74
CA GLY G 245 -23.01 41.45 -16.87
C GLY G 245 -23.74 40.44 -16.01
N PRO G 246 -24.04 39.27 -16.58
CA PRO G 246 -24.66 38.21 -15.79
C PRO G 246 -23.73 37.71 -14.70
N GLN G 247 -22.43 37.64 -14.99
CA GLN G 247 -21.47 37.25 -13.96
C GLN G 247 -21.41 38.27 -12.84
N TRP G 248 -21.44 39.56 -13.18
CA TRP G 248 -21.46 40.60 -12.16
C TRP G 248 -22.73 40.55 -11.33
N LYS G 249 -23.87 40.28 -11.98
CA LYS G 249 -25.13 40.17 -11.24
C LYS G 249 -25.10 38.98 -10.30
N GLN G 250 -24.54 37.85 -10.75
CA GLN G 250 -24.45 36.68 -9.89
C GLN G 250 -23.50 36.92 -8.72
N LYS G 251 -22.39 37.63 -8.97
CA LYS G 251 -21.47 37.96 -7.89
C LYS G 251 -22.14 38.88 -6.88
N ALA G 252 -22.91 39.86 -7.35
CA ALA G 252 -23.61 40.75 -6.43
C ALA G 252 -24.66 39.99 -5.62
N LEU G 253 -25.37 39.05 -6.27
CA LEU G 253 -26.34 38.25 -5.54
C LEU G 253 -25.68 37.38 -4.48
N ALA G 254 -24.54 36.77 -4.81
CA ALA G 254 -23.82 35.96 -3.83
C ALA G 254 -23.32 36.81 -2.68
N ALA G 255 -22.81 38.02 -2.97
CA ALA G 255 -22.38 38.91 -1.91
C ALA G 255 -23.53 39.32 -1.01
N ALA G 256 -24.69 39.61 -1.60
CA ALA G 256 -25.86 39.95 -0.81
C ALA G 256 -26.29 38.78 0.07
N PHE G 257 -26.22 37.56 -0.46
CA PHE G 257 -26.60 36.38 0.31
C PHE G 257 -25.65 36.16 1.48
N VAL G 258 -24.34 36.29 1.25
CA VAL G 258 -23.41 36.07 2.34
C VAL G 258 -23.51 37.19 3.37
N ILE G 259 -23.80 38.42 2.94
CA ILE G 259 -24.03 39.50 3.90
C ILE G 259 -25.28 39.21 4.72
N GLY G 260 -26.33 38.69 4.08
CA GLY G 260 -27.55 38.38 4.80
C GLY G 260 -27.36 37.28 5.83
N ILE G 261 -26.63 36.23 5.48
CA ILE G 261 -26.40 35.15 6.45
C ILE G 261 -25.47 35.62 7.56
N PHE G 262 -24.47 36.45 7.22
CA PHE G 262 -23.58 37.00 8.24
C PHE G 262 -24.33 37.95 9.17
N ALA G 263 -25.39 38.58 8.68
CA ALA G 263 -26.19 39.45 9.54
C ALA G 263 -27.15 38.66 10.42
N ILE G 264 -27.78 37.62 9.86
CA ILE G 264 -28.75 36.86 10.64
C ILE G 264 -28.06 35.97 11.67
N VAL G 265 -26.80 35.59 11.44
CA VAL G 265 -26.13 34.79 12.47
C VAL G 265 -25.77 35.67 13.66
N LEU G 266 -25.58 36.97 13.45
CA LEU G 266 -25.37 37.92 14.53
C LEU G 266 -26.68 38.44 15.13
N PHE G 267 -27.79 37.73 14.92
CA PHE G 267 -29.07 38.20 15.43
C PHE G 267 -29.12 38.35 16.94
N PRO G 268 -28.53 37.46 17.76
CA PRO G 268 -28.51 37.72 19.21
C PRO G 268 -27.87 39.04 19.61
N LEU G 269 -27.27 39.76 18.68
CA LEU G 269 -26.79 41.13 18.90
C LEU G 269 -27.79 42.15 18.39
N TRP G 270 -29.08 41.86 18.53
CA TRP G 270 -30.12 42.73 18.02
C TRP G 270 -30.03 44.11 18.66
N PRO G 271 -30.42 45.17 17.93
CA PRO G 271 -30.39 46.52 18.51
C PRO G 271 -31.62 46.82 19.35
N ILE G 272 -32.36 45.78 19.73
CA ILE G 272 -33.58 45.82 20.53
C ILE G 272 -34.74 46.51 19.81
N MET G 273 -34.61 46.81 18.52
CA MET G 273 -35.70 47.45 17.79
C MET G 273 -36.67 46.41 17.20
N LEU G 274 -36.14 45.35 16.61
CA LEU G 274 -36.96 44.33 15.95
C LEU G 274 -36.89 42.99 16.67
N ARG G 275 -36.46 42.97 17.93
CA ARG G 275 -36.39 41.70 18.65
C ARG G 275 -37.77 41.23 19.10
N GLN G 276 -38.62 42.15 19.56
CA GLN G 276 -39.94 41.77 20.04
C GLN G 276 -40.82 41.25 18.90
N GLY G 277 -40.73 41.89 17.72
CA GLY G 277 -41.50 41.41 16.58
C GLY G 277 -41.02 40.04 16.13
N VAL G 278 -39.71 39.80 16.16
CA VAL G 278 -39.20 38.48 15.80
C VAL G 278 -39.64 37.42 16.81
N TRP G 279 -39.67 37.78 18.09
CA TRP G 279 -40.15 36.85 19.11
C TRP G 279 -41.62 36.54 18.92
N TYR G 280 -42.42 37.56 18.60
CA TYR G 280 -43.84 37.33 18.34
C TYR G 280 -44.06 36.45 17.12
N LEU G 281 -43.27 36.68 16.06
CA LEU G 281 -43.39 35.84 14.87
C LEU G 281 -42.98 34.40 15.16
N SER G 282 -41.94 34.21 15.97
CA SER G 282 -41.54 32.86 16.34
C SER G 282 -42.61 32.18 17.19
N VAL G 283 -43.25 32.93 18.10
CA VAL G 283 -44.33 32.38 18.89
C VAL G 283 -45.51 31.99 18.02
N GLY G 284 -45.83 32.82 17.01
CA GLY G 284 -46.91 32.49 16.10
C GLY G 284 -46.59 31.25 15.28
N MET G 285 -45.34 31.12 14.82
CA MET G 285 -44.93 29.93 14.09
C MET G 285 -45.02 28.69 14.97
N LEU G 286 -44.60 28.81 16.24
CA LEU G 286 -44.69 27.68 17.15
C LEU G 286 -46.14 27.29 17.41
N GLY G 287 -47.03 28.29 17.53
CA GLY G 287 -48.44 28.00 17.73
C GLY G 287 -49.03 27.30 16.50
N LEU G 288 -48.64 27.75 15.30
CA LEU G 288 -49.11 27.10 14.09
C LEU G 288 -48.61 25.66 13.99
N LEU G 289 -47.36 25.43 14.37
CA LEU G 289 -46.83 24.06 14.36
C LEU G 289 -47.54 23.19 15.38
N GLY G 290 -47.86 23.75 16.55
CA GLY G 290 -48.59 22.98 17.55
C GLY G 290 -50.00 22.67 17.08
N LEU G 291 -50.64 23.61 16.39
CA LEU G 291 -51.97 23.35 15.85
C LEU G 291 -51.91 22.27 14.77
N PHE G 292 -50.87 22.29 13.93
CA PHE G 292 -50.73 21.25 12.91
C PHE G 292 -50.50 19.89 13.55
N PHE G 293 -49.68 19.83 14.60
CA PHE G 293 -49.44 18.57 15.30
C PHE G 293 -50.72 18.06 15.96
N ALA G 294 -51.50 18.95 16.56
CA ALA G 294 -52.76 18.54 17.17
C ALA G 294 -53.75 18.04 16.12
N LEU G 295 -53.80 18.70 14.96
CA LEU G 295 -54.66 18.25 13.89
C LEU G 295 -54.23 16.87 13.38
N ALA G 296 -52.92 16.65 13.28
CA ALA G 296 -52.42 15.35 12.85
C ALA G 296 -52.78 14.26 13.86
N ILE G 297 -52.62 14.55 15.16
CA ILE G 297 -52.98 13.58 16.19
C ILE G 297 -54.47 13.29 16.16
N VAL G 298 -55.30 14.31 15.96
CA VAL G 298 -56.74 14.10 15.89
C VAL G 298 -57.12 13.27 14.67
N ARG G 299 -56.48 13.53 13.52
CA ARG G 299 -56.74 12.74 12.32
C ARG G 299 -56.33 11.30 12.53
N LEU G 300 -55.19 11.07 13.19
CA LEU G 300 -54.75 9.70 13.46
C LEU G 300 -55.73 8.98 14.39
N ILE G 301 -56.18 9.67 15.44
CA ILE G 301 -57.14 9.06 16.36
C ILE G 301 -58.48 8.78 15.69
N LEU G 302 -58.87 9.63 14.74
CA LEU G 302 -60.13 9.41 14.02
C LEU G 302 -60.00 8.23 13.06
N PHE G 303 -58.90 8.16 12.32
CA PHE G 303 -58.68 7.04 11.40
C PHE G 303 -58.52 5.74 12.15
N CYS G 304 -58.01 5.79 13.38
CA CYS G 304 -57.89 4.57 14.19
C CYS G 304 -59.27 4.04 14.58
N VAL G 305 -60.22 4.94 14.80
CA VAL G 305 -61.58 4.54 15.15
C VAL G 305 -62.39 4.19 13.91
#